data_1RQT
#
_entry.id   1RQT
#
_entity_poly.entity_id   1
_entity_poly.type   'polypeptide(L)'
_entity_poly.pdbx_seq_one_letter_code
;SITKDQIIEAVAAMSVMDVVELISAMEEKFGVSAAAA
;
_entity_poly.pdbx_strand_id   A,B
#
# COMPACT_ATOMS: atom_id res chain seq x y z
N SER A 1 5.10 16.69 5.05
CA SER A 1 4.49 16.41 3.75
C SER A 1 4.25 14.90 3.61
N ILE A 2 3.28 14.41 4.36
CA ILE A 2 2.93 13.01 4.32
C ILE A 2 1.64 12.82 3.53
N THR A 3 1.68 13.25 2.28
CA THR A 3 0.52 13.13 1.41
C THR A 3 0.44 11.73 0.81
N LYS A 4 -0.76 11.37 0.38
CA LYS A 4 -0.98 10.07 -0.21
C LYS A 4 -0.03 9.87 -1.39
N ASP A 5 0.09 10.92 -2.20
CA ASP A 5 0.95 10.87 -3.37
C ASP A 5 2.39 10.59 -2.93
N GLN A 6 2.80 11.29 -1.89
CA GLN A 6 4.16 11.15 -1.38
C GLN A 6 4.47 9.67 -1.12
N ILE A 7 3.43 8.93 -0.77
CA ILE A 7 3.57 7.52 -0.46
C ILE A 7 3.73 6.72 -1.75
N ILE A 8 3.03 7.18 -2.78
CA ILE A 8 3.09 6.52 -4.07
C ILE A 8 4.54 6.47 -4.55
N GLU A 9 5.20 7.61 -4.45
CA GLU A 9 6.58 7.71 -4.91
C GLU A 9 7.49 6.82 -4.06
N ALA A 10 6.97 6.44 -2.89
CA ALA A 10 7.73 5.59 -1.98
C ALA A 10 7.74 4.16 -2.50
N VAL A 11 6.58 3.73 -3.00
CA VAL A 11 6.45 2.39 -3.53
C VAL A 11 7.24 2.28 -4.83
N ALA A 12 7.37 3.42 -5.52
CA ALA A 12 8.09 3.46 -6.78
C ALA A 12 9.57 3.71 -6.52
N ALA A 13 9.94 3.61 -5.25
CA ALA A 13 11.31 3.85 -4.84
C ALA A 13 12.02 2.51 -4.61
N MET A 14 11.21 1.53 -4.19
CA MET A 14 11.75 0.20 -3.92
C MET A 14 11.41 -0.76 -5.05
N SER A 15 11.99 -1.95 -4.97
CA SER A 15 11.78 -2.97 -5.98
C SER A 15 10.40 -3.62 -5.78
N VAL A 16 9.95 -4.28 -6.83
CA VAL A 16 8.64 -4.92 -6.80
C VAL A 16 8.58 -5.89 -5.64
N MET A 17 9.64 -6.68 -5.50
CA MET A 17 9.71 -7.68 -4.47
C MET A 17 9.53 -7.05 -3.08
N ASP A 18 10.22 -5.94 -2.88
CA ASP A 18 10.16 -5.25 -1.60
C ASP A 18 8.71 -4.78 -1.35
N VAL A 19 8.00 -4.57 -2.44
CA VAL A 19 6.64 -4.07 -2.36
C VAL A 19 5.69 -5.23 -2.08
N VAL A 20 6.09 -6.41 -2.54
CA VAL A 20 5.29 -7.60 -2.33
C VAL A 20 5.26 -7.94 -0.84
N GLU A 21 6.39 -7.76 -0.19
CA GLU A 21 6.51 -8.01 1.24
C GLU A 21 5.65 -6.99 2.01
N LEU A 22 5.81 -5.73 1.64
CA LEU A 22 5.03 -4.67 2.27
C LEU A 22 3.54 -5.01 2.18
N ILE A 23 3.07 -5.13 0.95
CA ILE A 23 1.66 -5.38 0.72
C ILE A 23 1.24 -6.66 1.46
N SER A 24 2.14 -7.63 1.45
CA SER A 24 1.87 -8.91 2.08
C SER A 24 1.60 -8.71 3.58
N ALA A 25 2.41 -7.84 4.17
CA ALA A 25 2.28 -7.57 5.59
C ALA A 25 0.87 -7.03 5.88
N MET A 26 0.53 -5.97 5.16
CA MET A 26 -0.79 -5.36 5.32
C MET A 26 -1.89 -6.38 5.12
N GLU A 27 -1.73 -7.20 4.09
CA GLU A 27 -2.71 -8.22 3.77
C GLU A 27 -3.07 -9.02 5.02
N GLU A 28 -2.04 -9.46 5.72
CA GLU A 28 -2.23 -10.28 6.91
C GLU A 28 -2.68 -9.41 8.08
N LYS A 29 -1.96 -8.31 8.28
CA LYS A 29 -2.25 -7.41 9.38
C LYS A 29 -3.73 -7.03 9.34
N PHE A 30 -4.09 -6.28 8.31
CA PHE A 30 -5.45 -5.81 8.16
C PHE A 30 -6.38 -6.95 7.71
N GLY A 31 -5.78 -8.11 7.51
CA GLY A 31 -6.54 -9.29 7.11
C GLY A 31 -7.54 -8.94 6.02
N VAL A 32 -7.04 -8.30 4.98
CA VAL A 32 -7.87 -7.96 3.84
C VAL A 32 -7.22 -8.50 2.56
N SER A 33 -7.20 -9.83 2.46
CA SER A 33 -6.62 -10.49 1.31
C SER A 33 -7.71 -11.28 0.56
N ALA A 34 -8.59 -10.53 -0.09
CA ALA A 34 -9.68 -11.15 -0.83
C ALA A 34 -9.89 -10.40 -2.14
N ALA A 35 -8.90 -10.48 -3.01
CA ALA A 35 -8.97 -9.83 -4.30
C ALA A 35 -7.88 -10.38 -5.22
N ALA A 36 -8.10 -11.59 -5.69
CA ALA A 36 -7.15 -12.25 -6.58
C ALA A 36 -5.77 -12.24 -5.92
N ALA A 37 -5.70 -12.84 -4.75
CA ALA A 37 -4.45 -12.91 -4.00
C ALA A 37 -3.40 -13.63 -4.86
N SER B 1 14.35 5.57 10.59
CA SER B 1 13.83 4.22 10.63
C SER B 1 12.70 4.05 9.59
N ILE B 2 13.11 3.99 8.34
CA ILE B 2 12.15 3.86 7.26
C ILE B 2 12.05 2.40 6.83
N THR B 3 11.67 1.56 7.78
CA THR B 3 11.54 0.14 7.52
C THR B 3 10.13 -0.18 7.00
N LYS B 4 10.03 -1.31 6.32
CA LYS B 4 8.76 -1.73 5.75
C LYS B 4 7.70 -1.77 6.85
N ASP B 5 8.08 -2.37 7.98
CA ASP B 5 7.16 -2.52 9.09
C ASP B 5 6.70 -1.13 9.54
N GLN B 6 7.65 -0.21 9.61
CA GLN B 6 7.34 1.13 10.07
C GLN B 6 6.25 1.76 9.21
N ILE B 7 6.19 1.29 7.97
CA ILE B 7 5.20 1.81 7.02
C ILE B 7 3.85 1.13 7.28
N ILE B 8 3.93 -0.09 7.78
CA ILE B 8 2.72 -0.85 8.06
C ILE B 8 1.87 -0.10 9.08
N GLU B 9 2.52 0.33 10.15
CA GLU B 9 1.83 1.05 11.20
C GLU B 9 1.34 2.40 10.70
N ALA B 10 1.93 2.83 9.58
CA ALA B 10 1.58 4.11 9.00
C ALA B 10 0.23 4.00 8.29
N VAL B 11 -0.01 2.84 7.70
CA VAL B 11 -1.24 2.59 6.99
C VAL B 11 -2.35 2.27 8.00
N ALA B 12 -1.92 1.93 9.20
CA ALA B 12 -2.87 1.60 10.26
C ALA B 12 -3.03 2.82 11.17
N ALA B 13 -2.43 3.92 10.75
CA ALA B 13 -2.49 5.15 11.52
C ALA B 13 -3.51 6.11 10.89
N MET B 14 -3.70 5.94 9.59
CA MET B 14 -4.63 6.78 8.86
C MET B 14 -6.03 6.16 8.84
N SER B 15 -6.98 6.96 8.38
CA SER B 15 -8.37 6.51 8.33
C SER B 15 -8.58 5.56 7.15
N VAL B 16 -9.66 4.80 7.23
CA VAL B 16 -9.97 3.83 6.20
C VAL B 16 -10.11 4.54 4.86
N MET B 17 -10.82 5.66 4.89
CA MET B 17 -11.05 6.43 3.69
C MET B 17 -9.72 6.89 3.07
N ASP B 18 -8.86 7.42 3.93
CA ASP B 18 -7.57 7.90 3.47
C ASP B 18 -6.79 6.76 2.82
N VAL B 19 -7.04 5.55 3.33
CA VAL B 19 -6.34 4.38 2.83
C VAL B 19 -6.96 3.94 1.51
N VAL B 20 -8.27 4.14 1.41
CA VAL B 20 -8.98 3.80 0.19
C VAL B 20 -8.44 4.62 -0.97
N GLU B 21 -8.30 5.91 -0.73
CA GLU B 21 -7.78 6.81 -1.73
C GLU B 21 -6.36 6.41 -2.13
N LEU B 22 -5.56 6.11 -1.12
CA LEU B 22 -4.19 5.70 -1.35
C LEU B 22 -4.16 4.49 -2.28
N ILE B 23 -4.73 3.39 -1.80
CA ILE B 23 -4.75 2.16 -2.56
C ILE B 23 -5.22 2.46 -3.99
N SER B 24 -6.27 3.26 -4.07
CA SER B 24 -6.86 3.59 -5.36
C SER B 24 -5.84 4.34 -6.23
N ALA B 25 -5.05 5.19 -5.56
CA ALA B 25 -4.04 5.96 -6.26
C ALA B 25 -3.08 5.02 -6.96
N MET B 26 -2.32 4.27 -6.17
CA MET B 26 -1.36 3.33 -6.70
C MET B 26 -1.99 2.44 -7.77
N GLU B 27 -3.22 2.04 -7.50
CA GLU B 27 -3.94 1.17 -8.42
C GLU B 27 -3.89 1.75 -9.84
N GLU B 28 -4.13 3.05 -9.93
CA GLU B 28 -4.15 3.72 -11.22
C GLU B 28 -2.73 4.02 -11.68
N LYS B 29 -1.95 4.59 -10.77
CA LYS B 29 -0.58 4.96 -11.08
C LYS B 29 0.15 3.75 -11.69
N PHE B 30 0.33 2.74 -10.86
CA PHE B 30 1.04 1.54 -11.30
C PHE B 30 0.16 0.69 -12.21
N GLY B 31 -1.08 1.14 -12.36
CA GLY B 31 -2.03 0.43 -13.21
C GLY B 31 -1.97 -1.08 -12.96
N VAL B 32 -2.06 -1.44 -11.68
CA VAL B 32 -2.03 -2.84 -11.30
C VAL B 32 -3.46 -3.38 -11.23
N SER B 33 -4.21 -3.12 -12.29
CA SER B 33 -5.59 -3.54 -12.35
C SER B 33 -5.71 -4.79 -13.24
N ALA B 34 -5.86 -5.93 -12.59
CA ALA B 34 -6.00 -7.19 -13.31
C ALA B 34 -7.36 -7.80 -12.99
N ALA B 35 -8.40 -7.09 -13.40
CA ALA B 35 -9.76 -7.54 -13.16
C ALA B 35 -9.92 -7.88 -11.68
N ALA B 36 -10.14 -6.83 -10.89
CA ALA B 36 -10.34 -7.01 -9.46
C ALA B 36 -9.11 -7.66 -8.85
N ALA B 37 -8.03 -6.90 -8.82
CA ALA B 37 -6.78 -7.39 -8.25
C ALA B 37 -6.05 -6.24 -7.55
N SER A 1 6.00 16.97 4.73
CA SER A 1 5.19 16.73 3.56
C SER A 1 4.98 15.23 3.35
N ILE A 2 4.17 14.65 4.22
CA ILE A 2 3.87 13.24 4.14
C ILE A 2 2.50 13.04 3.51
N THR A 3 2.36 13.55 2.30
CA THR A 3 1.09 13.44 1.58
C THR A 3 0.95 12.05 0.95
N LYS A 4 -0.28 11.68 0.66
CA LYS A 4 -0.55 10.39 0.05
C LYS A 4 0.26 10.26 -1.24
N ASP A 5 0.26 11.33 -2.01
CA ASP A 5 0.97 11.35 -3.29
C ASP A 5 2.45 11.06 -3.04
N GLN A 6 3.00 11.77 -2.05
CA GLN A 6 4.41 11.63 -1.74
C GLN A 6 4.75 10.17 -1.45
N ILE A 7 3.75 9.43 -1.01
CA ILE A 7 3.94 8.03 -0.68
C ILE A 7 3.95 7.20 -1.96
N ILE A 8 3.19 7.66 -2.93
CA ILE A 8 3.11 6.97 -4.21
C ILE A 8 4.50 6.86 -4.82
N GLU A 9 5.18 8.00 -4.86
CA GLU A 9 6.52 8.06 -5.43
C GLU A 9 7.48 7.22 -4.59
N ALA A 10 7.05 6.91 -3.37
CA ALA A 10 7.86 6.13 -2.45
C ALA A 10 7.83 4.66 -2.87
N VAL A 11 6.63 4.21 -3.21
CA VAL A 11 6.45 2.81 -3.60
C VAL A 11 7.06 2.60 -4.99
N ALA A 12 7.24 3.70 -5.69
CA ALA A 12 7.84 3.65 -7.03
C ALA A 12 9.34 3.87 -6.90
N ALA A 13 9.83 3.82 -5.68
CA ALA A 13 11.25 4.01 -5.41
C ALA A 13 11.88 2.68 -5.04
N MET A 14 11.08 1.82 -4.45
CA MET A 14 11.55 0.51 -4.03
C MET A 14 11.34 -0.54 -5.12
N SER A 15 11.87 -1.72 -4.88
CA SER A 15 11.73 -2.82 -5.83
C SER A 15 10.31 -3.39 -5.76
N VAL A 16 9.98 -4.20 -6.76
CA VAL A 16 8.67 -4.81 -6.81
C VAL A 16 8.51 -5.78 -5.64
N MET A 17 9.54 -6.57 -5.41
CA MET A 17 9.53 -7.54 -4.33
C MET A 17 9.30 -6.85 -2.98
N ASP A 18 10.04 -5.78 -2.77
CA ASP A 18 9.95 -5.04 -1.52
C ASP A 18 8.50 -4.58 -1.32
N VAL A 19 7.87 -4.21 -2.41
CA VAL A 19 6.51 -3.70 -2.36
C VAL A 19 5.55 -4.86 -2.15
N VAL A 20 5.92 -6.01 -2.70
CA VAL A 20 5.10 -7.21 -2.56
C VAL A 20 5.01 -7.58 -1.07
N GLU A 21 6.15 -7.55 -0.41
CA GLU A 21 6.22 -7.85 1.01
C GLU A 21 5.27 -6.92 1.78
N LEU A 22 5.34 -5.64 1.42
CA LEU A 22 4.49 -4.65 2.05
C LEU A 22 3.02 -5.07 1.91
N ILE A 23 2.55 -5.04 0.67
CA ILE A 23 1.17 -5.37 0.40
C ILE A 23 0.79 -6.67 1.12
N SER A 24 1.74 -7.60 1.13
CA SER A 24 1.50 -8.89 1.75
C SER A 24 1.35 -8.73 3.26
N ALA A 25 2.17 -7.86 3.82
CA ALA A 25 2.16 -7.64 5.26
C ALA A 25 0.75 -7.19 5.69
N MET A 26 0.35 -6.03 5.17
CA MET A 26 -0.95 -5.48 5.50
C MET A 26 -2.05 -6.52 5.32
N GLU A 27 -1.95 -7.25 4.22
CA GLU A 27 -2.95 -8.27 3.90
C GLU A 27 -3.18 -9.17 5.12
N GLU A 28 -2.08 -9.62 5.70
CA GLU A 28 -2.15 -10.54 6.82
C GLU A 28 -2.47 -9.77 8.11
N LYS A 29 -1.70 -8.72 8.34
CA LYS A 29 -1.86 -7.93 9.55
C LYS A 29 -3.34 -7.56 9.71
N PHE A 30 -3.82 -6.76 8.76
CA PHE A 30 -5.20 -6.30 8.80
C PHE A 30 -6.17 -7.42 8.43
N GLY A 31 -5.59 -8.55 8.03
CA GLY A 31 -6.38 -9.69 7.63
C GLY A 31 -7.46 -9.30 6.62
N VAL A 32 -7.00 -8.74 5.51
CA VAL A 32 -7.91 -8.33 4.45
C VAL A 32 -7.33 -8.76 3.10
N SER A 33 -7.42 -10.06 2.84
CA SER A 33 -6.89 -10.60 1.60
C SER A 33 -8.02 -11.31 0.84
N ALA A 34 -8.94 -10.52 0.32
CA ALA A 34 -10.06 -11.05 -0.44
C ALA A 34 -10.96 -9.90 -0.88
N ALA A 35 -10.73 -9.43 -2.09
CA ALA A 35 -11.51 -8.34 -2.64
C ALA A 35 -11.28 -8.25 -4.16
N ALA A 36 -11.90 -9.18 -4.86
CA ALA A 36 -11.79 -9.21 -6.31
C ALA A 36 -11.90 -7.80 -6.86
N ALA A 37 -10.95 -7.46 -7.72
CA ALA A 37 -10.92 -6.13 -8.33
C ALA A 37 -10.83 -5.08 -7.22
N SER B 1 14.26 5.97 8.45
CA SER B 1 13.74 4.65 8.75
C SER B 1 12.40 4.43 8.05
N ILE B 2 12.47 4.24 6.74
CA ILE B 2 11.29 4.02 5.95
C ILE B 2 11.14 2.52 5.65
N THR B 3 11.06 1.75 6.71
CA THR B 3 10.93 0.30 6.58
C THR B 3 9.48 -0.08 6.27
N LYS B 4 9.33 -1.27 5.70
CA LYS B 4 8.01 -1.76 5.35
C LYS B 4 7.12 -1.76 6.60
N ASP B 5 7.72 -2.20 7.71
CA ASP B 5 6.98 -2.31 8.96
C ASP B 5 6.47 -0.92 9.36
N GLN B 6 7.33 0.06 9.17
CA GLN B 6 6.99 1.43 9.54
C GLN B 6 5.74 1.89 8.81
N ILE B 7 5.52 1.29 7.64
CA ILE B 7 4.37 1.64 6.83
C ILE B 7 3.12 0.93 7.38
N ILE B 8 3.35 -0.24 7.93
CA ILE B 8 2.25 -1.03 8.50
C ILE B 8 1.56 -0.22 9.59
N GLU B 9 2.37 0.33 10.50
CA GLU B 9 1.86 1.10 11.61
C GLU B 9 1.27 2.42 11.11
N ALA B 10 1.63 2.76 9.88
CA ALA B 10 1.17 4.01 9.29
C ALA B 10 -0.29 3.85 8.83
N VAL B 11 -0.54 2.73 8.18
CA VAL B 11 -1.88 2.47 7.65
C VAL B 11 -2.81 2.12 8.81
N ALA B 12 -2.22 1.80 9.95
CA ALA B 12 -2.98 1.47 11.13
C ALA B 12 -3.26 2.75 11.93
N ALA B 13 -2.60 3.82 11.50
CA ALA B 13 -2.73 5.10 12.19
C ALA B 13 -3.66 6.00 11.37
N MET B 14 -3.68 5.77 10.07
CA MET B 14 -4.50 6.56 9.17
C MET B 14 -5.93 6.03 9.12
N SER B 15 -6.79 6.82 8.50
CA SER B 15 -8.19 6.44 8.38
C SER B 15 -8.37 5.45 7.23
N VAL B 16 -9.51 4.76 7.25
CA VAL B 16 -9.81 3.77 6.23
C VAL B 16 -9.86 4.46 4.86
N MET B 17 -10.56 5.59 4.84
CA MET B 17 -10.69 6.34 3.60
C MET B 17 -9.33 6.81 3.09
N ASP B 18 -8.54 7.37 4.01
CA ASP B 18 -7.23 7.88 3.66
C ASP B 18 -6.40 6.76 3.02
N VAL B 19 -6.66 5.54 3.48
CA VAL B 19 -5.93 4.38 2.99
C VAL B 19 -6.49 3.97 1.63
N VAL B 20 -7.81 3.99 1.54
CA VAL B 20 -8.47 3.62 0.29
C VAL B 20 -7.93 4.47 -0.85
N GLU B 21 -7.82 5.76 -0.58
CA GLU B 21 -7.31 6.69 -1.57
C GLU B 21 -5.90 6.30 -2.01
N LEU B 22 -5.06 6.08 -1.01
CA LEU B 22 -3.68 5.69 -1.26
C LEU B 22 -3.66 4.47 -2.17
N ILE B 23 -4.20 3.37 -1.65
CA ILE B 23 -4.22 2.12 -2.39
C ILE B 23 -4.73 2.38 -3.81
N SER B 24 -5.83 3.10 -3.89
CA SER B 24 -6.48 3.36 -5.16
C SER B 24 -5.49 4.06 -6.11
N ALA B 25 -4.71 4.96 -5.54
CA ALA B 25 -3.74 5.70 -6.33
C ALA B 25 -2.77 4.72 -6.99
N MET B 26 -2.09 3.96 -6.16
CA MET B 26 -1.12 2.99 -6.66
C MET B 26 -1.77 2.07 -7.70
N GLU B 27 -2.97 1.62 -7.38
CA GLU B 27 -3.69 0.70 -8.25
C GLU B 27 -3.70 1.24 -9.68
N GLU B 28 -4.00 2.52 -9.79
CA GLU B 28 -4.13 3.15 -11.10
C GLU B 28 -2.75 3.51 -11.63
N LYS B 29 -1.92 4.02 -10.75
CA LYS B 29 -0.57 4.46 -11.13
C LYS B 29 0.19 3.27 -11.73
N PHE B 30 0.44 2.28 -10.87
CA PHE B 30 1.16 1.10 -11.30
C PHE B 30 0.26 0.19 -12.14
N GLY B 31 -0.99 0.60 -12.29
CA GLY B 31 -1.94 -0.16 -13.07
C GLY B 31 -1.89 -1.64 -12.72
N VAL B 32 -2.04 -1.94 -11.44
CA VAL B 32 -2.02 -3.31 -10.97
C VAL B 32 -3.39 -3.68 -10.41
N SER B 33 -4.39 -3.60 -11.28
CA SER B 33 -5.76 -3.91 -10.89
C SER B 33 -6.55 -4.39 -12.11
N ALA B 34 -7.65 -5.07 -11.82
CA ALA B 34 -8.51 -5.59 -12.88
C ALA B 34 -7.73 -6.59 -13.73
N ALA B 35 -7.85 -7.85 -13.35
CA ALA B 35 -7.17 -8.91 -14.07
C ALA B 35 -7.70 -10.27 -13.61
N ALA B 36 -8.86 -10.61 -14.13
CA ALA B 36 -9.49 -11.89 -13.80
C ALA B 36 -8.42 -12.98 -13.77
N ALA B 37 -8.60 -13.92 -12.85
CA ALA B 37 -7.67 -15.02 -12.71
C ALA B 37 -7.65 -15.84 -14.00
N SER A 1 5.75 17.07 4.20
CA SER A 1 5.05 16.65 3.00
C SER A 1 4.70 15.16 3.11
N ILE A 2 3.75 14.87 3.98
CA ILE A 2 3.30 13.49 4.19
C ILE A 2 1.94 13.30 3.51
N THR A 3 1.94 13.50 2.19
CA THR A 3 0.72 13.36 1.43
C THR A 3 0.64 11.96 0.81
N LYS A 4 -0.59 11.57 0.46
CA LYS A 4 -0.81 10.26 -0.12
C LYS A 4 0.06 10.11 -1.38
N ASP A 5 0.04 11.15 -2.19
CA ASP A 5 0.79 11.14 -3.44
C ASP A 5 2.28 10.94 -3.13
N GLN A 6 2.74 11.67 -2.13
CA GLN A 6 4.15 11.62 -1.75
C GLN A 6 4.55 10.17 -1.42
N ILE A 7 3.56 9.40 -0.98
CA ILE A 7 3.81 8.03 -0.60
C ILE A 7 3.92 7.15 -1.86
N ILE A 8 3.17 7.54 -2.88
CA ILE A 8 3.20 6.83 -4.14
C ILE A 8 4.63 6.81 -4.67
N GLU A 9 5.24 7.98 -4.66
CA GLU A 9 6.61 8.12 -5.16
C GLU A 9 7.58 7.29 -4.31
N ALA A 10 7.10 6.91 -3.14
CA ALA A 10 7.91 6.11 -2.23
C ALA A 10 7.93 4.66 -2.70
N VAL A 11 6.75 4.18 -3.07
CA VAL A 11 6.62 2.82 -3.55
C VAL A 11 7.40 2.66 -4.86
N ALA A 12 7.52 3.77 -5.58
CA ALA A 12 8.20 3.76 -6.86
C ALA A 12 9.71 3.88 -6.62
N ALA A 13 10.08 3.84 -5.35
CA ALA A 13 11.48 3.95 -4.99
C ALA A 13 12.05 2.55 -4.74
N MET A 14 11.17 1.65 -4.32
CA MET A 14 11.57 0.30 -4.02
C MET A 14 11.19 -0.66 -5.15
N SER A 15 11.68 -1.89 -5.04
CA SER A 15 11.44 -2.89 -6.06
C SER A 15 10.04 -3.50 -5.87
N VAL A 16 9.59 -4.20 -6.88
CA VAL A 16 8.29 -4.84 -6.84
C VAL A 16 8.20 -5.77 -5.63
N MET A 17 9.28 -6.53 -5.44
CA MET A 17 9.35 -7.46 -4.33
C MET A 17 9.10 -6.75 -2.99
N ASP A 18 9.76 -5.61 -2.84
CA ASP A 18 9.62 -4.82 -1.63
C ASP A 18 8.14 -4.50 -1.40
N VAL A 19 7.44 -4.30 -2.50
CA VAL A 19 6.03 -3.95 -2.44
C VAL A 19 5.21 -5.19 -2.11
N VAL A 20 5.66 -6.32 -2.63
CA VAL A 20 4.97 -7.58 -2.40
C VAL A 20 4.96 -7.88 -0.90
N GLU A 21 6.14 -7.77 -0.30
CA GLU A 21 6.28 -8.03 1.12
C GLU A 21 5.38 -7.09 1.93
N LEU A 22 5.49 -5.81 1.61
CA LEU A 22 4.70 -4.81 2.30
C LEU A 22 3.21 -5.18 2.22
N ILE A 23 2.70 -5.20 1.00
CA ILE A 23 1.30 -5.52 0.79
C ILE A 23 0.93 -6.77 1.59
N SER A 24 1.75 -7.80 1.44
CA SER A 24 1.48 -9.07 2.08
C SER A 24 1.37 -8.87 3.60
N ALA A 25 2.21 -7.99 4.11
CA ALA A 25 2.22 -7.71 5.54
C ALA A 25 0.84 -7.21 5.96
N MET A 26 0.41 -6.14 5.31
CA MET A 26 -0.89 -5.56 5.62
C MET A 26 -2.00 -6.61 5.59
N GLU A 27 -1.95 -7.43 4.54
CA GLU A 27 -2.96 -8.46 4.37
C GLU A 27 -3.14 -9.25 5.66
N GLU A 28 -2.01 -9.61 6.26
CA GLU A 28 -2.03 -10.40 7.48
C GLU A 28 -2.34 -9.51 8.68
N LYS A 29 -1.67 -8.37 8.73
CA LYS A 29 -1.84 -7.45 9.83
C LYS A 29 -3.33 -7.10 10.00
N PHE A 30 -3.86 -6.42 8.99
CA PHE A 30 -5.25 -6.02 9.01
C PHE A 30 -6.18 -7.20 8.76
N GLY A 31 -5.56 -8.35 8.48
CA GLY A 31 -6.32 -9.56 8.23
C GLY A 31 -7.42 -9.33 7.19
N VAL A 32 -6.98 -8.95 6.00
CA VAL A 32 -7.92 -8.71 4.91
C VAL A 32 -7.49 -9.54 3.69
N SER A 33 -7.57 -10.85 3.85
CA SER A 33 -7.21 -11.76 2.78
C SER A 33 -8.45 -12.58 2.37
N ALA A 34 -9.01 -12.19 1.24
CA ALA A 34 -10.20 -12.88 0.72
C ALA A 34 -10.57 -12.28 -0.64
N ALA A 35 -10.08 -12.93 -1.69
CA ALA A 35 -10.35 -12.47 -3.04
C ALA A 35 -9.97 -13.58 -4.03
N ALA A 36 -10.97 -14.38 -4.38
CA ALA A 36 -10.77 -15.45 -5.34
C ALA A 36 -9.91 -14.94 -6.50
N ALA A 37 -9.18 -15.85 -7.11
CA ALA A 37 -8.30 -15.50 -8.21
C ALA A 37 -7.29 -14.47 -7.75
N SER B 1 15.43 4.83 9.96
CA SER B 1 14.74 3.56 10.12
C SER B 1 13.48 3.53 9.26
N ILE B 2 13.68 3.41 7.95
CA ILE B 2 12.58 3.39 7.02
C ILE B 2 12.28 1.95 6.62
N THR B 3 11.97 1.14 7.63
CA THR B 3 11.66 -0.27 7.40
C THR B 3 10.26 -0.41 6.80
N LYS B 4 10.02 -1.57 6.22
CA LYS B 4 8.72 -1.85 5.62
C LYS B 4 7.66 -1.90 6.71
N ASP B 5 8.05 -2.47 7.85
CA ASP B 5 7.14 -2.62 8.97
C ASP B 5 6.64 -1.24 9.39
N GLN B 6 7.58 -0.30 9.48
CA GLN B 6 7.25 1.05 9.89
C GLN B 6 6.13 1.62 9.02
N ILE B 7 6.08 1.14 7.78
CA ILE B 7 5.08 1.60 6.84
C ILE B 7 3.75 0.93 7.14
N ILE B 8 3.83 -0.30 7.64
CA ILE B 8 2.63 -1.05 7.96
C ILE B 8 1.82 -0.29 9.00
N GLU B 9 2.50 0.10 10.06
CA GLU B 9 1.83 0.80 11.15
C GLU B 9 1.35 2.18 10.68
N ALA B 10 1.90 2.61 9.55
CA ALA B 10 1.57 3.92 9.01
C ALA B 10 0.18 3.85 8.37
N VAL B 11 -0.08 2.74 7.69
CA VAL B 11 -1.36 2.54 7.05
C VAL B 11 -2.43 2.32 8.12
N ALA B 12 -1.99 1.85 9.28
CA ALA B 12 -2.89 1.61 10.38
C ALA B 12 -3.00 2.88 11.24
N ALA B 13 -2.43 3.95 10.71
CA ALA B 13 -2.46 5.23 11.41
C ALA B 13 -3.50 6.13 10.76
N MET B 14 -3.74 5.89 9.48
CA MET B 14 -4.70 6.68 8.72
C MET B 14 -6.07 6.02 8.73
N SER B 15 -7.06 6.78 8.25
CA SER B 15 -8.42 6.28 8.21
C SER B 15 -8.59 5.32 7.03
N VAL B 16 -9.65 4.52 7.12
CA VAL B 16 -9.93 3.54 6.08
C VAL B 16 -10.05 4.25 4.73
N MET B 17 -10.80 5.34 4.72
CA MET B 17 -10.99 6.11 3.51
C MET B 17 -9.66 6.60 2.94
N ASP B 18 -8.85 7.15 3.83
CA ASP B 18 -7.55 7.66 3.44
C ASP B 18 -6.74 6.56 2.76
N VAL B 19 -6.96 5.34 3.24
CA VAL B 19 -6.22 4.20 2.73
C VAL B 19 -6.82 3.75 1.39
N VAL B 20 -8.13 3.94 1.28
CA VAL B 20 -8.83 3.59 0.07
C VAL B 20 -8.32 4.46 -1.09
N GLU B 21 -8.12 5.73 -0.78
CA GLU B 21 -7.62 6.66 -1.77
C GLU B 21 -6.18 6.30 -2.18
N LEU B 22 -5.37 6.02 -1.16
CA LEU B 22 -3.99 5.64 -1.40
C LEU B 22 -3.94 4.45 -2.35
N ILE B 23 -4.52 3.35 -1.89
CA ILE B 23 -4.52 2.12 -2.68
C ILE B 23 -5.00 2.44 -4.10
N SER B 24 -6.10 3.17 -4.17
CA SER B 24 -6.70 3.50 -5.45
C SER B 24 -5.68 4.26 -6.32
N ALA B 25 -4.92 5.12 -5.65
CA ALA B 25 -3.93 5.94 -6.34
C ALA B 25 -2.92 5.01 -7.02
N MET B 26 -2.16 4.30 -6.20
CA MET B 26 -1.14 3.41 -6.70
C MET B 26 -1.71 2.48 -7.78
N GLU B 27 -2.92 2.01 -7.52
CA GLU B 27 -3.57 1.09 -8.45
C GLU B 27 -3.53 1.66 -9.87
N GLU B 28 -3.83 2.94 -9.98
CA GLU B 28 -3.86 3.59 -11.27
C GLU B 28 -2.44 4.00 -11.70
N LYS B 29 -1.74 4.62 -10.78
CA LYS B 29 -0.39 5.11 -11.06
C LYS B 29 0.43 3.96 -11.66
N PHE B 30 0.67 2.95 -10.84
CA PHE B 30 1.46 1.82 -11.26
C PHE B 30 0.69 0.92 -12.22
N GLY B 31 -0.59 1.25 -12.39
CA GLY B 31 -1.45 0.50 -13.28
C GLY B 31 -1.27 -1.02 -13.07
N VAL B 32 -1.45 -1.44 -11.83
CA VAL B 32 -1.28 -2.84 -11.49
C VAL B 32 -2.65 -3.50 -11.39
N SER B 33 -3.41 -3.37 -12.47
CA SER B 33 -4.75 -3.95 -12.51
C SER B 33 -5.06 -4.41 -13.94
N ALA B 34 -5.50 -5.66 -14.04
CA ALA B 34 -5.82 -6.24 -15.33
C ALA B 34 -4.63 -6.05 -16.28
N ALA B 35 -3.68 -6.98 -16.17
CA ALA B 35 -2.49 -6.91 -17.00
C ALA B 35 -1.69 -8.20 -16.82
N ALA B 36 -1.79 -9.07 -17.82
CA ALA B 36 -1.07 -10.34 -17.80
C ALA B 36 0.33 -10.10 -17.26
N ALA B 37 0.68 -10.87 -16.24
CA ALA B 37 1.99 -10.76 -15.62
C ALA B 37 2.15 -9.36 -15.01
N SER A 1 5.33 17.09 4.97
CA SER A 1 4.65 16.73 3.74
C SER A 1 4.33 15.24 3.74
N ILE A 2 3.37 14.87 4.58
CA ILE A 2 2.95 13.48 4.69
C ILE A 2 1.63 13.29 3.94
N THR A 3 1.66 13.59 2.65
CA THR A 3 0.48 13.46 1.82
C THR A 3 0.40 12.04 1.23
N LYS A 4 -0.81 11.67 0.83
CA LYS A 4 -1.04 10.36 0.26
C LYS A 4 -0.09 10.14 -0.92
N ASP A 5 -0.02 11.17 -1.77
CA ASP A 5 0.80 11.08 -2.96
C ASP A 5 2.25 10.82 -2.57
N GLN A 6 2.72 11.58 -1.59
CA GLN A 6 4.09 11.46 -1.13
C GLN A 6 4.41 10.00 -0.80
N ILE A 7 3.37 9.26 -0.43
CA ILE A 7 3.54 7.87 -0.04
C ILE A 7 3.57 7.01 -1.30
N ILE A 8 2.85 7.44 -2.32
CA ILE A 8 2.80 6.72 -3.58
C ILE A 8 4.20 6.64 -4.17
N GLU A 9 4.87 7.79 -4.17
CA GLU A 9 6.21 7.87 -4.71
C GLU A 9 7.18 7.00 -3.90
N ALA A 10 6.74 6.65 -2.70
CA ALA A 10 7.56 5.88 -1.80
C ALA A 10 7.56 4.41 -2.24
N VAL A 11 6.38 3.94 -2.61
CA VAL A 11 6.22 2.56 -3.05
C VAL A 11 6.90 2.39 -4.41
N ALA A 12 7.02 3.51 -5.12
CA ALA A 12 7.65 3.50 -6.43
C ALA A 12 9.14 3.78 -6.28
N ALA A 13 9.60 3.70 -5.04
CA ALA A 13 11.00 3.95 -4.74
C ALA A 13 11.68 2.64 -4.37
N MET A 14 10.87 1.70 -3.89
CA MET A 14 11.39 0.41 -3.44
C MET A 14 11.36 -0.60 -4.58
N SER A 15 12.00 -1.74 -4.33
CA SER A 15 12.07 -2.80 -5.32
C SER A 15 10.72 -3.55 -5.37
N VAL A 16 10.51 -4.23 -6.49
CA VAL A 16 9.28 -4.97 -6.69
C VAL A 16 9.09 -5.95 -5.53
N MET A 17 10.16 -6.62 -5.18
CA MET A 17 10.13 -7.58 -4.09
C MET A 17 9.73 -6.91 -2.77
N ASP A 18 10.38 -5.79 -2.49
CA ASP A 18 10.13 -5.06 -1.26
C ASP A 18 8.68 -4.60 -1.23
N VAL A 19 8.12 -4.42 -2.42
CA VAL A 19 6.76 -3.95 -2.55
C VAL A 19 5.80 -5.12 -2.32
N VAL A 20 6.13 -6.25 -2.94
CA VAL A 20 5.32 -7.44 -2.80
C VAL A 20 5.14 -7.78 -1.32
N GLU A 21 6.22 -7.59 -0.57
CA GLU A 21 6.19 -7.86 0.86
C GLU A 21 5.31 -6.83 1.57
N LEU A 22 5.49 -5.57 1.20
CA LEU A 22 4.71 -4.50 1.78
C LEU A 22 3.23 -4.82 1.64
N ILE A 23 2.78 -4.90 0.39
CA ILE A 23 1.38 -5.16 0.12
C ILE A 23 0.94 -6.40 0.89
N SER A 24 1.80 -7.41 0.88
CA SER A 24 1.49 -8.67 1.53
C SER A 24 1.22 -8.45 3.01
N ALA A 25 2.01 -7.55 3.59
CA ALA A 25 1.88 -7.25 5.01
C ALA A 25 0.48 -6.68 5.28
N MET A 26 0.24 -5.51 4.72
CA MET A 26 -1.03 -4.83 4.92
C MET A 26 -2.20 -5.78 4.68
N GLU A 27 -2.05 -6.61 3.66
CA GLU A 27 -3.09 -7.56 3.31
C GLU A 27 -3.51 -8.38 4.54
N GLU A 28 -2.50 -8.89 5.24
CA GLU A 28 -2.75 -9.71 6.40
C GLU A 28 -3.06 -8.84 7.62
N LYS A 29 -2.25 -7.81 7.79
CA LYS A 29 -2.40 -6.91 8.92
C LYS A 29 -3.87 -6.47 9.01
N PHE A 30 -4.28 -5.69 8.03
CA PHE A 30 -5.64 -5.18 8.00
C PHE A 30 -6.63 -6.28 7.59
N GLY A 31 -6.06 -7.43 7.23
CA GLY A 31 -6.88 -8.56 6.84
C GLY A 31 -7.95 -8.15 5.83
N VAL A 32 -7.49 -7.58 4.73
CA VAL A 32 -8.39 -7.17 3.66
C VAL A 32 -7.96 -7.84 2.36
N SER A 33 -8.07 -9.15 2.32
CA SER A 33 -7.72 -9.91 1.14
C SER A 33 -8.98 -10.44 0.45
N ALA A 34 -8.92 -10.47 -0.87
CA ALA A 34 -10.04 -10.96 -1.65
C ALA A 34 -11.19 -9.95 -1.58
N ALA A 35 -11.29 -9.13 -2.62
CA ALA A 35 -12.32 -8.12 -2.69
C ALA A 35 -12.52 -7.69 -4.14
N ALA A 36 -13.35 -8.46 -4.84
CA ALA A 36 -13.65 -8.16 -6.22
C ALA A 36 -13.92 -6.66 -6.37
N ALA A 37 -13.80 -6.19 -7.61
CA ALA A 37 -14.02 -4.79 -7.90
C ALA A 37 -13.01 -3.94 -7.12
N SER B 1 15.13 4.93 9.33
CA SER B 1 14.42 3.69 9.56
C SER B 1 13.20 3.60 8.64
N ILE B 2 13.47 3.36 7.37
CA ILE B 2 12.41 3.24 6.38
C ILE B 2 12.17 1.76 6.07
N THR B 3 11.82 1.02 7.12
CA THR B 3 11.55 -0.40 6.97
C THR B 3 10.11 -0.63 6.48
N LYS B 4 9.91 -1.80 5.89
CA LYS B 4 8.59 -2.15 5.38
C LYS B 4 7.56 -1.99 6.49
N ASP B 5 7.90 -2.54 7.66
CA ASP B 5 6.99 -2.51 8.79
C ASP B 5 6.62 -1.06 9.11
N GLN B 6 7.64 -0.20 9.11
CA GLN B 6 7.45 1.19 9.47
C GLN B 6 6.30 1.79 8.65
N ILE B 7 6.10 1.23 7.46
CA ILE B 7 5.06 1.72 6.58
C ILE B 7 3.73 1.07 6.96
N ILE B 8 3.82 -0.16 7.45
CA ILE B 8 2.63 -0.90 7.84
C ILE B 8 1.91 -0.13 8.95
N GLU B 9 2.69 0.35 9.91
CA GLU B 9 2.13 1.09 11.03
C GLU B 9 1.74 2.50 10.61
N ALA B 10 2.28 2.91 9.46
CA ALA B 10 2.00 4.24 8.95
C ALA B 10 0.60 4.28 8.34
N VAL B 11 0.26 3.18 7.68
CA VAL B 11 -1.05 3.08 7.04
C VAL B 11 -2.11 2.81 8.10
N ALA B 12 -1.66 2.25 9.22
CA ALA B 12 -2.57 1.95 10.32
C ALA B 12 -2.64 3.16 11.25
N ALA B 13 -2.18 4.29 10.75
CA ALA B 13 -2.19 5.52 11.52
C ALA B 13 -3.30 6.44 11.01
N MET B 14 -3.66 6.23 9.76
CA MET B 14 -4.68 7.05 9.13
C MET B 14 -6.03 6.31 9.09
N SER B 15 -7.05 7.02 8.65
CA SER B 15 -8.38 6.46 8.58
C SER B 15 -8.52 5.55 7.37
N VAL B 16 -9.51 4.68 7.42
CA VAL B 16 -9.73 3.72 6.35
C VAL B 16 -9.85 4.48 5.02
N MET B 17 -10.62 5.57 5.06
CA MET B 17 -10.83 6.37 3.87
C MET B 17 -9.50 6.78 3.24
N ASP B 18 -8.58 7.22 4.10
CA ASP B 18 -7.29 7.70 3.64
C ASP B 18 -6.52 6.53 3.02
N VAL B 19 -6.87 5.33 3.46
CA VAL B 19 -6.20 4.14 2.98
C VAL B 19 -6.83 3.69 1.67
N VAL B 20 -8.11 3.99 1.53
CA VAL B 20 -8.84 3.64 0.33
C VAL B 20 -8.27 4.43 -0.86
N GLU B 21 -8.10 5.72 -0.64
CA GLU B 21 -7.56 6.59 -1.67
C GLU B 21 -6.12 6.20 -2.00
N LEU B 22 -5.35 5.94 -0.94
CA LEU B 22 -3.96 5.53 -1.11
C LEU B 22 -3.91 4.28 -1.99
N ILE B 23 -4.54 3.22 -1.49
CA ILE B 23 -4.50 1.94 -2.18
C ILE B 23 -5.03 2.12 -3.61
N SER B 24 -6.00 3.01 -3.74
CA SER B 24 -6.61 3.27 -5.03
C SER B 24 -5.58 3.87 -5.98
N ALA B 25 -4.79 4.80 -5.45
CA ALA B 25 -3.77 5.46 -6.25
C ALA B 25 -2.82 4.40 -6.83
N MET B 26 -2.18 3.67 -5.94
CA MET B 26 -1.23 2.65 -6.35
C MET B 26 -1.87 1.71 -7.38
N GLU B 27 -3.10 1.31 -7.10
CA GLU B 27 -3.81 0.41 -7.98
C GLU B 27 -3.74 0.89 -9.43
N GLU B 28 -3.98 2.19 -9.60
CA GLU B 28 -3.97 2.79 -10.92
C GLU B 28 -2.54 3.00 -11.39
N LYS B 29 -1.75 3.65 -10.54
CA LYS B 29 -0.38 3.97 -10.87
C LYS B 29 0.31 2.72 -11.40
N PHE B 30 0.50 1.76 -10.50
CA PHE B 30 1.19 0.53 -10.85
C PHE B 30 0.30 -0.38 -11.69
N GLY B 31 -0.94 0.06 -11.86
CA GLY B 31 -1.91 -0.71 -12.63
C GLY B 31 -1.89 -2.18 -12.23
N VAL B 32 -2.05 -2.41 -10.94
CA VAL B 32 -2.07 -3.76 -10.41
C VAL B 32 -3.50 -4.12 -9.99
N SER B 33 -4.41 -3.98 -10.93
CA SER B 33 -5.81 -4.26 -10.65
C SER B 33 -6.40 -5.14 -11.77
N ALA B 34 -6.14 -6.43 -11.67
CA ALA B 34 -6.63 -7.37 -12.66
C ALA B 34 -6.32 -8.80 -12.20
N ALA B 35 -7.08 -9.24 -11.19
CA ALA B 35 -6.89 -10.56 -10.64
C ALA B 35 -5.40 -10.81 -10.39
N ALA B 36 -4.88 -10.14 -9.38
CA ALA B 36 -3.48 -10.27 -9.02
C ALA B 36 -3.09 -11.76 -9.09
N ALA B 37 -1.88 -11.98 -9.58
CA ALA B 37 -1.36 -13.34 -9.71
C ALA B 37 -1.12 -13.92 -8.32
N SER A 1 5.65 15.70 5.51
CA SER A 1 4.91 15.59 4.25
C SER A 1 4.61 14.11 3.97
N ILE A 2 3.68 13.57 4.74
CA ILE A 2 3.29 12.18 4.57
C ILE A 2 1.95 12.14 3.81
N THR A 3 1.97 12.69 2.62
CA THR A 3 0.78 12.73 1.79
C THR A 3 0.59 11.37 1.09
N LYS A 4 -0.64 11.13 0.65
CA LYS A 4 -0.95 9.89 -0.04
C LYS A 4 -0.02 9.73 -1.25
N ASP A 5 0.11 10.81 -2.00
CA ASP A 5 0.92 10.79 -3.21
C ASP A 5 2.38 10.46 -2.83
N GLN A 6 2.81 11.06 -1.74
CA GLN A 6 4.19 10.90 -1.30
C GLN A 6 4.50 9.41 -1.08
N ILE A 7 3.44 8.65 -0.82
CA ILE A 7 3.58 7.22 -0.58
C ILE A 7 3.63 6.50 -1.92
N ILE A 8 2.90 7.04 -2.89
CA ILE A 8 2.84 6.47 -4.22
C ILE A 8 4.26 6.47 -4.82
N GLU A 9 4.88 7.64 -4.78
CA GLU A 9 6.20 7.80 -5.35
C GLU A 9 7.23 6.98 -4.55
N ALA A 10 6.84 6.65 -3.33
CA ALA A 10 7.71 5.88 -2.46
C ALA A 10 7.72 4.42 -2.93
N VAL A 11 6.55 3.95 -3.33
CA VAL A 11 6.42 2.59 -3.81
C VAL A 11 7.18 2.43 -5.13
N ALA A 12 7.27 3.54 -5.85
CA ALA A 12 7.98 3.54 -7.13
C ALA A 12 9.47 3.79 -6.87
N ALA A 13 9.83 3.82 -5.60
CA ALA A 13 11.21 4.05 -5.21
C ALA A 13 11.87 2.72 -4.86
N MET A 14 11.05 1.80 -4.37
CA MET A 14 11.54 0.49 -3.96
C MET A 14 11.27 -0.56 -5.04
N SER A 15 11.82 -1.74 -4.82
CA SER A 15 11.68 -2.83 -5.77
C SER A 15 10.29 -3.46 -5.62
N VAL A 16 9.93 -4.26 -6.63
CA VAL A 16 8.64 -4.93 -6.62
C VAL A 16 8.57 -5.87 -5.41
N MET A 17 9.64 -6.61 -5.22
CA MET A 17 9.71 -7.55 -4.10
C MET A 17 9.44 -6.84 -2.77
N ASP A 18 10.09 -5.70 -2.59
CA ASP A 18 9.94 -4.93 -1.37
C ASP A 18 8.47 -4.56 -1.18
N VAL A 19 7.80 -4.33 -2.31
CA VAL A 19 6.41 -3.90 -2.27
C VAL A 19 5.52 -5.12 -2.05
N VAL A 20 5.99 -6.25 -2.53
CA VAL A 20 5.25 -7.49 -2.38
C VAL A 20 5.15 -7.86 -0.90
N GLU A 21 6.28 -7.73 -0.21
CA GLU A 21 6.33 -8.02 1.21
C GLU A 21 5.40 -7.07 1.98
N LEU A 22 5.52 -5.79 1.65
CA LEU A 22 4.69 -4.78 2.28
C LEU A 22 3.21 -5.16 2.12
N ILE A 23 2.78 -5.19 0.87
CA ILE A 23 1.39 -5.49 0.57
C ILE A 23 0.97 -6.76 1.32
N SER A 24 1.89 -7.72 1.35
CA SER A 24 1.62 -9.00 1.98
C SER A 24 1.43 -8.80 3.48
N ALA A 25 2.25 -7.91 4.04
CA ALA A 25 2.20 -7.64 5.47
C ALA A 25 0.83 -7.08 5.82
N MET A 26 0.51 -5.93 5.26
CA MET A 26 -0.75 -5.28 5.52
C MET A 26 -1.92 -6.26 5.36
N GLU A 27 -1.82 -7.08 4.32
CA GLU A 27 -2.87 -8.04 4.03
C GLU A 27 -3.23 -8.84 5.28
N GLU A 28 -2.20 -9.39 5.90
CA GLU A 28 -2.39 -10.21 7.08
C GLU A 28 -2.65 -9.33 8.31
N LYS A 29 -1.79 -8.33 8.46
CA LYS A 29 -1.89 -7.44 9.61
C LYS A 29 -3.33 -6.96 9.77
N PHE A 30 -3.76 -6.16 8.80
CA PHE A 30 -5.10 -5.58 8.85
C PHE A 30 -6.16 -6.63 8.54
N GLY A 31 -5.70 -7.77 8.06
CA GLY A 31 -6.59 -8.87 7.73
C GLY A 31 -7.89 -8.35 7.10
N VAL A 32 -7.75 -7.26 6.34
CA VAL A 32 -8.90 -6.66 5.68
C VAL A 32 -8.54 -6.38 4.22
N SER A 33 -8.30 -7.44 3.48
CA SER A 33 -7.96 -7.33 2.07
C SER A 33 -8.53 -8.50 1.29
N ALA A 34 -8.82 -8.25 0.03
CA ALA A 34 -9.35 -9.29 -0.84
C ALA A 34 -9.48 -8.75 -2.26
N ALA A 35 -8.32 -8.56 -2.89
CA ALA A 35 -8.29 -8.02 -4.24
C ALA A 35 -6.95 -8.37 -4.89
N ALA A 36 -7.00 -9.27 -5.85
CA ALA A 36 -5.81 -9.67 -6.58
C ALA A 36 -4.96 -8.44 -6.88
N ALA A 37 -3.65 -8.64 -6.83
CA ALA A 37 -2.72 -7.55 -7.07
C ALA A 37 -1.31 -8.12 -7.27
N SER B 1 14.39 5.65 9.33
CA SER B 1 13.96 4.27 9.52
C SER B 1 12.62 4.04 8.80
N ILE B 2 12.71 3.96 7.48
CA ILE B 2 11.53 3.74 6.66
C ILE B 2 11.42 2.26 6.32
N THR B 3 11.36 1.44 7.36
CA THR B 3 11.24 0.01 7.18
C THR B 3 9.81 -0.37 6.79
N LYS B 4 9.69 -1.55 6.19
CA LYS B 4 8.39 -2.04 5.78
C LYS B 4 7.43 -2.04 6.96
N ASP B 5 7.93 -2.54 8.09
CA ASP B 5 7.14 -2.61 9.30
C ASP B 5 6.67 -1.21 9.68
N GLN B 6 7.60 -0.26 9.59
CA GLN B 6 7.30 1.11 9.95
C GLN B 6 6.15 1.65 9.10
N ILE B 7 6.01 1.06 7.92
CA ILE B 7 4.96 1.48 7.00
C ILE B 7 3.63 0.84 7.42
N ILE B 8 3.74 -0.31 8.04
CA ILE B 8 2.55 -1.01 8.52
C ILE B 8 1.82 -0.14 9.54
N GLU B 9 2.60 0.46 10.43
CA GLU B 9 2.05 1.32 11.47
C GLU B 9 1.64 2.67 10.88
N ALA B 10 2.13 2.92 9.68
CA ALA B 10 1.88 4.20 9.03
C ALA B 10 0.46 4.19 8.44
N VAL B 11 0.07 3.03 7.93
CA VAL B 11 -1.25 2.87 7.35
C VAL B 11 -2.29 2.77 8.48
N ALA B 12 -1.84 2.25 9.61
CA ALA B 12 -2.72 2.10 10.76
C ALA B 12 -2.81 3.43 11.49
N ALA B 13 -2.14 4.44 10.93
CA ALA B 13 -2.16 5.76 11.52
C ALA B 13 -3.22 6.61 10.83
N MET B 14 -3.50 6.26 9.59
CA MET B 14 -4.47 6.99 8.79
C MET B 14 -5.85 6.33 8.85
N SER B 15 -6.83 7.05 8.34
CA SER B 15 -8.20 6.55 8.32
C SER B 15 -8.37 5.55 7.18
N VAL B 16 -9.42 4.74 7.29
CA VAL B 16 -9.69 3.73 6.29
C VAL B 16 -9.83 4.40 4.92
N MET B 17 -10.56 5.50 4.90
CA MET B 17 -10.80 6.23 3.66
C MET B 17 -9.48 6.63 3.00
N ASP B 18 -8.59 7.19 3.81
CA ASP B 18 -7.30 7.64 3.32
C ASP B 18 -6.57 6.46 2.67
N VAL B 19 -6.82 5.28 3.21
CA VAL B 19 -6.15 4.08 2.74
C VAL B 19 -6.79 3.63 1.43
N VAL B 20 -8.12 3.74 1.38
CA VAL B 20 -8.85 3.39 0.18
C VAL B 20 -8.36 4.23 -1.00
N GLU B 21 -8.23 5.52 -0.74
CA GLU B 21 -7.78 6.46 -1.75
C GLU B 21 -6.34 6.12 -2.16
N LEU B 22 -5.51 5.87 -1.15
CA LEU B 22 -4.12 5.54 -1.39
C LEU B 22 -4.04 4.34 -2.35
N ILE B 23 -4.54 3.22 -1.87
CA ILE B 23 -4.51 1.99 -2.67
C ILE B 23 -4.99 2.30 -4.08
N SER B 24 -6.17 2.90 -4.15
CA SER B 24 -6.77 3.19 -5.44
C SER B 24 -5.82 4.03 -6.29
N ALA B 25 -5.10 4.91 -5.63
CA ALA B 25 -4.19 5.82 -6.31
C ALA B 25 -3.17 5.00 -7.11
N MET B 26 -2.38 4.21 -6.38
CA MET B 26 -1.34 3.42 -6.99
C MET B 26 -1.86 2.64 -8.19
N GLU B 27 -3.06 2.08 -8.02
CA GLU B 27 -3.68 1.29 -9.07
C GLU B 27 -3.65 2.05 -10.39
N GLU B 28 -3.97 3.33 -10.31
CA GLU B 28 -4.00 4.18 -11.50
C GLU B 28 -2.59 4.61 -11.87
N LYS B 29 -1.87 5.12 -10.88
CA LYS B 29 -0.52 5.61 -11.11
C LYS B 29 0.30 4.53 -11.83
N PHE B 30 0.48 3.41 -11.14
CA PHE B 30 1.26 2.32 -11.69
C PHE B 30 0.50 1.60 -12.80
N GLY B 31 -0.76 1.96 -12.93
CA GLY B 31 -1.60 1.38 -13.98
C GLY B 31 -1.37 -0.12 -14.10
N VAL B 32 -1.50 -0.79 -12.95
CA VAL B 32 -1.37 -2.24 -12.92
C VAL B 32 -2.68 -2.84 -12.38
N SER B 33 -3.73 -2.69 -13.16
CA SER B 33 -5.03 -3.21 -12.77
C SER B 33 -5.75 -3.81 -13.98
N ALA B 34 -5.14 -4.86 -14.54
CA ALA B 34 -5.70 -5.52 -15.70
C ALA B 34 -4.86 -6.76 -16.02
N ALA B 35 -4.79 -7.66 -15.06
CA ALA B 35 -4.03 -8.88 -15.24
C ALA B 35 -2.69 -8.55 -15.92
N ALA B 36 -1.71 -8.22 -15.11
CA ALA B 36 -0.39 -7.89 -15.62
C ALA B 36 -0.54 -6.94 -16.82
N ALA B 37 -0.55 -5.65 -16.50
CA ALA B 37 -0.69 -4.63 -17.54
C ALA B 37 0.69 -4.31 -18.12
N SER A 1 5.94 16.86 5.41
CA SER A 1 5.30 16.61 4.13
C SER A 1 5.02 15.12 3.97
N ILE A 2 4.05 14.64 4.73
CA ILE A 2 3.66 13.24 4.67
C ILE A 2 2.31 13.11 3.97
N THR A 3 2.27 13.55 2.72
CA THR A 3 1.06 13.49 1.93
C THR A 3 0.88 12.09 1.34
N LYS A 4 -0.36 11.79 0.98
CA LYS A 4 -0.68 10.50 0.38
C LYS A 4 0.19 10.29 -0.86
N ASP A 5 0.25 11.33 -1.68
CA ASP A 5 1.03 11.26 -2.91
C ASP A 5 2.49 10.94 -2.58
N GLN A 6 3.00 11.65 -1.58
CA GLN A 6 4.38 11.46 -1.16
C GLN A 6 4.67 9.99 -0.89
N ILE A 7 3.63 9.29 -0.49
CA ILE A 7 3.76 7.87 -0.16
C ILE A 7 3.74 7.04 -1.44
N ILE A 8 2.98 7.54 -2.41
CA ILE A 8 2.89 6.88 -3.70
C ILE A 8 4.29 6.81 -4.33
N GLU A 9 4.98 7.93 -4.25
CA GLU A 9 6.32 8.01 -4.82
C GLU A 9 7.30 7.17 -4.01
N ALA A 10 6.86 6.80 -2.82
CA ALA A 10 7.69 6.00 -1.92
C ALA A 10 7.69 4.55 -2.39
N VAL A 11 6.50 4.08 -2.78
CA VAL A 11 6.35 2.71 -3.25
C VAL A 11 6.98 2.59 -4.63
N ALA A 12 7.08 3.72 -5.31
CA ALA A 12 7.68 3.75 -6.63
C ALA A 12 9.18 3.99 -6.51
N ALA A 13 9.65 3.92 -5.27
CA ALA A 13 11.07 4.15 -5.00
C ALA A 13 11.75 2.81 -4.73
N MET A 14 10.96 1.88 -4.21
CA MET A 14 11.48 0.56 -3.85
C MET A 14 11.24 -0.45 -4.95
N SER A 15 11.86 -1.61 -4.80
CA SER A 15 11.74 -2.66 -5.80
C SER A 15 10.38 -3.35 -5.67
N VAL A 16 10.03 -4.10 -6.71
CA VAL A 16 8.75 -4.80 -6.73
C VAL A 16 8.64 -5.69 -5.49
N MET A 17 9.74 -6.39 -5.19
CA MET A 17 9.79 -7.28 -4.06
C MET A 17 9.33 -6.55 -2.78
N ASP A 18 9.86 -5.35 -2.61
CA ASP A 18 9.55 -4.56 -1.42
C ASP A 18 8.05 -4.28 -1.39
N VAL A 19 7.47 -4.15 -2.58
CA VAL A 19 6.07 -3.83 -2.69
C VAL A 19 5.23 -5.09 -2.44
N VAL A 20 5.81 -6.22 -2.77
CA VAL A 20 5.15 -7.50 -2.58
C VAL A 20 5.05 -7.80 -1.09
N GLU A 21 6.19 -7.67 -0.42
CA GLU A 21 6.25 -7.93 1.02
C GLU A 21 5.33 -6.95 1.76
N LEU A 22 5.44 -5.69 1.38
CA LEU A 22 4.63 -4.65 2.02
C LEU A 22 3.15 -5.01 1.88
N ILE A 23 2.70 -5.05 0.64
CA ILE A 23 1.29 -5.34 0.36
C ILE A 23 0.88 -6.61 1.10
N SER A 24 1.79 -7.57 1.11
CA SER A 24 1.51 -8.86 1.73
C SER A 24 1.26 -8.67 3.23
N ALA A 25 2.05 -7.80 3.82
CA ALA A 25 1.95 -7.53 5.25
C ALA A 25 0.55 -6.99 5.56
N MET A 26 0.24 -5.84 4.99
CA MET A 26 -1.03 -5.20 5.21
C MET A 26 -2.19 -6.18 4.96
N GLU A 27 -2.06 -6.94 3.88
CA GLU A 27 -3.09 -7.89 3.51
C GLU A 27 -3.46 -8.76 4.71
N GLU A 28 -2.44 -9.28 5.37
CA GLU A 28 -2.64 -10.18 6.50
C GLU A 28 -3.01 -9.37 7.74
N LYS A 29 -2.19 -8.38 8.03
CA LYS A 29 -2.40 -7.56 9.22
C LYS A 29 -3.85 -7.10 9.27
N PHE A 30 -4.22 -6.25 8.31
CA PHE A 30 -5.55 -5.70 8.26
C PHE A 30 -6.56 -6.74 7.80
N GLY A 31 -6.04 -7.88 7.38
CA GLY A 31 -6.89 -8.97 6.92
C GLY A 31 -7.96 -8.46 5.95
N VAL A 32 -7.55 -7.56 5.07
CA VAL A 32 -8.44 -7.02 4.06
C VAL A 32 -7.84 -7.24 2.68
N SER A 33 -7.76 -8.51 2.29
CA SER A 33 -7.20 -8.85 0.99
C SER A 33 -8.34 -9.16 0.00
N ALA A 34 -9.25 -8.20 -0.12
CA ALA A 34 -10.39 -8.37 -1.01
C ALA A 34 -11.29 -7.14 -0.90
N ALA A 35 -11.09 -6.20 -1.83
CA ALA A 35 -11.87 -4.98 -1.85
C ALA A 35 -11.63 -4.25 -3.16
N ALA A 36 -12.20 -4.78 -4.23
CA ALA A 36 -12.09 -4.17 -5.53
C ALA A 36 -12.26 -2.66 -5.40
N ALA A 37 -11.58 -1.94 -6.28
CA ALA A 37 -11.66 -0.49 -6.27
C ALA A 37 -11.94 0.01 -7.69
N SER B 1 15.04 5.56 8.78
CA SER B 1 14.38 4.31 9.13
C SER B 1 13.10 4.15 8.31
N ILE B 2 13.28 3.86 7.04
CA ILE B 2 12.15 3.68 6.14
C ILE B 2 11.99 2.19 5.82
N THR B 3 11.75 1.41 6.86
CA THR B 3 11.58 -0.02 6.70
C THR B 3 10.13 -0.34 6.30
N LYS B 4 9.96 -1.52 5.73
CA LYS B 4 8.64 -1.95 5.30
C LYS B 4 7.67 -1.87 6.47
N ASP B 5 8.13 -2.36 7.62
CA ASP B 5 7.29 -2.39 8.81
C ASP B 5 6.85 -0.96 9.15
N GLN B 6 7.81 -0.06 9.17
CA GLN B 6 7.54 1.33 9.52
C GLN B 6 6.40 1.87 8.66
N ILE B 7 6.25 1.28 7.49
CA ILE B 7 5.23 1.73 6.55
C ILE B 7 3.88 1.11 6.94
N ILE B 8 3.96 -0.10 7.47
CA ILE B 8 2.76 -0.81 7.89
C ILE B 8 2.05 0.02 8.96
N GLU B 9 2.83 0.52 9.91
CA GLU B 9 2.28 1.30 11.00
C GLU B 9 1.75 2.64 10.48
N ALA B 10 2.17 2.98 9.27
CA ALA B 10 1.79 4.23 8.67
C ALA B 10 0.33 4.15 8.19
N VAL B 11 0.01 3.01 7.60
CA VAL B 11 -1.34 2.79 7.09
C VAL B 11 -2.29 2.56 8.27
N ALA B 12 -1.71 2.17 9.40
CA ALA B 12 -2.48 1.93 10.60
C ALA B 12 -2.58 3.22 11.40
N ALA B 13 -2.20 4.31 10.76
CA ALA B 13 -2.24 5.62 11.39
C ALA B 13 -3.36 6.45 10.78
N MET B 14 -3.66 6.15 9.53
CA MET B 14 -4.70 6.88 8.80
C MET B 14 -6.02 6.12 8.83
N SER B 15 -7.06 6.79 8.37
CA SER B 15 -8.39 6.20 8.35
C SER B 15 -8.52 5.24 7.15
N VAL B 16 -9.57 4.43 7.20
CA VAL B 16 -9.80 3.45 6.15
C VAL B 16 -10.02 4.17 4.83
N MET B 17 -10.84 5.21 4.88
CA MET B 17 -11.15 5.99 3.69
C MET B 17 -9.88 6.62 3.10
N ASP B 18 -9.09 7.21 3.98
CA ASP B 18 -7.87 7.88 3.56
C ASP B 18 -6.92 6.84 2.94
N VAL B 19 -7.03 5.62 3.45
CA VAL B 19 -6.17 4.54 2.99
C VAL B 19 -6.68 4.02 1.64
N VAL B 20 -7.99 4.08 1.49
CA VAL B 20 -8.61 3.62 0.26
C VAL B 20 -8.08 4.45 -0.92
N GLU B 21 -8.05 5.76 -0.70
CA GLU B 21 -7.56 6.67 -1.73
C GLU B 21 -6.11 6.34 -2.09
N LEU B 22 -5.30 6.20 -1.05
CA LEU B 22 -3.90 5.85 -1.24
C LEU B 22 -3.81 4.58 -2.09
N ILE B 23 -4.29 3.49 -1.54
CA ILE B 23 -4.24 2.21 -2.21
C ILE B 23 -4.74 2.38 -3.65
N SER B 24 -5.84 3.09 -3.77
CA SER B 24 -6.47 3.29 -5.08
C SER B 24 -5.46 3.90 -6.06
N ALA B 25 -4.68 4.83 -5.54
CA ALA B 25 -3.68 5.50 -6.35
C ALA B 25 -2.72 4.46 -6.93
N MET B 26 -2.06 3.74 -6.03
CA MET B 26 -1.12 2.71 -6.45
C MET B 26 -1.75 1.76 -7.45
N GLU B 27 -2.98 1.36 -7.15
CA GLU B 27 -3.70 0.44 -8.01
C GLU B 27 -3.65 0.90 -9.47
N GLU B 28 -3.93 2.19 -9.64
CA GLU B 28 -3.96 2.76 -10.98
C GLU B 28 -2.54 2.99 -11.49
N LYS B 29 -1.73 3.63 -10.66
CA LYS B 29 -0.37 3.96 -11.05
C LYS B 29 0.34 2.69 -11.53
N PHE B 30 0.57 1.78 -10.59
CA PHE B 30 1.28 0.56 -10.90
C PHE B 30 0.39 -0.41 -11.67
N GLY B 31 -0.84 -0.01 -11.87
CA GLY B 31 -1.80 -0.81 -12.62
C GLY B 31 -1.75 -2.27 -12.17
N VAL B 32 -1.97 -2.46 -10.88
CA VAL B 32 -1.96 -3.80 -10.30
C VAL B 32 -3.39 -4.20 -9.95
N SER B 33 -4.27 -4.11 -10.93
CA SER B 33 -5.66 -4.46 -10.73
C SER B 33 -5.94 -5.85 -11.30
N ALA B 34 -6.19 -6.78 -10.39
CA ALA B 34 -6.45 -8.15 -10.78
C ALA B 34 -5.23 -8.72 -11.50
N ALA B 35 -4.21 -9.05 -10.71
CA ALA B 35 -2.98 -9.59 -11.25
C ALA B 35 -2.57 -8.79 -12.48
N ALA B 36 -1.89 -7.68 -12.21
CA ALA B 36 -1.43 -6.81 -13.28
C ALA B 36 -2.63 -6.31 -14.08
N ALA B 37 -2.34 -5.44 -15.04
CA ALA B 37 -3.38 -4.88 -15.89
C ALA B 37 -3.08 -5.21 -17.35
N SER A 1 5.01 16.76 6.09
CA SER A 1 4.38 16.58 4.79
C SER A 1 4.23 15.09 4.49
N ILE A 2 3.31 14.46 5.21
CA ILE A 2 3.06 13.04 5.01
C ILE A 2 1.78 12.87 4.19
N THR A 3 1.80 13.43 2.99
CA THR A 3 0.66 13.34 2.10
C THR A 3 0.54 11.94 1.51
N LYS A 4 -0.64 11.63 1.02
CA LYS A 4 -0.88 10.34 0.39
C LYS A 4 0.07 10.16 -0.79
N ASP A 5 0.28 11.26 -1.51
CA ASP A 5 1.11 11.23 -2.70
C ASP A 5 2.53 10.80 -2.32
N GLN A 6 3.04 11.43 -1.28
CA GLN A 6 4.39 11.15 -0.82
C GLN A 6 4.60 9.64 -0.67
N ILE A 7 3.52 8.95 -0.37
CA ILE A 7 3.58 7.52 -0.16
C ILE A 7 3.57 6.81 -1.51
N ILE A 8 2.83 7.39 -2.45
CA ILE A 8 2.74 6.83 -3.79
C ILE A 8 4.13 6.78 -4.42
N GLU A 9 4.83 7.90 -4.32
CA GLU A 9 6.15 8.01 -4.91
C GLU A 9 7.14 7.11 -4.15
N ALA A 10 6.72 6.68 -2.98
CA ALA A 10 7.56 5.83 -2.14
C ALA A 10 7.55 4.41 -2.71
N VAL A 11 6.39 3.99 -3.18
CA VAL A 11 6.22 2.66 -3.73
C VAL A 11 6.85 2.60 -5.13
N ALA A 12 6.92 3.77 -5.75
CA ALA A 12 7.51 3.88 -7.08
C ALA A 12 9.03 4.01 -6.95
N ALA A 13 9.49 3.98 -5.71
CA ALA A 13 10.91 4.11 -5.44
C ALA A 13 11.48 2.75 -5.05
N MET A 14 10.60 1.91 -4.53
CA MET A 14 11.01 0.59 -4.07
C MET A 14 10.79 -0.45 -5.17
N SER A 15 11.34 -1.64 -4.93
CA SER A 15 11.23 -2.72 -5.90
C SER A 15 9.88 -3.43 -5.74
N VAL A 16 9.53 -4.20 -6.76
CA VAL A 16 8.30 -4.95 -6.74
C VAL A 16 8.26 -5.85 -5.51
N MET A 17 9.39 -6.51 -5.27
CA MET A 17 9.50 -7.42 -4.14
C MET A 17 9.17 -6.70 -2.83
N ASP A 18 9.72 -5.51 -2.68
CA ASP A 18 9.52 -4.72 -1.48
C ASP A 18 8.02 -4.40 -1.33
N VAL A 19 7.34 -4.36 -2.46
CA VAL A 19 5.92 -4.05 -2.47
C VAL A 19 5.11 -5.32 -2.18
N VAL A 20 5.69 -6.44 -2.57
CA VAL A 20 5.06 -7.73 -2.33
C VAL A 20 5.07 -8.04 -0.83
N GLU A 21 6.22 -7.77 -0.22
CA GLU A 21 6.38 -8.00 1.20
C GLU A 21 5.44 -7.10 2.00
N LEU A 22 5.48 -5.81 1.66
CA LEU A 22 4.62 -4.84 2.30
C LEU A 22 3.16 -5.30 2.19
N ILE A 23 2.72 -5.43 0.96
CA ILE A 23 1.34 -5.81 0.68
C ILE A 23 1.01 -7.07 1.49
N SER A 24 1.97 -7.97 1.56
CA SER A 24 1.79 -9.22 2.25
C SER A 24 1.61 -8.99 3.76
N ALA A 25 2.38 -8.04 4.26
CA ALA A 25 2.30 -7.68 5.66
C ALA A 25 0.89 -7.17 5.99
N MET A 26 0.54 -6.08 5.34
CA MET A 26 -0.77 -5.47 5.57
C MET A 26 -1.88 -6.51 5.44
N GLU A 27 -1.73 -7.39 4.47
CA GLU A 27 -2.72 -8.42 4.22
C GLU A 27 -3.04 -9.17 5.52
N GLU A 28 -1.97 -9.65 6.16
CA GLU A 28 -2.13 -10.43 7.38
C GLU A 28 -2.47 -9.51 8.56
N LYS A 29 -1.71 -8.42 8.67
CA LYS A 29 -1.90 -7.48 9.75
C LYS A 29 -3.38 -7.08 9.82
N PHE A 30 -3.80 -6.35 8.80
CA PHE A 30 -5.17 -5.87 8.75
C PHE A 30 -6.14 -7.00 8.37
N GLY A 31 -5.56 -8.17 8.18
CA GLY A 31 -6.36 -9.34 7.83
C GLY A 31 -7.39 -8.99 6.75
N VAL A 32 -6.91 -8.38 5.68
CA VAL A 32 -7.78 -8.00 4.58
C VAL A 32 -7.33 -8.70 3.30
N SER A 33 -7.37 -10.02 3.35
CA SER A 33 -6.97 -10.83 2.21
C SER A 33 -8.12 -11.74 1.78
N ALA A 34 -9.23 -11.12 1.44
CA ALA A 34 -10.41 -11.86 1.01
C ALA A 34 -11.55 -10.88 0.71
N ALA A 35 -11.35 -10.10 -0.33
CA ALA A 35 -12.34 -9.11 -0.73
C ALA A 35 -12.01 -8.59 -2.12
N ALA A 36 -12.26 -9.43 -3.12
CA ALA A 36 -12.02 -9.06 -4.50
C ALA A 36 -12.49 -7.61 -4.72
N ALA A 37 -11.58 -6.79 -5.20
CA ALA A 37 -11.88 -5.39 -5.45
C ALA A 37 -10.77 -4.77 -6.29
N SER B 1 14.42 6.03 8.98
CA SER B 1 13.96 4.68 9.22
C SER B 1 12.67 4.41 8.42
N ILE B 2 12.85 4.25 7.12
CA ILE B 2 11.72 3.99 6.24
C ILE B 2 11.64 2.48 5.95
N THR B 3 11.53 1.71 7.03
CA THR B 3 11.43 0.27 6.89
C THR B 3 10.02 -0.13 6.47
N LYS B 4 9.92 -1.34 5.93
CA LYS B 4 8.64 -1.86 5.49
C LYS B 4 7.65 -1.83 6.67
N ASP B 5 8.13 -2.30 7.81
CA ASP B 5 7.29 -2.38 9.00
C ASP B 5 6.79 -0.97 9.35
N GLN B 6 7.72 -0.04 9.38
CA GLN B 6 7.40 1.33 9.73
C GLN B 6 6.20 1.82 8.91
N ILE B 7 6.11 1.30 7.69
CA ILE B 7 5.06 1.73 6.78
C ILE B 7 3.74 1.06 7.17
N ILE B 8 3.87 -0.15 7.71
CA ILE B 8 2.70 -0.90 8.13
C ILE B 8 1.91 -0.08 9.15
N GLU B 9 2.65 0.50 10.09
CA GLU B 9 2.04 1.29 11.14
C GLU B 9 1.53 2.62 10.59
N ALA B 10 1.95 2.91 9.37
CA ALA B 10 1.59 4.16 8.73
C ALA B 10 0.13 4.07 8.23
N VAL B 11 -0.19 2.92 7.67
CA VAL B 11 -1.53 2.69 7.14
C VAL B 11 -2.50 2.55 8.32
N ALA B 12 -1.97 2.03 9.43
CA ALA B 12 -2.78 1.84 10.61
C ALA B 12 -2.86 3.15 11.40
N ALA B 13 -2.26 4.18 10.83
CA ALA B 13 -2.26 5.48 11.46
C ALA B 13 -3.29 6.38 10.78
N MET B 14 -3.56 6.07 9.52
CA MET B 14 -4.51 6.85 8.74
C MET B 14 -5.88 6.19 8.72
N SER B 15 -6.86 6.93 8.24
CA SER B 15 -8.23 6.45 8.19
C SER B 15 -8.37 5.43 7.05
N VAL B 16 -9.40 4.61 7.17
CA VAL B 16 -9.67 3.58 6.17
C VAL B 16 -9.81 4.25 4.79
N MET B 17 -10.57 5.33 4.78
CA MET B 17 -10.82 6.05 3.54
C MET B 17 -9.51 6.51 2.90
N ASP B 18 -8.64 7.07 3.74
CA ASP B 18 -7.37 7.57 3.27
C ASP B 18 -6.58 6.44 2.61
N VAL B 19 -6.86 5.22 3.07
CA VAL B 19 -6.16 4.06 2.57
C VAL B 19 -6.78 3.62 1.24
N VAL B 20 -8.06 3.91 1.10
CA VAL B 20 -8.76 3.60 -0.13
C VAL B 20 -8.25 4.52 -1.24
N GLU B 21 -7.91 5.74 -0.86
CA GLU B 21 -7.40 6.72 -1.80
C GLU B 21 -5.98 6.34 -2.24
N LEU B 22 -5.16 6.03 -1.24
CA LEU B 22 -3.80 5.60 -1.50
C LEU B 22 -3.82 4.44 -2.50
N ILE B 23 -4.47 3.36 -2.10
CA ILE B 23 -4.56 2.18 -2.94
C ILE B 23 -5.01 2.57 -4.34
N SER B 24 -6.04 3.42 -4.39
CA SER B 24 -6.62 3.82 -5.65
C SER B 24 -5.56 4.52 -6.51
N ALA B 25 -4.72 5.30 -5.85
CA ALA B 25 -3.68 6.03 -6.55
C ALA B 25 -2.75 5.04 -7.26
N MET B 26 -2.12 4.19 -6.46
CA MET B 26 -1.22 3.19 -7.00
C MET B 26 -1.89 2.38 -8.11
N GLU B 27 -3.13 2.00 -7.85
CA GLU B 27 -3.89 1.22 -8.81
C GLU B 27 -3.83 1.88 -10.19
N GLU B 28 -3.99 3.20 -10.19
CA GLU B 28 -4.03 3.96 -11.44
C GLU B 28 -2.60 4.16 -11.96
N LYS B 29 -1.74 4.63 -11.08
CA LYS B 29 -0.37 4.93 -11.46
C LYS B 29 0.26 3.68 -12.07
N PHE B 30 0.41 2.66 -11.24
CA PHE B 30 1.05 1.43 -11.68
C PHE B 30 0.09 0.59 -12.53
N GLY B 31 -1.10 1.13 -12.73
CA GLY B 31 -2.10 0.46 -13.53
C GLY B 31 -2.20 -1.02 -13.17
N VAL B 32 -2.36 -1.27 -11.88
CA VAL B 32 -2.50 -2.63 -11.39
C VAL B 32 -3.89 -2.85 -10.83
N SER B 33 -4.88 -2.51 -11.64
CA SER B 33 -6.27 -2.63 -11.23
C SER B 33 -6.94 -3.81 -11.94
N ALA B 34 -7.59 -4.64 -11.15
CA ALA B 34 -8.27 -5.81 -11.69
C ALA B 34 -7.24 -6.72 -12.36
N ALA B 35 -6.71 -7.65 -11.59
CA ALA B 35 -5.72 -8.58 -12.09
C ALA B 35 -5.50 -9.69 -11.06
N ALA B 36 -6.26 -10.75 -11.22
CA ALA B 36 -6.17 -11.89 -10.31
C ALA B 36 -6.28 -11.38 -8.87
N ALA B 37 -7.49 -11.02 -8.49
CA ALA B 37 -7.75 -10.53 -7.15
C ALA B 37 -8.82 -11.41 -6.48
N SER A 1 4.78 17.34 4.30
CA SER A 1 4.14 16.94 3.06
C SER A 1 3.87 15.44 3.06
N ILE A 2 2.91 15.05 3.88
CA ILE A 2 2.54 13.64 3.98
C ILE A 2 1.25 13.40 3.18
N THR A 3 1.33 13.70 1.89
CA THR A 3 0.19 13.52 1.00
C THR A 3 0.12 12.07 0.51
N LYS A 4 -1.07 11.69 0.07
CA LYS A 4 -1.28 10.34 -0.42
C LYS A 4 -0.32 10.05 -1.56
N ASP A 5 -0.22 11.02 -2.47
CA ASP A 5 0.64 10.87 -3.63
C ASP A 5 2.08 10.65 -3.17
N GLN A 6 2.48 11.45 -2.18
CA GLN A 6 3.84 11.38 -1.68
C GLN A 6 4.18 9.94 -1.27
N ILE A 7 3.15 9.22 -0.84
CA ILE A 7 3.33 7.86 -0.38
C ILE A 7 3.51 6.94 -1.59
N ILE A 8 2.82 7.28 -2.66
CA ILE A 8 2.92 6.52 -3.90
C ILE A 8 4.37 6.50 -4.37
N GLU A 9 4.97 7.69 -4.38
CA GLU A 9 6.34 7.84 -4.86
C GLU A 9 7.31 7.23 -3.84
N ALA A 10 6.80 7.00 -2.64
CA ALA A 10 7.62 6.44 -1.58
C ALA A 10 7.79 4.94 -1.80
N VAL A 11 6.71 4.32 -2.26
CA VAL A 11 6.73 2.88 -2.50
C VAL A 11 7.38 2.61 -3.85
N ALA A 12 7.42 3.65 -4.68
CA ALA A 12 8.00 3.53 -6.00
C ALA A 12 9.52 3.76 -5.93
N ALA A 13 10.01 3.77 -4.70
CA ALA A 13 11.43 4.00 -4.47
C ALA A 13 12.13 2.67 -4.20
N MET A 14 11.34 1.72 -3.71
CA MET A 14 11.86 0.41 -3.39
C MET A 14 11.72 -0.55 -4.56
N SER A 15 12.33 -1.72 -4.42
CA SER A 15 12.29 -2.72 -5.48
C SER A 15 10.90 -3.33 -5.57
N VAL A 16 10.60 -3.93 -6.72
CA VAL A 16 9.31 -4.52 -6.95
C VAL A 16 9.03 -5.57 -5.88
N MET A 17 10.04 -6.39 -5.61
CA MET A 17 9.92 -7.42 -4.59
C MET A 17 9.60 -6.81 -3.24
N ASP A 18 10.33 -5.75 -2.91
CA ASP A 18 10.15 -5.08 -1.62
C ASP A 18 8.73 -4.53 -1.54
N VAL A 19 8.16 -4.26 -2.71
CA VAL A 19 6.82 -3.70 -2.79
C VAL A 19 5.80 -4.83 -2.63
N VAL A 20 6.15 -5.98 -3.18
CA VAL A 20 5.28 -7.14 -3.10
C VAL A 20 5.12 -7.57 -1.64
N GLU A 21 6.24 -7.58 -0.93
CA GLU A 21 6.24 -7.93 0.47
C GLU A 21 5.39 -6.93 1.26
N LEU A 22 5.61 -5.66 0.97
CA LEU A 22 4.86 -4.60 1.63
C LEU A 22 3.36 -4.87 1.45
N ILE A 23 2.92 -4.79 0.21
CA ILE A 23 1.51 -4.97 -0.11
C ILE A 23 1.00 -6.24 0.59
N SER A 24 1.83 -7.28 0.55
CA SER A 24 1.46 -8.56 1.11
C SER A 24 1.26 -8.44 2.62
N ALA A 25 2.12 -7.63 3.24
CA ALA A 25 2.05 -7.43 4.67
C ALA A 25 0.71 -6.80 5.04
N MET A 26 0.52 -5.56 4.58
CA MET A 26 -0.69 -4.84 4.89
C MET A 26 -1.94 -5.68 4.60
N GLU A 27 -1.84 -6.45 3.51
CA GLU A 27 -2.95 -7.31 3.11
C GLU A 27 -3.39 -8.18 4.29
N GLU A 28 -2.41 -8.74 4.98
CA GLU A 28 -2.69 -9.64 6.08
C GLU A 28 -3.01 -8.84 7.35
N LYS A 29 -2.15 -7.87 7.62
CA LYS A 29 -2.30 -7.04 8.81
C LYS A 29 -3.73 -6.49 8.85
N PHE A 30 -4.02 -5.62 7.90
CA PHE A 30 -5.31 -4.98 7.84
C PHE A 30 -6.38 -5.95 7.34
N GLY A 31 -5.94 -7.14 6.96
CA GLY A 31 -6.84 -8.17 6.50
C GLY A 31 -7.86 -7.59 5.51
N VAL A 32 -7.36 -6.87 4.53
CA VAL A 32 -8.21 -6.31 3.49
C VAL A 32 -7.69 -6.74 2.12
N SER A 33 -7.84 -8.03 1.85
CA SER A 33 -7.42 -8.58 0.57
C SER A 33 -8.61 -8.65 -0.38
N ALA A 34 -8.74 -7.62 -1.20
CA ALA A 34 -9.85 -7.54 -2.14
C ALA A 34 -9.64 -6.35 -3.08
N ALA A 35 -9.01 -6.65 -4.21
CA ALA A 35 -8.73 -5.61 -5.19
C ALA A 35 -8.41 -6.27 -6.54
N ALA A 36 -9.43 -6.34 -7.38
CA ALA A 36 -9.27 -6.93 -8.70
C ALA A 36 -10.58 -6.79 -9.47
N ALA A 37 -10.54 -7.21 -10.73
CA ALA A 37 -11.71 -7.14 -11.58
C ALA A 37 -12.17 -5.68 -11.71
N SER B 1 15.09 3.62 9.87
CA SER B 1 14.18 2.49 10.03
C SER B 1 13.17 2.47 8.89
N ILE B 2 13.64 2.10 7.72
CA ILE B 2 12.78 2.07 6.54
C ILE B 2 12.37 0.62 6.26
N THR B 3 11.69 0.03 7.23
CA THR B 3 11.21 -1.34 7.09
C THR B 3 9.75 -1.34 6.62
N LYS B 4 9.36 -2.46 6.04
CA LYS B 4 8.01 -2.60 5.52
C LYS B 4 7.00 -2.43 6.65
N ASP B 5 7.32 -3.06 7.78
CA ASP B 5 6.43 -3.02 8.93
C ASP B 5 6.17 -1.57 9.33
N GLN B 6 7.25 -0.80 9.38
CA GLN B 6 7.16 0.59 9.79
C GLN B 6 6.10 1.32 8.96
N ILE B 7 5.91 0.84 7.74
CA ILE B 7 4.94 1.44 6.85
C ILE B 7 3.53 1.00 7.24
N ILE B 8 3.44 -0.25 7.68
CA ILE B 8 2.16 -0.80 8.09
C ILE B 8 1.56 0.06 9.19
N GLU B 9 2.41 0.47 10.12
CA GLU B 9 1.99 1.29 11.24
C GLU B 9 1.66 2.70 10.76
N ALA B 10 2.23 3.05 9.60
CA ALA B 10 2.00 4.37 9.03
C ALA B 10 0.61 4.42 8.40
N VAL B 11 0.25 3.32 7.76
CA VAL B 11 -1.05 3.23 7.11
C VAL B 11 -2.15 3.17 8.18
N ALA B 12 -1.74 2.76 9.37
CA ALA B 12 -2.67 2.66 10.48
C ALA B 12 -2.68 3.97 11.25
N ALA B 13 -2.05 4.98 10.66
CA ALA B 13 -1.97 6.29 11.28
C ALA B 13 -2.99 7.23 10.63
N MET B 14 -3.33 6.90 9.39
CA MET B 14 -4.28 7.72 8.63
C MET B 14 -5.70 7.15 8.74
N SER B 15 -6.65 7.92 8.24
CA SER B 15 -8.04 7.52 8.29
C SER B 15 -8.31 6.40 7.30
N VAL B 16 -9.41 5.69 7.54
CA VAL B 16 -9.77 4.57 6.68
C VAL B 16 -9.92 5.06 5.24
N MET B 17 -10.62 6.17 5.10
CA MET B 17 -10.85 6.75 3.79
C MET B 17 -9.53 7.12 3.12
N ASP B 18 -8.66 7.76 3.89
CA ASP B 18 -7.37 8.20 3.38
C ASP B 18 -6.58 6.97 2.91
N VAL B 19 -6.84 5.85 3.56
CA VAL B 19 -6.14 4.62 3.24
C VAL B 19 -6.75 4.00 1.97
N VAL B 20 -8.06 4.09 1.89
CA VAL B 20 -8.77 3.57 0.73
C VAL B 20 -8.27 4.28 -0.53
N GLU B 21 -8.26 5.60 -0.45
CA GLU B 21 -7.78 6.41 -1.57
C GLU B 21 -6.34 6.03 -1.93
N LEU B 22 -5.52 5.93 -0.88
CA LEU B 22 -4.12 5.60 -1.07
C LEU B 22 -4.02 4.28 -1.85
N ILE B 23 -4.43 3.21 -1.20
CA ILE B 23 -4.38 1.89 -1.81
C ILE B 23 -4.89 1.97 -3.25
N SER B 24 -6.04 2.59 -3.40
CA SER B 24 -6.67 2.71 -4.71
C SER B 24 -5.72 3.38 -5.69
N ALA B 25 -5.00 4.38 -5.19
CA ALA B 25 -4.06 5.12 -6.01
C ALA B 25 -2.98 4.17 -6.51
N MET B 26 -2.20 3.66 -5.58
CA MET B 26 -1.12 2.75 -5.91
C MET B 26 -1.60 1.63 -6.83
N GLU B 27 -2.78 1.12 -6.52
CA GLU B 27 -3.35 0.03 -7.29
C GLU B 27 -3.31 0.35 -8.78
N GLU B 28 -3.68 1.58 -9.11
CA GLU B 28 -3.71 2.01 -10.49
C GLU B 28 -2.30 2.37 -10.95
N LYS B 29 -1.61 3.13 -10.12
CA LYS B 29 -0.27 3.60 -10.46
C LYS B 29 0.60 2.39 -10.82
N PHE B 30 0.83 1.54 -9.83
CA PHE B 30 1.66 0.37 -10.02
C PHE B 30 0.94 -0.69 -10.86
N GLY B 31 -0.33 -0.42 -11.13
CA GLY B 31 -1.12 -1.33 -11.93
C GLY B 31 -0.95 -2.77 -11.46
N VAL B 32 -1.21 -2.98 -10.18
CA VAL B 32 -1.13 -4.32 -9.61
C VAL B 32 -2.51 -4.72 -9.07
N SER B 33 -3.45 -4.86 -9.99
CA SER B 33 -4.80 -5.23 -9.62
C SER B 33 -4.94 -6.76 -9.66
N ALA B 34 -4.57 -7.38 -8.56
CA ALA B 34 -4.65 -8.83 -8.46
C ALA B 34 -4.53 -9.25 -6.99
N ALA B 35 -5.68 -9.32 -6.34
CA ALA B 35 -5.72 -9.70 -4.94
C ALA B 35 -7.12 -10.22 -4.59
N ALA B 36 -7.21 -11.53 -4.51
CA ALA B 36 -8.49 -12.17 -4.20
C ALA B 36 -9.48 -11.88 -5.33
N ALA B 37 -10.19 -12.92 -5.74
CA ALA B 37 -11.17 -12.79 -6.80
C ALA B 37 -12.56 -12.69 -6.19
N SER A 1 6.33 16.92 4.93
CA SER A 1 5.56 16.62 3.74
C SER A 1 5.18 15.15 3.71
N ILE A 2 4.27 14.79 4.61
CA ILE A 2 3.81 13.41 4.70
C ILE A 2 2.42 13.30 4.05
N THR A 3 2.36 13.62 2.77
CA THR A 3 1.10 13.57 2.04
C THR A 3 0.92 12.19 1.40
N LYS A 4 -0.32 11.89 1.07
CA LYS A 4 -0.65 10.61 0.48
C LYS A 4 0.13 10.44 -0.83
N ASP A 5 0.19 11.52 -1.59
CA ASP A 5 0.85 11.50 -2.88
C ASP A 5 2.33 11.16 -2.68
N GLN A 6 2.93 11.84 -1.71
CA GLN A 6 4.34 11.63 -1.42
C GLN A 6 4.62 10.15 -1.16
N ILE A 7 3.61 9.47 -0.66
CA ILE A 7 3.74 8.07 -0.31
C ILE A 7 3.71 7.22 -1.59
N ILE A 8 2.92 7.70 -2.55
CA ILE A 8 2.80 7.01 -3.82
C ILE A 8 4.18 6.87 -4.47
N GLU A 9 4.88 8.00 -4.52
CA GLU A 9 6.21 8.01 -5.14
C GLU A 9 7.20 7.21 -4.30
N ALA A 10 6.77 6.90 -3.07
CA ALA A 10 7.61 6.14 -2.16
C ALA A 10 7.61 4.67 -2.58
N VAL A 11 6.42 4.19 -2.93
CA VAL A 11 6.28 2.81 -3.36
C VAL A 11 6.97 2.62 -4.72
N ALA A 12 7.00 3.70 -5.48
CA ALA A 12 7.63 3.67 -6.79
C ALA A 12 9.14 3.86 -6.63
N ALA A 13 9.56 4.00 -5.39
CA ALA A 13 10.96 4.20 -5.09
C ALA A 13 11.58 2.87 -4.67
N MET A 14 10.74 1.99 -4.17
CA MET A 14 11.20 0.69 -3.70
C MET A 14 11.11 -0.36 -4.81
N SER A 15 11.72 -1.51 -4.54
CA SER A 15 11.73 -2.59 -5.50
C SER A 15 10.41 -3.34 -5.47
N VAL A 16 10.13 -4.04 -6.56
CA VAL A 16 8.90 -4.81 -6.66
C VAL A 16 8.80 -5.78 -5.49
N MET A 17 9.93 -6.39 -5.16
CA MET A 17 9.98 -7.34 -4.07
C MET A 17 9.53 -6.70 -2.76
N ASP A 18 10.06 -5.51 -2.51
CA ASP A 18 9.75 -4.80 -1.28
C ASP A 18 8.25 -4.47 -1.24
N VAL A 19 7.69 -4.31 -2.43
CA VAL A 19 6.28 -3.98 -2.55
C VAL A 19 5.44 -5.23 -2.34
N VAL A 20 6.00 -6.36 -2.73
CA VAL A 20 5.33 -7.64 -2.57
C VAL A 20 5.24 -7.98 -1.07
N GLU A 21 6.40 -7.98 -0.43
CA GLU A 21 6.48 -8.27 0.99
C GLU A 21 5.56 -7.31 1.77
N LEU A 22 5.64 -6.05 1.41
CA LEU A 22 4.83 -5.03 2.06
C LEU A 22 3.36 -5.42 1.97
N ILE A 23 2.84 -5.40 0.76
CA ILE A 23 1.44 -5.72 0.53
C ILE A 23 1.08 -7.00 1.29
N SER A 24 1.98 -7.98 1.18
CA SER A 24 1.76 -9.27 1.80
C SER A 24 1.62 -9.10 3.31
N ALA A 25 2.43 -8.20 3.85
CA ALA A 25 2.40 -7.94 5.29
C ALA A 25 1.03 -7.36 5.65
N MET A 26 0.75 -6.17 5.14
CA MET A 26 -0.50 -5.50 5.42
C MET A 26 -1.69 -6.46 5.24
N GLU A 27 -1.59 -7.30 4.22
CA GLU A 27 -2.64 -8.25 3.93
C GLU A 27 -3.02 -9.02 5.19
N GLU A 28 -2.00 -9.50 5.89
CA GLU A 28 -2.21 -10.29 7.09
C GLU A 28 -2.58 -9.37 8.26
N LYS A 29 -1.79 -8.32 8.42
CA LYS A 29 -2.00 -7.39 9.51
C LYS A 29 -3.46 -6.92 9.51
N PHE A 30 -3.80 -6.19 8.47
CA PHE A 30 -5.14 -5.63 8.35
C PHE A 30 -6.15 -6.72 7.97
N GLY A 31 -5.62 -7.91 7.74
CA GLY A 31 -6.46 -9.03 7.35
C GLY A 31 -7.45 -8.63 6.27
N VAL A 32 -6.92 -8.05 5.21
CA VAL A 32 -7.75 -7.62 4.09
C VAL A 32 -7.46 -8.51 2.88
N SER A 33 -7.67 -9.81 3.09
CA SER A 33 -7.43 -10.78 2.03
C SER A 33 -8.54 -11.83 2.04
N ALA A 34 -9.66 -11.47 1.43
CA ALA A 34 -10.80 -12.36 1.37
C ALA A 34 -11.75 -11.91 0.25
N ALA A 35 -11.50 -12.43 -0.93
CA ALA A 35 -12.28 -12.06 -2.09
C ALA A 35 -12.52 -10.54 -2.09
N ALA A 36 -11.44 -9.82 -2.39
CA ALA A 36 -11.51 -8.36 -2.43
C ALA A 36 -12.80 -7.95 -3.14
N ALA A 37 -13.27 -6.76 -2.80
CA ALA A 37 -14.49 -6.23 -3.40
C ALA A 37 -14.29 -4.74 -3.70
N SER B 1 15.21 4.59 9.23
CA SER B 1 14.33 3.49 9.55
C SER B 1 13.18 3.43 8.56
N ILE B 2 13.50 3.02 7.33
CA ILE B 2 12.50 2.89 6.30
C ILE B 2 12.15 1.41 6.09
N THR B 3 11.69 0.80 7.17
CA THR B 3 11.35 -0.62 7.13
C THR B 3 9.93 -0.81 6.57
N LYS B 4 9.69 -2.02 6.09
CA LYS B 4 8.38 -2.35 5.54
C LYS B 4 7.33 -2.22 6.64
N ASP B 5 7.67 -2.72 7.81
CA ASP B 5 6.76 -2.71 8.94
C ASP B 5 6.35 -1.26 9.24
N GLN B 6 7.34 -0.37 9.15
CA GLN B 6 7.11 1.03 9.44
C GLN B 6 6.00 1.57 8.55
N ILE B 7 5.85 0.95 7.39
CA ILE B 7 4.84 1.36 6.43
C ILE B 7 3.47 0.81 6.86
N ILE B 8 3.52 -0.38 7.46
CA ILE B 8 2.30 -1.02 7.92
C ILE B 8 1.61 -0.12 8.95
N GLU B 9 2.40 0.37 9.89
CA GLU B 9 1.87 1.21 10.96
C GLU B 9 1.49 2.58 10.40
N ALA B 10 1.98 2.87 9.21
CA ALA B 10 1.71 4.14 8.57
C ALA B 10 0.29 4.14 8.01
N VAL B 11 -0.14 2.97 7.57
CA VAL B 11 -1.46 2.83 6.99
C VAL B 11 -2.49 2.68 8.13
N ALA B 12 -2.01 2.23 9.27
CA ALA B 12 -2.86 2.05 10.42
C ALA B 12 -2.94 3.36 11.21
N ALA B 13 -2.35 4.39 10.63
CA ALA B 13 -2.33 5.70 11.27
C ALA B 13 -3.43 6.56 10.67
N MET B 14 -3.75 6.29 9.42
CA MET B 14 -4.76 7.06 8.71
C MET B 14 -6.11 6.36 8.73
N SER B 15 -7.13 7.10 8.32
CA SER B 15 -8.49 6.54 8.28
C SER B 15 -8.63 5.60 7.09
N VAL B 16 -9.64 4.74 7.18
CA VAL B 16 -9.89 3.77 6.13
C VAL B 16 -10.10 4.51 4.80
N MET B 17 -10.91 5.56 4.86
CA MET B 17 -11.20 6.35 3.67
C MET B 17 -9.92 6.91 3.06
N ASP B 18 -9.09 7.47 3.93
CA ASP B 18 -7.84 8.09 3.48
C ASP B 18 -6.92 7.02 2.90
N VAL B 19 -7.10 5.80 3.39
CA VAL B 19 -6.28 4.69 2.94
C VAL B 19 -6.77 4.20 1.58
N VAL B 20 -8.07 4.35 1.38
CA VAL B 20 -8.68 3.93 0.13
C VAL B 20 -8.12 4.77 -1.02
N GLU B 21 -8.08 6.07 -0.80
CA GLU B 21 -7.56 6.99 -1.80
C GLU B 21 -6.11 6.63 -2.15
N LEU B 22 -5.32 6.43 -1.10
CA LEU B 22 -3.93 6.05 -1.28
C LEU B 22 -3.85 4.80 -2.16
N ILE B 23 -4.38 3.71 -1.62
CA ILE B 23 -4.32 2.43 -2.30
C ILE B 23 -4.86 2.58 -3.72
N SER B 24 -5.87 3.43 -3.85
CA SER B 24 -6.53 3.63 -5.13
C SER B 24 -5.54 4.23 -6.13
N ALA B 25 -4.74 5.16 -5.65
CA ALA B 25 -3.74 5.80 -6.49
C ALA B 25 -2.80 4.75 -7.07
N MET B 26 -2.18 4.00 -6.16
CA MET B 26 -1.26 2.95 -6.56
C MET B 26 -1.92 2.00 -7.55
N GLU B 27 -3.14 1.60 -7.24
CA GLU B 27 -3.88 0.68 -8.09
C GLU B 27 -3.82 1.14 -9.55
N GLU B 28 -4.03 2.43 -9.74
CA GLU B 28 -4.07 2.99 -11.07
C GLU B 28 -2.65 3.18 -11.61
N LYS B 29 -1.82 3.82 -10.81
CA LYS B 29 -0.46 4.11 -11.20
C LYS B 29 0.22 2.81 -11.66
N PHE B 30 0.42 1.91 -10.71
CA PHE B 30 1.11 0.67 -10.99
C PHE B 30 0.20 -0.30 -11.74
N GLY B 31 -1.04 0.13 -11.95
CA GLY B 31 -2.02 -0.68 -12.64
C GLY B 31 -2.08 -2.09 -12.05
N VAL B 32 -2.37 -2.14 -10.76
CA VAL B 32 -2.50 -3.42 -10.08
C VAL B 32 -3.83 -3.45 -9.31
N SER B 33 -4.92 -3.47 -10.08
CA SER B 33 -6.24 -3.50 -9.49
C SER B 33 -6.78 -4.93 -9.45
N ALA B 34 -7.24 -5.33 -8.27
CA ALA B 34 -7.78 -6.66 -8.09
C ALA B 34 -9.21 -6.56 -7.55
N ALA B 35 -10.08 -6.04 -8.39
CA ALA B 35 -11.47 -5.88 -8.01
C ALA B 35 -12.27 -5.34 -9.21
N ALA B 36 -12.49 -6.22 -10.17
CA ALA B 36 -13.22 -5.86 -11.37
C ALA B 36 -13.38 -7.08 -12.26
N ALA B 37 -14.48 -7.81 -12.03
CA ALA B 37 -14.76 -9.00 -12.80
C ALA B 37 -13.58 -9.96 -12.71
N SER A 1 5.49 16.86 4.56
CA SER A 1 4.75 16.52 3.35
C SER A 1 4.45 15.02 3.32
N ILE A 2 3.52 14.62 4.18
CA ILE A 2 3.13 13.22 4.25
C ILE A 2 1.79 13.04 3.53
N THR A 3 1.81 13.38 2.24
CA THR A 3 0.61 13.27 1.42
C THR A 3 0.54 11.87 0.80
N LYS A 4 -0.67 11.50 0.40
CA LYS A 4 -0.90 10.19 -0.20
C LYS A 4 0.04 10.03 -1.41
N ASP A 5 0.07 11.08 -2.23
CA ASP A 5 0.87 11.04 -3.44
C ASP A 5 2.35 10.85 -3.08
N GLN A 6 2.76 11.54 -2.02
CA GLN A 6 4.14 11.47 -1.59
C GLN A 6 4.54 10.03 -1.29
N ILE A 7 3.56 9.26 -0.84
CA ILE A 7 3.80 7.87 -0.50
C ILE A 7 3.95 7.04 -1.78
N ILE A 8 3.17 7.41 -2.78
CA ILE A 8 3.23 6.72 -4.06
C ILE A 8 4.66 6.73 -4.58
N GLU A 9 5.25 7.92 -4.55
CA GLU A 9 6.62 8.08 -5.03
C GLU A 9 7.57 7.21 -4.22
N ALA A 10 7.12 6.86 -3.02
CA ALA A 10 7.93 6.05 -2.13
C ALA A 10 7.90 4.59 -2.60
N VAL A 11 6.69 4.13 -2.92
CA VAL A 11 6.51 2.78 -3.38
C VAL A 11 7.23 2.59 -4.72
N ALA A 12 7.39 3.70 -5.43
CA ALA A 12 8.04 3.67 -6.73
C ALA A 12 9.55 3.76 -6.53
N ALA A 13 9.96 3.84 -5.27
CA ALA A 13 11.37 3.97 -4.96
C ALA A 13 11.95 2.58 -4.64
N MET A 14 11.08 1.70 -4.19
CA MET A 14 11.48 0.36 -3.84
C MET A 14 11.25 -0.62 -5.00
N SER A 15 11.78 -1.82 -4.84
CA SER A 15 11.64 -2.84 -5.86
C SER A 15 10.27 -3.51 -5.75
N VAL A 16 9.92 -4.25 -6.78
CA VAL A 16 8.62 -4.92 -6.83
C VAL A 16 8.54 -5.93 -5.67
N MET A 17 9.60 -6.69 -5.51
CA MET A 17 9.66 -7.69 -4.46
C MET A 17 9.48 -7.03 -3.08
N ASP A 18 10.21 -5.95 -2.88
CA ASP A 18 10.16 -5.24 -1.61
C ASP A 18 8.72 -4.80 -1.33
N VAL A 19 8.04 -4.42 -2.40
CA VAL A 19 6.67 -3.93 -2.28
C VAL A 19 5.72 -5.10 -2.05
N VAL A 20 6.07 -6.23 -2.65
CA VAL A 20 5.26 -7.43 -2.52
C VAL A 20 5.16 -7.81 -1.04
N GLU A 21 6.28 -7.67 -0.34
CA GLU A 21 6.33 -7.97 1.07
C GLU A 21 5.45 -6.98 1.85
N LEU A 22 5.59 -5.72 1.52
CA LEU A 22 4.79 -4.67 2.15
C LEU A 22 3.31 -5.03 2.00
N ILE A 23 2.89 -5.19 0.76
CA ILE A 23 1.50 -5.47 0.47
C ILE A 23 1.07 -6.74 1.21
N SER A 24 2.00 -7.68 1.26
CA SER A 24 1.72 -8.97 1.88
C SER A 24 1.49 -8.79 3.38
N ALA A 25 2.27 -7.88 3.95
CA ALA A 25 2.17 -7.61 5.38
C ALA A 25 0.78 -7.06 5.70
N MET A 26 0.46 -5.93 5.06
CA MET A 26 -0.82 -5.29 5.27
C MET A 26 -1.96 -6.27 5.07
N GLU A 27 -1.85 -7.07 4.02
CA GLU A 27 -2.88 -8.04 3.69
C GLU A 27 -3.25 -8.86 4.92
N GLU A 28 -2.21 -9.32 5.62
CA GLU A 28 -2.41 -10.19 6.76
C GLU A 28 -2.75 -9.36 8.00
N LYS A 29 -2.01 -8.27 8.16
CA LYS A 29 -2.20 -7.41 9.32
C LYS A 29 -3.65 -6.95 9.39
N PHE A 30 -4.04 -6.17 8.38
CA PHE A 30 -5.39 -5.64 8.33
C PHE A 30 -6.38 -6.73 7.90
N GLY A 31 -5.84 -7.89 7.56
CA GLY A 31 -6.66 -9.02 7.14
C GLY A 31 -7.66 -8.59 6.07
N VAL A 32 -7.13 -8.06 4.99
CA VAL A 32 -7.97 -7.64 3.86
C VAL A 32 -7.45 -8.30 2.58
N SER A 33 -7.60 -9.61 2.52
CA SER A 33 -7.17 -10.36 1.35
C SER A 33 -8.36 -10.61 0.42
N ALA A 34 -8.10 -10.46 -0.87
CA ALA A 34 -9.12 -10.66 -1.87
C ALA A 34 -10.32 -9.76 -1.54
N ALA A 35 -10.20 -8.50 -1.95
CA ALA A 35 -11.25 -7.53 -1.71
C ALA A 35 -10.96 -6.25 -2.48
N ALA A 36 -11.17 -6.32 -3.79
CA ALA A 36 -10.92 -5.18 -4.66
C ALA A 36 -9.62 -4.51 -4.25
N ALA A 37 -8.53 -5.25 -4.40
CA ALA A 37 -7.22 -4.74 -4.05
C ALA A 37 -6.16 -5.45 -4.89
N SER B 1 15.00 4.81 10.30
CA SER B 1 14.28 3.55 10.42
C SER B 1 13.14 3.51 9.40
N ILE B 2 13.52 3.31 8.16
CA ILE B 2 12.54 3.23 7.07
C ILE B 2 12.29 1.77 6.72
N THR B 3 11.85 1.02 7.73
CA THR B 3 11.56 -0.39 7.54
C THR B 3 10.15 -0.58 6.98
N LYS B 4 9.94 -1.74 6.37
CA LYS B 4 8.65 -2.06 5.80
C LYS B 4 7.58 -2.03 6.90
N ASP B 5 7.92 -2.64 8.02
CA ASP B 5 7.01 -2.70 9.15
C ASP B 5 6.60 -1.27 9.54
N GLN B 6 7.59 -0.40 9.59
CA GLN B 6 7.36 0.98 9.99
C GLN B 6 6.28 1.60 9.11
N ILE B 7 6.16 1.07 7.90
CA ILE B 7 5.19 1.58 6.95
C ILE B 7 3.82 0.98 7.24
N ILE B 8 3.84 -0.22 7.80
CA ILE B 8 2.61 -0.90 8.15
C ILE B 8 1.82 -0.06 9.15
N GLU B 9 2.56 0.51 10.09
CA GLU B 9 1.95 1.33 11.12
C GLU B 9 1.50 2.68 10.54
N ALA B 10 2.00 2.96 9.35
CA ALA B 10 1.69 4.21 8.69
C ALA B 10 0.27 4.14 8.12
N VAL B 11 -0.05 2.99 7.55
CA VAL B 11 -1.37 2.78 6.96
C VAL B 11 -2.38 2.49 8.07
N ALA B 12 -1.85 2.12 9.23
CA ALA B 12 -2.69 1.83 10.37
C ALA B 12 -2.83 3.09 11.23
N ALA B 13 -2.27 4.18 10.72
CA ALA B 13 -2.32 5.44 11.44
C ALA B 13 -3.39 6.34 10.82
N MET B 14 -3.68 6.08 9.55
CA MET B 14 -4.66 6.86 8.83
C MET B 14 -6.04 6.19 8.88
N SER B 15 -7.04 6.94 8.43
CA SER B 15 -8.41 6.44 8.44
C SER B 15 -8.62 5.50 7.25
N VAL B 16 -9.70 4.74 7.33
CA VAL B 16 -10.02 3.78 6.28
C VAL B 16 -10.21 4.51 4.95
N MET B 17 -10.92 5.63 5.04
CA MET B 17 -11.16 6.45 3.86
C MET B 17 -9.83 6.84 3.18
N ASP B 18 -8.90 7.29 4.01
CA ASP B 18 -7.61 7.73 3.51
C ASP B 18 -6.85 6.54 2.92
N VAL B 19 -7.20 5.35 3.41
CA VAL B 19 -6.54 4.14 2.98
C VAL B 19 -7.11 3.71 1.62
N VAL B 20 -8.37 4.05 1.41
CA VAL B 20 -9.02 3.75 0.14
C VAL B 20 -8.39 4.58 -0.97
N GLU B 21 -8.25 5.87 -0.69
CA GLU B 21 -7.66 6.78 -1.65
C GLU B 21 -6.25 6.31 -2.04
N LEU B 22 -5.44 6.06 -1.02
CA LEU B 22 -4.08 5.63 -1.24
C LEU B 22 -4.07 4.40 -2.15
N ILE B 23 -4.64 3.33 -1.64
CA ILE B 23 -4.68 2.07 -2.37
C ILE B 23 -5.11 2.34 -3.81
N SER B 24 -6.19 3.11 -3.94
CA SER B 24 -6.75 3.40 -5.25
C SER B 24 -5.71 4.11 -6.12
N ALA B 25 -4.95 4.98 -5.48
CA ALA B 25 -3.94 5.76 -6.17
C ALA B 25 -2.96 4.80 -6.86
N MET B 26 -2.19 4.10 -6.02
CA MET B 26 -1.19 3.17 -6.54
C MET B 26 -1.80 2.21 -7.54
N GLU B 27 -3.03 1.80 -7.26
CA GLU B 27 -3.74 0.86 -8.12
C GLU B 27 -3.74 1.36 -9.56
N GLU B 28 -4.01 2.65 -9.71
CA GLU B 28 -4.07 3.26 -11.03
C GLU B 28 -2.66 3.60 -11.52
N LYS B 29 -1.90 4.22 -10.63
CA LYS B 29 -0.54 4.64 -10.96
C LYS B 29 0.23 3.45 -11.52
N PHE B 30 0.47 2.48 -10.66
CA PHE B 30 1.22 1.29 -11.05
C PHE B 30 0.38 0.37 -11.93
N GLY B 31 -0.89 0.75 -12.08
CA GLY B 31 -1.81 -0.04 -12.89
C GLY B 31 -1.69 -1.53 -12.59
N VAL B 32 -1.80 -1.84 -11.31
CA VAL B 32 -1.68 -3.22 -10.86
C VAL B 32 -3.07 -3.75 -10.49
N SER B 33 -3.99 -3.62 -11.43
CA SER B 33 -5.35 -4.06 -11.21
C SER B 33 -5.57 -5.42 -11.88
N ALA B 34 -5.01 -6.45 -11.26
CA ALA B 34 -5.14 -7.80 -11.78
C ALA B 34 -4.45 -7.88 -13.15
N ALA B 35 -3.18 -8.26 -13.12
CA ALA B 35 -2.41 -8.39 -14.34
C ALA B 35 -1.15 -9.21 -14.06
N ALA B 36 -1.15 -10.43 -14.59
CA ALA B 36 -0.02 -11.32 -14.40
C ALA B 36 0.16 -11.61 -12.92
N ALA B 37 1.03 -12.58 -12.64
CA ALA B 37 1.29 -12.97 -11.26
C ALA B 37 0.04 -13.60 -10.66
N SER A 1 5.80 16.46 5.31
CA SER A 1 5.13 16.19 4.04
C SER A 1 4.75 14.70 3.95
N ILE A 2 3.75 14.35 4.75
CA ILE A 2 3.26 12.98 4.77
C ILE A 2 1.92 12.91 4.04
N THR A 3 1.96 13.27 2.76
CA THR A 3 0.76 13.25 1.94
C THR A 3 0.60 11.89 1.25
N LYS A 4 -0.63 11.60 0.86
CA LYS A 4 -0.92 10.34 0.18
C LYS A 4 0.01 10.19 -1.02
N ASP A 5 0.11 11.26 -1.80
CA ASP A 5 0.91 11.24 -3.01
C ASP A 5 2.35 10.86 -2.65
N GLN A 6 2.86 11.51 -1.61
CA GLN A 6 4.23 11.30 -1.20
C GLN A 6 4.50 9.80 -0.98
N ILE A 7 3.43 9.09 -0.65
CA ILE A 7 3.53 7.67 -0.38
C ILE A 7 3.56 6.90 -1.72
N ILE A 8 2.87 7.47 -2.69
CA ILE A 8 2.80 6.86 -4.00
C ILE A 8 4.20 6.75 -4.60
N GLU A 9 4.90 7.88 -4.59
CA GLU A 9 6.25 7.92 -5.13
C GLU A 9 7.18 7.03 -4.30
N ALA A 10 6.72 6.71 -3.10
CA ALA A 10 7.51 5.90 -2.19
C ALA A 10 7.46 4.44 -2.64
N VAL A 11 6.27 4.01 -3.03
CA VAL A 11 6.08 2.65 -3.50
C VAL A 11 6.77 2.47 -4.84
N ALA A 12 6.96 3.58 -5.54
CA ALA A 12 7.60 3.56 -6.84
C ALA A 12 9.11 3.77 -6.66
N ALA A 13 9.52 3.87 -5.40
CA ALA A 13 10.92 4.06 -5.08
C ALA A 13 11.55 2.72 -4.71
N MET A 14 10.71 1.83 -4.21
CA MET A 14 11.16 0.51 -3.81
C MET A 14 10.98 -0.50 -4.93
N SER A 15 11.51 -1.69 -4.71
CA SER A 15 11.42 -2.76 -5.70
C SER A 15 10.05 -3.41 -5.64
N VAL A 16 9.72 -4.11 -6.71
CA VAL A 16 8.43 -4.80 -6.79
C VAL A 16 8.36 -5.86 -5.69
N MET A 17 9.45 -6.60 -5.56
CA MET A 17 9.53 -7.64 -4.54
C MET A 17 9.35 -7.06 -3.14
N ASP A 18 10.05 -5.96 -2.90
CA ASP A 18 9.99 -5.30 -1.61
C ASP A 18 8.56 -4.85 -1.33
N VAL A 19 7.85 -4.52 -2.41
CA VAL A 19 6.48 -4.05 -2.30
C VAL A 19 5.56 -5.25 -2.05
N VAL A 20 5.91 -6.37 -2.66
CA VAL A 20 5.14 -7.59 -2.48
C VAL A 20 5.13 -7.97 -0.99
N GLU A 21 6.30 -7.91 -0.38
CA GLU A 21 6.42 -8.22 1.03
C GLU A 21 5.56 -7.26 1.86
N LEU A 22 5.62 -5.99 1.49
CA LEU A 22 4.83 -4.99 2.17
C LEU A 22 3.35 -5.37 2.11
N ILE A 23 2.82 -5.38 0.90
CA ILE A 23 1.42 -5.70 0.70
C ILE A 23 1.07 -6.97 1.50
N SER A 24 1.98 -7.92 1.44
CA SER A 24 1.77 -9.20 2.11
C SER A 24 1.70 -8.99 3.63
N ALA A 25 2.55 -8.09 4.10
CA ALA A 25 2.59 -7.77 5.52
C ALA A 25 1.21 -7.29 5.97
N MET A 26 0.80 -6.15 5.42
CA MET A 26 -0.48 -5.56 5.77
C MET A 26 -1.60 -6.59 5.67
N GLU A 27 -1.52 -7.40 4.61
CA GLU A 27 -2.53 -8.43 4.39
C GLU A 27 -2.74 -9.25 5.65
N GLU A 28 -1.62 -9.61 6.28
CA GLU A 28 -1.67 -10.42 7.48
C GLU A 28 -2.03 -9.56 8.70
N LYS A 29 -1.37 -8.42 8.78
CA LYS A 29 -1.59 -7.52 9.90
C LYS A 29 -3.07 -7.17 10.00
N PHE A 30 -3.54 -6.46 8.98
CA PHE A 30 -4.93 -6.04 8.95
C PHE A 30 -5.85 -7.21 8.63
N GLY A 31 -5.24 -8.37 8.42
CA GLY A 31 -5.98 -9.58 8.12
C GLY A 31 -7.06 -9.31 7.07
N VAL A 32 -6.64 -8.73 5.96
CA VAL A 32 -7.56 -8.43 4.87
C VAL A 32 -7.10 -9.17 3.61
N SER A 33 -7.06 -10.48 3.72
CA SER A 33 -6.65 -11.32 2.60
C SER A 33 -7.87 -11.96 1.94
N ALA A 34 -7.96 -11.79 0.63
CA ALA A 34 -9.08 -12.34 -0.12
C ALA A 34 -10.37 -11.69 0.35
N ALA A 35 -10.74 -10.61 -0.31
CA ALA A 35 -11.96 -9.89 0.03
C ALA A 35 -12.36 -9.00 -1.15
N ALA A 36 -13.30 -9.50 -1.94
CA ALA A 36 -13.80 -8.75 -3.08
C ALA A 36 -13.99 -7.29 -2.68
N ALA A 37 -13.80 -6.41 -3.66
CA ALA A 37 -13.95 -4.98 -3.41
C ALA A 37 -13.92 -4.25 -4.75
N SER B 1 14.36 4.76 10.16
CA SER B 1 13.55 3.56 10.26
C SER B 1 12.61 3.47 9.06
N ILE B 2 13.20 3.13 7.92
CA ILE B 2 12.43 3.01 6.68
C ILE B 2 12.18 1.54 6.38
N THR B 3 11.49 0.88 7.30
CA THR B 3 11.20 -0.53 7.15
C THR B 3 9.76 -0.74 6.72
N LYS B 4 9.50 -1.91 6.13
CA LYS B 4 8.17 -2.24 5.66
C LYS B 4 7.18 -2.14 6.83
N ASP B 5 7.59 -2.70 7.95
CA ASP B 5 6.73 -2.72 9.13
C ASP B 5 6.35 -1.29 9.50
N GLN B 6 7.34 -0.42 9.45
CA GLN B 6 7.13 0.98 9.81
C GLN B 6 6.00 1.59 8.98
N ILE B 7 5.82 1.02 7.79
CA ILE B 7 4.81 1.53 6.87
C ILE B 7 3.44 0.97 7.29
N ILE B 8 3.46 -0.23 7.85
CA ILE B 8 2.24 -0.86 8.30
C ILE B 8 1.55 0.03 9.35
N GLU B 9 2.35 0.49 10.30
CA GLU B 9 1.84 1.33 11.37
C GLU B 9 1.36 2.66 10.80
N ALA B 10 1.81 2.96 9.60
CA ALA B 10 1.44 4.20 8.94
C ALA B 10 0.01 4.06 8.40
N VAL B 11 -0.24 2.94 7.75
CA VAL B 11 -1.55 2.68 7.18
C VAL B 11 -2.58 2.56 8.30
N ALA B 12 -2.07 2.30 9.50
CA ALA B 12 -2.94 2.15 10.65
C ALA B 12 -3.03 3.47 11.40
N ALA B 13 -2.39 4.49 10.82
CA ALA B 13 -2.38 5.80 11.44
C ALA B 13 -3.44 6.69 10.78
N MET B 14 -3.73 6.37 9.52
CA MET B 14 -4.69 7.15 8.76
C MET B 14 -6.05 6.46 8.73
N SER B 15 -7.03 7.19 8.20
CA SER B 15 -8.39 6.68 8.14
C SER B 15 -8.52 5.69 6.97
N VAL B 16 -9.56 4.87 7.03
CA VAL B 16 -9.82 3.89 5.99
C VAL B 16 -9.89 4.61 4.63
N MET B 17 -10.62 5.71 4.63
CA MET B 17 -10.78 6.49 3.42
C MET B 17 -9.43 6.91 2.83
N ASP B 18 -8.58 7.41 3.71
CA ASP B 18 -7.26 7.86 3.29
C ASP B 18 -6.51 6.70 2.65
N VAL B 19 -6.81 5.50 3.13
CA VAL B 19 -6.14 4.31 2.63
C VAL B 19 -6.76 3.89 1.30
N VAL B 20 -8.06 4.16 1.18
CA VAL B 20 -8.78 3.83 -0.03
C VAL B 20 -8.23 4.67 -1.19
N GLU B 21 -8.08 5.96 -0.93
CA GLU B 21 -7.54 6.88 -1.92
C GLU B 21 -6.10 6.49 -2.27
N LEU B 22 -5.35 6.16 -1.23
CA LEU B 22 -3.96 5.77 -1.40
C LEU B 22 -3.89 4.59 -2.37
N ILE B 23 -4.51 3.49 -1.97
CA ILE B 23 -4.50 2.29 -2.79
C ILE B 23 -4.99 2.63 -4.20
N SER B 24 -6.10 3.34 -4.25
CA SER B 24 -6.71 3.68 -5.53
C SER B 24 -5.70 4.40 -6.42
N ALA B 25 -4.91 5.26 -5.80
CA ALA B 25 -3.92 6.03 -6.53
C ALA B 25 -2.94 5.08 -7.22
N MET B 26 -2.33 4.23 -6.42
CA MET B 26 -1.37 3.26 -6.93
C MET B 26 -1.97 2.44 -8.06
N GLU B 27 -3.20 1.98 -7.83
CA GLU B 27 -3.89 1.16 -8.80
C GLU B 27 -3.79 1.79 -10.20
N GLU B 28 -4.04 3.08 -10.25
CA GLU B 28 -4.02 3.80 -11.51
C GLU B 28 -2.58 4.13 -11.92
N LYS B 29 -1.85 4.68 -10.96
CA LYS B 29 -0.47 5.09 -11.22
C LYS B 29 0.29 3.92 -11.87
N PHE B 30 0.43 2.85 -11.10
CA PHE B 30 1.15 1.68 -11.58
C PHE B 30 0.31 0.91 -12.59
N GLY B 31 -0.94 1.31 -12.71
CA GLY B 31 -1.84 0.68 -13.68
C GLY B 31 -1.69 -0.84 -13.65
N VAL B 32 -1.79 -1.39 -12.46
CA VAL B 32 -1.72 -2.84 -12.29
C VAL B 32 -2.98 -3.32 -11.56
N SER B 33 -4.10 -3.20 -12.24
CA SER B 33 -5.37 -3.63 -11.68
C SER B 33 -5.61 -5.11 -12.00
N ALA B 34 -5.00 -5.97 -11.20
CA ALA B 34 -5.14 -7.40 -11.40
C ALA B 34 -4.37 -8.14 -10.31
N ALA B 35 -5.12 -8.52 -9.27
CA ALA B 35 -4.52 -9.24 -8.15
C ALA B 35 -5.60 -10.06 -7.45
N ALA B 36 -5.50 -11.36 -7.60
CA ALA B 36 -6.45 -12.27 -6.97
C ALA B 36 -6.73 -11.79 -5.54
N ALA B 37 -8.01 -11.56 -5.28
CA ALA B 37 -8.42 -11.09 -3.97
C ALA B 37 -9.94 -11.06 -3.90
N SER A 1 5.55 16.86 4.57
CA SER A 1 4.93 16.45 3.32
C SER A 1 4.51 14.99 3.40
N ILE A 2 3.48 14.74 4.19
CA ILE A 2 2.97 13.38 4.36
C ILE A 2 1.67 13.23 3.58
N THR A 3 1.78 13.39 2.26
CA THR A 3 0.63 13.28 1.39
C THR A 3 0.53 11.87 0.81
N LYS A 4 -0.68 11.54 0.36
CA LYS A 4 -0.92 10.22 -0.19
C LYS A 4 0.02 9.98 -1.38
N ASP A 5 0.12 11.01 -2.22
CA ASP A 5 0.94 10.92 -3.41
C ASP A 5 2.38 10.61 -3.01
N GLN A 6 2.83 11.32 -1.98
CA GLN A 6 4.20 11.17 -1.52
C GLN A 6 4.49 9.70 -1.22
N ILE A 7 3.46 8.97 -0.85
CA ILE A 7 3.59 7.57 -0.52
C ILE A 7 3.72 6.75 -1.81
N ILE A 8 3.00 7.19 -2.83
CA ILE A 8 3.02 6.52 -4.11
C ILE A 8 4.47 6.43 -4.60
N GLU A 9 5.16 7.57 -4.53
CA GLU A 9 6.53 7.63 -4.99
C GLU A 9 7.43 6.79 -4.10
N ALA A 10 6.91 6.45 -2.93
CA ALA A 10 7.66 5.64 -1.98
C ALA A 10 7.66 4.18 -2.45
N VAL A 11 6.56 3.78 -3.06
CA VAL A 11 6.42 2.42 -3.55
C VAL A 11 7.13 2.31 -4.91
N ALA A 12 7.34 3.46 -5.53
CA ALA A 12 8.00 3.51 -6.82
C ALA A 12 9.51 3.61 -6.60
N ALA A 13 9.89 3.69 -5.33
CA ALA A 13 11.29 3.84 -4.97
C ALA A 13 11.87 2.46 -4.63
N MET A 14 10.99 1.57 -4.20
CA MET A 14 11.41 0.24 -3.80
C MET A 14 11.21 -0.76 -4.95
N SER A 15 11.77 -1.94 -4.77
CA SER A 15 11.67 -2.98 -5.78
C SER A 15 10.31 -3.64 -5.71
N VAL A 16 9.99 -4.40 -6.77
CA VAL A 16 8.70 -5.07 -6.85
C VAL A 16 8.59 -6.07 -5.69
N MET A 17 9.66 -6.84 -5.51
CA MET A 17 9.69 -7.84 -4.45
C MET A 17 9.53 -7.18 -3.07
N ASP A 18 10.28 -6.11 -2.87
CA ASP A 18 10.24 -5.39 -1.61
C ASP A 18 8.81 -4.91 -1.36
N VAL A 19 8.12 -4.60 -2.45
CA VAL A 19 6.76 -4.07 -2.36
C VAL A 19 5.79 -5.22 -2.07
N VAL A 20 6.12 -6.39 -2.61
CA VAL A 20 5.30 -7.56 -2.40
C VAL A 20 5.21 -7.87 -0.90
N GLU A 21 6.35 -7.74 -0.24
CA GLU A 21 6.41 -7.99 1.19
C GLU A 21 5.54 -6.97 1.93
N LEU A 22 5.70 -5.71 1.56
CA LEU A 22 4.93 -4.64 2.17
C LEU A 22 3.44 -4.97 2.08
N ILE A 23 2.96 -5.03 0.84
CA ILE A 23 1.55 -5.30 0.60
C ILE A 23 1.13 -6.55 1.37
N SER A 24 2.01 -7.55 1.35
CA SER A 24 1.71 -8.82 1.97
C SER A 24 1.52 -8.64 3.48
N ALA A 25 2.36 -7.81 4.05
CA ALA A 25 2.30 -7.55 5.49
C ALA A 25 0.92 -7.01 5.84
N MET A 26 0.54 -5.93 5.16
CA MET A 26 -0.75 -5.32 5.40
C MET A 26 -1.89 -6.34 5.23
N GLU A 27 -1.80 -7.11 4.15
CA GLU A 27 -2.81 -8.10 3.86
C GLU A 27 -3.11 -8.94 5.11
N GLU A 28 -2.04 -9.36 5.76
CA GLU A 28 -2.17 -10.23 6.92
C GLU A 28 -2.55 -9.40 8.15
N LYS A 29 -1.85 -8.30 8.31
CA LYS A 29 -2.07 -7.43 9.47
C LYS A 29 -3.55 -7.03 9.52
N PHE A 30 -3.96 -6.27 8.51
CA PHE A 30 -5.33 -5.81 8.44
C PHE A 30 -6.27 -6.93 8.02
N GLY A 31 -5.67 -8.09 7.76
CA GLY A 31 -6.45 -9.26 7.38
C GLY A 31 -7.51 -8.90 6.33
N VAL A 32 -7.05 -8.26 5.27
CA VAL A 32 -7.95 -7.86 4.20
C VAL A 32 -7.71 -8.75 2.97
N SER A 33 -7.81 -10.06 3.19
CA SER A 33 -7.61 -11.02 2.13
C SER A 33 -8.95 -11.56 1.65
N ALA A 34 -9.05 -11.75 0.34
CA ALA A 34 -10.28 -12.26 -0.26
C ALA A 34 -10.03 -12.58 -1.73
N ALA A 35 -9.29 -13.66 -1.94
CA ALA A 35 -8.99 -14.09 -3.30
C ALA A 35 -8.53 -15.56 -3.27
N ALA A 36 -9.50 -16.45 -3.24
CA ALA A 36 -9.21 -17.87 -3.22
C ALA A 36 -8.10 -18.17 -4.23
N ALA A 37 -6.93 -18.46 -3.69
CA ALA A 37 -5.77 -18.77 -4.52
C ALA A 37 -4.66 -19.33 -3.65
N SER B 1 14.11 5.73 10.05
CA SER B 1 13.50 4.42 10.16
C SER B 1 12.36 4.30 9.13
N ILE B 2 12.76 4.13 7.88
CA ILE B 2 11.80 3.96 6.81
C ILE B 2 11.75 2.48 6.41
N THR B 3 11.39 1.66 7.38
CA THR B 3 11.32 0.22 7.14
C THR B 3 9.90 -0.18 6.72
N LYS B 4 9.81 -1.33 6.08
CA LYS B 4 8.53 -1.83 5.61
C LYS B 4 7.55 -1.86 6.79
N ASP B 5 8.02 -2.35 7.92
CA ASP B 5 7.18 -2.47 9.10
C ASP B 5 6.68 -1.08 9.49
N GLN B 6 7.60 -0.14 9.57
CA GLN B 6 7.28 1.22 9.96
C GLN B 6 6.10 1.74 9.12
N ILE B 7 6.01 1.23 7.91
CA ILE B 7 4.97 1.67 6.98
C ILE B 7 3.64 1.02 7.37
N ILE B 8 3.74 -0.20 7.89
CA ILE B 8 2.56 -0.93 8.31
C ILE B 8 1.79 -0.11 9.35
N GLU B 9 2.54 0.35 10.35
CA GLU B 9 1.94 1.12 11.42
C GLU B 9 1.45 2.48 10.89
N ALA B 10 1.92 2.81 9.70
CA ALA B 10 1.57 4.08 9.08
C ALA B 10 0.15 3.99 8.52
N VAL B 11 -0.11 2.91 7.82
CA VAL B 11 -1.42 2.69 7.22
C VAL B 11 -2.45 2.45 8.33
N ALA B 12 -1.94 2.09 9.50
CA ALA B 12 -2.80 1.84 10.64
C ALA B 12 -2.94 3.13 11.46
N ALA B 13 -2.41 4.20 10.89
CA ALA B 13 -2.47 5.49 11.56
C ALA B 13 -3.53 6.36 10.91
N MET B 14 -3.77 6.09 9.64
CA MET B 14 -4.75 6.86 8.86
C MET B 14 -6.11 6.16 8.87
N SER B 15 -7.11 6.89 8.39
CA SER B 15 -8.46 6.35 8.32
C SER B 15 -8.61 5.41 7.13
N VAL B 16 -9.65 4.60 7.18
CA VAL B 16 -9.90 3.64 6.11
C VAL B 16 -10.04 4.38 4.78
N MET B 17 -10.80 5.47 4.83
CA MET B 17 -11.02 6.28 3.65
C MET B 17 -9.70 6.76 3.05
N ASP B 18 -8.85 7.27 3.93
CA ASP B 18 -7.57 7.82 3.49
C ASP B 18 -6.73 6.70 2.88
N VAL B 19 -7.01 5.48 3.31
CA VAL B 19 -6.26 4.32 2.86
C VAL B 19 -6.87 3.82 1.54
N VAL B 20 -8.18 4.04 1.41
CA VAL B 20 -8.89 3.63 0.21
C VAL B 20 -8.42 4.48 -0.98
N GLU B 21 -8.24 5.76 -0.71
CA GLU B 21 -7.78 6.69 -1.74
C GLU B 21 -6.33 6.36 -2.13
N LEU B 22 -5.52 6.12 -1.12
CA LEU B 22 -4.13 5.77 -1.35
C LEU B 22 -4.06 4.56 -2.28
N ILE B 23 -4.62 3.46 -1.82
CA ILE B 23 -4.62 2.23 -2.59
C ILE B 23 -5.12 2.51 -4.01
N SER B 24 -6.21 3.26 -4.08
CA SER B 24 -6.83 3.57 -5.35
C SER B 24 -5.84 4.33 -6.23
N ALA B 25 -5.07 5.20 -5.60
CA ALA B 25 -4.09 5.99 -6.32
C ALA B 25 -3.07 5.07 -7.00
N MET B 26 -2.35 4.32 -6.17
CA MET B 26 -1.36 3.39 -6.69
C MET B 26 -1.95 2.50 -7.77
N GLU B 27 -3.18 2.04 -7.53
CA GLU B 27 -3.85 1.17 -8.47
C GLU B 27 -3.80 1.77 -9.88
N GLU B 28 -4.06 3.07 -9.94
CA GLU B 28 -4.09 3.77 -11.22
C GLU B 28 -2.67 4.09 -11.69
N LYS B 29 -1.89 4.65 -10.76
CA LYS B 29 -0.54 5.06 -11.08
C LYS B 29 0.23 3.87 -11.67
N PHE B 30 0.41 2.85 -10.85
CA PHE B 30 1.12 1.67 -11.27
C PHE B 30 0.28 0.83 -12.24
N GLY B 31 -0.97 1.24 -12.39
CA GLY B 31 -1.89 0.54 -13.26
C GLY B 31 -1.92 -0.96 -12.93
N VAL B 32 -2.30 -1.25 -11.69
CA VAL B 32 -2.41 -2.63 -11.25
C VAL B 32 -3.76 -2.81 -10.52
N SER B 33 -4.82 -2.79 -11.31
CA SER B 33 -6.16 -2.93 -10.76
C SER B 33 -6.70 -4.33 -11.06
N ALA B 34 -6.34 -5.27 -10.21
CA ALA B 34 -6.79 -6.64 -10.36
C ALA B 34 -6.35 -7.16 -11.74
N ALA B 35 -5.04 -7.29 -11.90
CA ALA B 35 -4.48 -7.77 -13.14
C ALA B 35 -4.89 -6.83 -14.27
N ALA B 36 -4.00 -5.89 -14.57
CA ALA B 36 -4.25 -4.93 -15.63
C ALA B 36 -4.89 -5.65 -16.83
N ALA B 37 -6.09 -5.20 -17.17
CA ALA B 37 -6.81 -5.80 -18.28
C ALA B 37 -6.84 -4.81 -19.45
N SER A 1 5.22 15.48 5.99
CA SER A 1 4.64 15.34 4.67
C SER A 1 4.22 13.89 4.44
N ILE A 2 3.16 13.49 5.12
CA ILE A 2 2.65 12.13 5.00
C ILE A 2 1.42 12.15 4.09
N THR A 3 1.63 12.61 2.86
CA THR A 3 0.55 12.68 1.89
C THR A 3 0.41 11.33 1.16
N LYS A 4 -0.76 11.14 0.59
CA LYS A 4 -1.04 9.91 -0.14
C LYS A 4 -0.02 9.75 -1.27
N ASP A 5 0.17 10.84 -2.01
CA ASP A 5 1.07 10.82 -3.14
C ASP A 5 2.48 10.45 -2.66
N GLN A 6 2.84 10.98 -1.51
CA GLN A 6 4.16 10.76 -0.95
C GLN A 6 4.42 9.26 -0.78
N ILE A 7 3.32 8.53 -0.61
CA ILE A 7 3.41 7.09 -0.44
C ILE A 7 3.60 6.42 -1.79
N ILE A 8 2.96 7.01 -2.80
CA ILE A 8 3.01 6.46 -4.15
C ILE A 8 4.47 6.42 -4.61
N GLU A 9 5.13 7.56 -4.48
CA GLU A 9 6.52 7.68 -4.92
C GLU A 9 7.42 6.79 -4.06
N ALA A 10 6.89 6.40 -2.91
CA ALA A 10 7.65 5.58 -1.98
C ALA A 10 7.69 4.13 -2.49
N VAL A 11 6.59 3.72 -3.08
CA VAL A 11 6.48 2.37 -3.61
C VAL A 11 7.32 2.25 -4.88
N ALA A 12 7.43 3.38 -5.58
CA ALA A 12 8.20 3.43 -6.81
C ALA A 12 9.68 3.60 -6.49
N ALA A 13 9.96 3.69 -5.20
CA ALA A 13 11.32 3.88 -4.74
C ALA A 13 11.94 2.51 -4.41
N MET A 14 11.08 1.59 -4.02
CA MET A 14 11.52 0.26 -3.66
C MET A 14 11.32 -0.72 -4.81
N SER A 15 11.86 -1.91 -4.64
CA SER A 15 11.76 -2.94 -5.66
C SER A 15 10.37 -3.60 -5.58
N VAL A 16 10.01 -4.28 -6.66
CA VAL A 16 8.72 -4.94 -6.74
C VAL A 16 8.61 -5.97 -5.61
N MET A 17 9.67 -6.73 -5.45
CA MET A 17 9.70 -7.76 -4.42
C MET A 17 9.48 -7.14 -3.03
N ASP A 18 10.19 -6.06 -2.78
CA ASP A 18 10.11 -5.39 -1.50
C ASP A 18 8.67 -4.90 -1.28
N VAL A 19 8.01 -4.62 -2.38
CA VAL A 19 6.65 -4.11 -2.33
C VAL A 19 5.68 -5.27 -2.10
N VAL A 20 6.07 -6.43 -2.59
CA VAL A 20 5.26 -7.63 -2.43
C VAL A 20 5.23 -8.02 -0.95
N GLU A 21 6.36 -7.80 -0.29
CA GLU A 21 6.47 -8.10 1.12
C GLU A 21 5.55 -7.19 1.93
N LEU A 22 5.62 -5.90 1.63
CA LEU A 22 4.78 -4.92 2.28
C LEU A 22 3.31 -5.33 2.12
N ILE A 23 2.88 -5.37 0.87
CA ILE A 23 1.50 -5.70 0.57
C ILE A 23 1.10 -6.96 1.35
N SER A 24 2.05 -7.87 1.47
CA SER A 24 1.79 -9.13 2.14
C SER A 24 1.65 -8.89 3.65
N ALA A 25 2.49 -8.01 4.16
CA ALA A 25 2.47 -7.69 5.58
C ALA A 25 1.10 -7.15 5.96
N MET A 26 0.70 -6.08 5.29
CA MET A 26 -0.58 -5.47 5.55
C MET A 26 -1.72 -6.49 5.46
N GLU A 27 -1.66 -7.28 4.41
CA GLU A 27 -2.69 -8.30 4.18
C GLU A 27 -2.93 -9.09 5.46
N GLU A 28 -1.84 -9.48 6.10
CA GLU A 28 -1.92 -10.32 7.29
C GLU A 28 -2.25 -9.46 8.51
N LYS A 29 -1.54 -8.34 8.63
CA LYS A 29 -1.73 -7.45 9.76
C LYS A 29 -3.19 -7.03 9.84
N PHE A 30 -3.62 -6.30 8.81
CA PHE A 30 -5.00 -5.82 8.76
C PHE A 30 -5.96 -6.97 8.44
N GLY A 31 -5.39 -8.14 8.23
CA GLY A 31 -6.19 -9.32 7.94
C GLY A 31 -7.25 -9.01 6.89
N VAL A 32 -6.80 -8.48 5.77
CA VAL A 32 -7.70 -8.16 4.68
C VAL A 32 -7.14 -8.76 3.38
N SER A 33 -7.12 -10.08 3.34
CA SER A 33 -6.63 -10.78 2.16
C SER A 33 -7.80 -11.42 1.41
N ALA A 34 -7.62 -11.56 0.10
CA ALA A 34 -8.65 -12.16 -0.73
C ALA A 34 -9.93 -11.34 -0.62
N ALA A 35 -10.06 -10.38 -1.53
CA ALA A 35 -11.23 -9.50 -1.54
C ALA A 35 -11.37 -8.88 -2.93
N ALA A 36 -12.00 -9.65 -3.82
CA ALA A 36 -12.21 -9.18 -5.19
C ALA A 36 -13.03 -10.23 -5.95
N ALA A 37 -14.17 -9.77 -6.44
CA ALA A 37 -15.06 -10.66 -7.19
C ALA A 37 -14.43 -10.96 -8.56
N SER B 1 14.64 5.83 8.82
CA SER B 1 14.09 4.52 9.11
C SER B 1 12.77 4.33 8.34
N ILE B 2 12.91 4.12 7.04
CA ILE B 2 11.75 3.92 6.19
C ILE B 2 11.59 2.42 5.91
N THR B 3 11.44 1.66 6.98
CA THR B 3 11.29 0.22 6.86
C THR B 3 9.85 -0.13 6.48
N LYS B 4 9.69 -1.33 5.92
CA LYS B 4 8.38 -1.80 5.54
C LYS B 4 7.45 -1.75 6.75
N ASP B 5 7.96 -2.22 7.88
CA ASP B 5 7.17 -2.29 9.09
C ASP B 5 6.64 -0.91 9.44
N GLN B 6 7.52 0.08 9.31
CA GLN B 6 7.15 1.45 9.62
C GLN B 6 5.97 1.90 8.77
N ILE B 7 5.88 1.30 7.59
CA ILE B 7 4.82 1.65 6.65
C ILE B 7 3.52 0.96 7.09
N ILE B 8 3.68 -0.19 7.71
CA ILE B 8 2.53 -0.95 8.18
C ILE B 8 1.72 -0.10 9.15
N GLU B 9 2.42 0.44 10.13
CA GLU B 9 1.77 1.26 11.15
C GLU B 9 1.37 2.62 10.57
N ALA B 10 1.93 2.92 9.41
CA ALA B 10 1.66 4.18 8.76
C ALA B 10 0.26 4.16 8.14
N VAL B 11 -0.13 2.98 7.68
CA VAL B 11 -1.44 2.79 7.09
C VAL B 11 -2.49 2.66 8.20
N ALA B 12 -2.04 2.17 9.34
CA ALA B 12 -2.92 1.99 10.48
C ALA B 12 -3.00 3.29 11.27
N ALA B 13 -2.31 4.30 10.75
CA ALA B 13 -2.29 5.60 11.39
C ALA B 13 -3.35 6.51 10.74
N MET B 14 -3.63 6.22 9.48
CA MET B 14 -4.59 7.00 8.73
C MET B 14 -5.98 6.33 8.74
N SER B 15 -6.96 7.08 8.27
CA SER B 15 -8.33 6.59 8.25
C SER B 15 -8.52 5.61 7.09
N VAL B 16 -9.55 4.80 7.21
CA VAL B 16 -9.85 3.82 6.16
C VAL B 16 -10.00 4.54 4.82
N MET B 17 -10.74 5.64 4.86
CA MET B 17 -10.97 6.42 3.66
C MET B 17 -9.65 6.81 2.98
N ASP B 18 -8.74 7.30 3.80
CA ASP B 18 -7.45 7.75 3.30
C ASP B 18 -6.72 6.57 2.65
N VAL B 19 -7.06 5.37 3.11
CA VAL B 19 -6.42 4.17 2.62
C VAL B 19 -7.09 3.74 1.32
N VAL B 20 -8.37 4.06 1.21
CA VAL B 20 -9.12 3.76 0.01
C VAL B 20 -8.61 4.65 -1.14
N GLU B 21 -8.39 5.91 -0.83
CA GLU B 21 -7.88 6.85 -1.80
C GLU B 21 -6.44 6.48 -2.19
N LEU B 22 -5.65 6.16 -1.17
CA LEU B 22 -4.27 5.77 -1.38
C LEU B 22 -4.22 4.61 -2.38
N ILE B 23 -4.83 3.50 -1.98
CA ILE B 23 -4.86 2.31 -2.82
C ILE B 23 -5.28 2.71 -4.23
N SER B 24 -6.40 3.42 -4.31
CA SER B 24 -6.95 3.83 -5.59
C SER B 24 -5.89 4.59 -6.39
N ALA B 25 -5.11 5.39 -5.67
CA ALA B 25 -4.08 6.19 -6.30
C ALA B 25 -3.08 5.27 -7.01
N MET B 26 -2.37 4.49 -6.20
CA MET B 26 -1.36 3.58 -6.73
C MET B 26 -1.94 2.73 -7.86
N GLU B 27 -3.18 2.29 -7.66
CA GLU B 27 -3.84 1.47 -8.66
C GLU B 27 -3.76 2.12 -10.04
N GLU B 28 -3.99 3.42 -10.06
CA GLU B 28 -3.97 4.16 -11.31
C GLU B 28 -2.53 4.46 -11.73
N LYS B 29 -1.75 4.95 -10.77
CA LYS B 29 -0.37 5.31 -11.03
C LYS B 29 0.36 4.11 -11.64
N PHE B 30 0.49 3.06 -10.83
CA PHE B 30 1.19 1.86 -11.27
C PHE B 30 0.34 1.06 -12.25
N GLY B 31 -0.87 1.55 -12.48
CA GLY B 31 -1.78 0.90 -13.40
C GLY B 31 -1.87 -0.60 -13.11
N VAL B 32 -2.24 -0.92 -11.88
CA VAL B 32 -2.41 -2.31 -11.48
C VAL B 32 -3.79 -2.49 -10.88
N SER B 33 -4.80 -2.31 -11.72
CA SER B 33 -6.18 -2.47 -11.29
C SER B 33 -6.76 -3.76 -11.86
N ALA B 34 -6.33 -4.87 -11.27
CA ALA B 34 -6.79 -6.18 -11.71
C ALA B 34 -7.45 -6.90 -10.53
N ALA B 35 -8.56 -6.33 -10.08
CA ALA B 35 -9.29 -6.90 -8.96
C ALA B 35 -10.54 -6.05 -8.68
N ALA B 36 -11.50 -6.17 -9.58
CA ALA B 36 -12.74 -5.43 -9.46
C ALA B 36 -12.43 -3.92 -9.51
N ALA B 37 -13.42 -3.17 -9.95
CA ALA B 37 -13.26 -1.72 -10.05
C ALA B 37 -13.36 -1.10 -8.65
N SER A 1 5.68 17.07 5.14
CA SER A 1 5.05 16.72 3.89
C SER A 1 4.72 15.21 3.86
N ILE A 2 3.72 14.85 4.66
CA ILE A 2 3.30 13.46 4.74
C ILE A 2 1.99 13.29 3.96
N THR A 3 2.05 13.60 2.68
CA THR A 3 0.89 13.48 1.82
C THR A 3 0.81 12.07 1.23
N LYS A 4 -0.40 11.72 0.81
CA LYS A 4 -0.63 10.40 0.22
C LYS A 4 0.23 10.25 -1.03
N ASP A 5 0.23 11.30 -1.84
CA ASP A 5 0.99 11.27 -3.08
C ASP A 5 2.45 10.97 -2.78
N GLN A 6 2.94 11.59 -1.72
CA GLN A 6 4.33 11.41 -1.33
C GLN A 6 4.65 9.94 -1.08
N ILE A 7 3.61 9.21 -0.71
CA ILE A 7 3.76 7.79 -0.43
C ILE A 7 3.77 7.01 -1.75
N ILE A 8 3.07 7.56 -2.73
CA ILE A 8 2.97 6.92 -4.03
C ILE A 8 4.38 6.80 -4.64
N GLU A 9 5.09 7.91 -4.65
CA GLU A 9 6.41 7.95 -5.22
C GLU A 9 7.37 7.10 -4.39
N ALA A 10 6.95 6.82 -3.16
CA ALA A 10 7.77 6.04 -2.25
C ALA A 10 7.71 4.57 -2.65
N VAL A 11 6.54 4.17 -3.16
CA VAL A 11 6.34 2.79 -3.58
C VAL A 11 6.93 2.60 -4.98
N ALA A 12 7.12 3.72 -5.66
CA ALA A 12 7.70 3.70 -7.00
C ALA A 12 9.22 3.81 -6.89
N ALA A 13 9.68 3.88 -5.65
CA ALA A 13 11.12 3.98 -5.40
C ALA A 13 11.66 2.62 -4.99
N MET A 14 10.76 1.78 -4.48
CA MET A 14 11.15 0.47 -4.03
C MET A 14 11.00 -0.58 -5.14
N SER A 15 11.52 -1.76 -4.88
CA SER A 15 11.45 -2.84 -5.85
C SER A 15 10.08 -3.51 -5.77
N VAL A 16 9.73 -4.21 -6.85
CA VAL A 16 8.46 -4.89 -6.92
C VAL A 16 8.30 -5.83 -5.72
N MET A 17 9.38 -6.57 -5.45
CA MET A 17 9.38 -7.50 -4.34
C MET A 17 9.10 -6.80 -3.02
N ASP A 18 9.79 -5.68 -2.83
CA ASP A 18 9.66 -4.91 -1.60
C ASP A 18 8.20 -4.50 -1.42
N VAL A 19 7.49 -4.39 -2.53
CA VAL A 19 6.10 -3.99 -2.50
C VAL A 19 5.21 -5.20 -2.22
N VAL A 20 5.58 -6.31 -2.83
CA VAL A 20 4.83 -7.55 -2.64
C VAL A 20 4.85 -7.92 -1.17
N GLU A 21 5.99 -7.68 -0.53
CA GLU A 21 6.13 -7.98 0.89
C GLU A 21 5.28 -7.04 1.72
N LEU A 22 5.33 -5.76 1.36
CA LEU A 22 4.56 -4.74 2.07
C LEU A 22 3.09 -5.15 2.08
N ILE A 23 2.51 -5.24 0.90
CA ILE A 23 1.11 -5.59 0.76
C ILE A 23 0.82 -6.87 1.55
N SER A 24 1.69 -7.85 1.35
CA SER A 24 1.53 -9.14 2.00
C SER A 24 1.47 -8.95 3.51
N ALA A 25 2.30 -8.04 4.00
CA ALA A 25 2.35 -7.75 5.42
C ALA A 25 0.98 -7.27 5.89
N MET A 26 0.59 -6.11 5.38
CA MET A 26 -0.67 -5.50 5.77
C MET A 26 -1.82 -6.51 5.70
N GLU A 27 -1.77 -7.32 4.65
CA GLU A 27 -2.81 -8.32 4.44
C GLU A 27 -3.02 -9.15 5.72
N GLU A 28 -1.90 -9.57 6.29
CA GLU A 28 -1.95 -10.38 7.50
C GLU A 28 -2.18 -9.49 8.73
N LYS A 29 -1.38 -8.44 8.81
CA LYS A 29 -1.47 -7.53 9.95
C LYS A 29 -2.93 -7.14 10.18
N PHE A 30 -3.48 -6.41 9.22
CA PHE A 30 -4.85 -5.95 9.32
C PHE A 30 -5.84 -7.10 9.11
N GLY A 31 -5.30 -8.23 8.67
CA GLY A 31 -6.11 -9.41 8.44
C GLY A 31 -7.40 -9.06 7.69
N VAL A 32 -7.22 -8.41 6.55
CA VAL A 32 -8.34 -8.09 5.68
C VAL A 32 -8.05 -8.55 4.27
N SER A 33 -8.05 -9.87 4.10
CA SER A 33 -7.82 -10.47 2.79
C SER A 33 -9.15 -10.95 2.19
N ALA A 34 -9.63 -10.18 1.23
CA ALA A 34 -10.88 -10.51 0.58
C ALA A 34 -10.59 -11.02 -0.83
N ALA A 35 -9.83 -12.10 -0.89
CA ALA A 35 -9.47 -12.70 -2.17
C ALA A 35 -9.10 -11.59 -3.15
N ALA A 36 -7.90 -11.07 -2.98
CA ALA A 36 -7.42 -10.00 -3.85
C ALA A 36 -7.84 -10.29 -5.29
N ALA A 37 -8.72 -9.44 -5.80
CA ALA A 37 -9.21 -9.59 -7.17
C ALA A 37 -9.58 -8.22 -7.73
N SER B 1 14.53 5.26 8.93
CA SER B 1 13.94 3.96 9.23
C SER B 1 12.59 3.83 8.52
N ILE B 2 12.66 3.65 7.21
CA ILE B 2 11.45 3.50 6.41
C ILE B 2 11.28 2.02 6.05
N THR B 3 11.18 1.20 7.08
CA THR B 3 11.00 -0.23 6.88
C THR B 3 9.56 -0.54 6.48
N LYS B 4 9.38 -1.70 5.87
CA LYS B 4 8.06 -2.13 5.44
C LYS B 4 7.10 -2.07 6.63
N ASP B 5 7.57 -2.59 7.76
CA ASP B 5 6.74 -2.65 8.95
C ASP B 5 6.36 -1.23 9.38
N GLN B 6 7.36 -0.35 9.35
CA GLN B 6 7.15 1.02 9.76
C GLN B 6 6.00 1.65 8.97
N ILE B 7 5.84 1.16 7.74
CA ILE B 7 4.81 1.69 6.86
C ILE B 7 3.45 1.14 7.28
N ILE B 8 3.46 -0.10 7.75
CA ILE B 8 2.25 -0.75 8.22
C ILE B 8 1.59 0.14 9.29
N GLU B 9 2.42 0.59 10.22
CA GLU B 9 1.93 1.40 11.32
C GLU B 9 1.37 2.72 10.78
N ALA B 10 1.76 3.05 9.56
CA ALA B 10 1.31 4.27 8.94
C ALA B 10 -0.13 4.09 8.45
N VAL B 11 -0.37 2.94 7.85
CA VAL B 11 -1.70 2.63 7.33
C VAL B 11 -2.67 2.45 8.50
N ALA B 12 -2.10 2.24 9.67
CA ALA B 12 -2.90 2.05 10.88
C ALA B 12 -3.07 3.39 11.58
N ALA B 13 -2.40 4.40 11.05
CA ALA B 13 -2.45 5.72 11.65
C ALA B 13 -3.51 6.56 10.92
N MET B 14 -3.80 6.15 9.69
CA MET B 14 -4.78 6.86 8.89
C MET B 14 -6.12 6.11 8.86
N SER B 15 -7.12 6.77 8.29
CA SER B 15 -8.45 6.18 8.20
C SER B 15 -8.50 5.18 7.05
N VAL B 16 -9.54 4.37 7.06
CA VAL B 16 -9.71 3.36 6.02
C VAL B 16 -9.85 4.05 4.66
N MET B 17 -10.68 5.09 4.65
CA MET B 17 -10.91 5.83 3.42
C MET B 17 -9.60 6.42 2.89
N ASP B 18 -8.84 7.02 3.79
CA ASP B 18 -7.58 7.64 3.43
C ASP B 18 -6.66 6.58 2.81
N VAL B 19 -6.84 5.35 3.27
CA VAL B 19 -6.00 4.25 2.81
C VAL B 19 -6.54 3.72 1.48
N VAL B 20 -7.84 3.87 1.31
CA VAL B 20 -8.49 3.43 0.08
C VAL B 20 -8.03 4.31 -1.08
N GLU B 21 -7.90 5.60 -0.78
CA GLU B 21 -7.45 6.55 -1.79
C GLU B 21 -6.01 6.26 -2.20
N LEU B 22 -5.17 6.05 -1.20
CA LEU B 22 -3.78 5.71 -1.44
C LEU B 22 -3.71 4.50 -2.36
N ILE B 23 -4.25 3.39 -1.89
CA ILE B 23 -4.22 2.15 -2.65
C ILE B 23 -4.74 2.41 -4.06
N SER B 24 -5.77 3.25 -4.13
CA SER B 24 -6.42 3.53 -5.40
C SER B 24 -5.45 4.28 -6.31
N ALA B 25 -4.68 5.17 -5.71
CA ALA B 25 -3.73 5.97 -6.46
C ALA B 25 -2.74 5.04 -7.16
N MET B 26 -2.11 4.19 -6.36
CA MET B 26 -1.14 3.25 -6.89
C MET B 26 -1.75 2.41 -8.00
N GLU B 27 -2.94 1.89 -7.73
CA GLU B 27 -3.63 1.04 -8.69
C GLU B 27 -3.58 1.67 -10.08
N GLU B 28 -3.88 2.96 -10.13
CA GLU B 28 -3.94 3.67 -11.39
C GLU B 28 -2.53 4.05 -11.85
N LYS B 29 -1.77 4.61 -10.92
CA LYS B 29 -0.42 5.05 -11.23
C LYS B 29 0.35 3.91 -11.89
N PHE B 30 0.54 2.85 -11.11
CA PHE B 30 1.27 1.70 -11.60
C PHE B 30 0.44 0.88 -12.59
N GLY B 31 -0.83 1.26 -12.68
CA GLY B 31 -1.75 0.58 -13.59
C GLY B 31 -1.64 -0.94 -13.44
N VAL B 32 -1.85 -1.40 -12.21
CA VAL B 32 -1.81 -2.83 -11.93
C VAL B 32 -2.94 -3.19 -10.96
N SER B 33 -4.15 -3.25 -11.52
CA SER B 33 -5.31 -3.61 -10.74
C SER B 33 -5.88 -4.95 -11.21
N ALA B 34 -5.14 -6.01 -10.90
CA ALA B 34 -5.55 -7.35 -11.30
C ALA B 34 -5.02 -8.36 -10.28
N ALA B 35 -5.71 -8.42 -9.16
CA ALA B 35 -5.33 -9.34 -8.10
C ALA B 35 -3.86 -9.09 -7.72
N ALA B 36 -3.67 -8.30 -6.69
CA ALA B 36 -2.34 -8.00 -6.21
C ALA B 36 -1.49 -9.27 -6.23
N ALA B 37 -0.30 -9.14 -6.77
CA ALA B 37 0.62 -10.27 -6.86
C ALA B 37 1.24 -10.53 -5.48
N SER A 1 6.33 16.31 5.67
CA SER A 1 5.54 16.15 4.46
C SER A 1 5.23 14.67 4.23
N ILE A 2 4.36 14.14 5.06
CA ILE A 2 3.97 12.74 4.94
C ILE A 2 2.61 12.66 4.25
N THR A 3 2.56 13.19 3.03
CA THR A 3 1.33 13.17 2.26
C THR A 3 1.13 11.80 1.60
N LYS A 4 -0.11 11.53 1.23
CA LYS A 4 -0.44 10.27 0.59
C LYS A 4 0.45 10.07 -0.64
N ASP A 5 0.57 11.14 -1.42
CA ASP A 5 1.34 11.08 -2.65
C ASP A 5 2.79 10.70 -2.31
N GLN A 6 3.32 11.35 -1.29
CA GLN A 6 4.69 11.11 -0.88
C GLN A 6 4.92 9.61 -0.67
N ILE A 7 3.85 8.92 -0.30
CA ILE A 7 3.93 7.49 -0.04
C ILE A 7 3.85 6.73 -1.36
N ILE A 8 3.15 7.33 -2.32
CA ILE A 8 2.99 6.72 -3.62
C ILE A 8 4.35 6.63 -4.31
N GLU A 9 5.04 7.76 -4.34
CA GLU A 9 6.34 7.83 -4.99
C GLU A 9 7.37 7.00 -4.22
N ALA A 10 7.01 6.70 -2.97
CA ALA A 10 7.90 5.94 -2.11
C ALA A 10 7.88 4.46 -2.51
N VAL A 11 6.69 4.02 -2.89
CA VAL A 11 6.52 2.64 -3.32
C VAL A 11 7.11 2.47 -4.71
N ALA A 12 7.15 3.56 -5.45
CA ALA A 12 7.69 3.55 -6.80
C ALA A 12 9.20 3.84 -6.74
N ALA A 13 9.74 3.73 -5.54
CA ALA A 13 11.16 3.96 -5.33
C ALA A 13 11.85 2.62 -5.05
N MET A 14 11.09 1.70 -4.49
CA MET A 14 11.63 0.40 -4.16
C MET A 14 11.37 -0.61 -5.28
N SER A 15 11.97 -1.78 -5.13
CA SER A 15 11.85 -2.82 -6.14
C SER A 15 10.49 -3.52 -6.01
N VAL A 16 10.13 -4.25 -7.05
CA VAL A 16 8.84 -4.93 -7.08
C VAL A 16 8.74 -5.86 -5.87
N MET A 17 9.82 -6.57 -5.62
CA MET A 17 9.87 -7.50 -4.50
C MET A 17 9.53 -6.80 -3.18
N ASP A 18 10.13 -5.63 -3.00
CA ASP A 18 9.91 -4.86 -1.79
C ASP A 18 8.43 -4.45 -1.71
N VAL A 19 7.83 -4.31 -2.87
CA VAL A 19 6.43 -3.90 -2.94
C VAL A 19 5.54 -5.11 -2.67
N VAL A 20 6.04 -6.28 -3.04
CA VAL A 20 5.31 -7.51 -2.83
C VAL A 20 5.22 -7.79 -1.32
N GLU A 21 6.34 -7.58 -0.64
CA GLU A 21 6.39 -7.79 0.79
C GLU A 21 5.42 -6.86 1.51
N LEU A 22 5.46 -5.59 1.11
CA LEU A 22 4.58 -4.60 1.70
C LEU A 22 3.14 -5.07 1.59
N ILE A 23 2.67 -5.18 0.35
CA ILE A 23 1.30 -5.60 0.09
C ILE A 23 0.97 -6.82 0.96
N SER A 24 1.86 -7.80 0.91
CA SER A 24 1.65 -9.03 1.62
C SER A 24 1.52 -8.76 3.12
N ALA A 25 2.30 -7.80 3.58
CA ALA A 25 2.32 -7.45 4.99
C ALA A 25 0.91 -7.03 5.43
N MET A 26 0.49 -5.88 4.92
CA MET A 26 -0.80 -5.34 5.27
C MET A 26 -1.90 -6.38 5.08
N GLU A 27 -1.73 -7.20 4.05
CA GLU A 27 -2.71 -8.22 3.72
C GLU A 27 -2.96 -9.12 4.94
N GLU A 28 -1.86 -9.51 5.58
CA GLU A 28 -1.94 -10.38 6.75
C GLU A 28 -2.26 -9.56 8.00
N LYS A 29 -1.55 -8.45 8.13
CA LYS A 29 -1.73 -7.58 9.29
C LYS A 29 -3.21 -7.24 9.45
N PHE A 30 -3.71 -6.48 8.49
CA PHE A 30 -5.10 -6.05 8.52
C PHE A 30 -6.04 -7.20 8.19
N GLY A 31 -5.44 -8.33 7.81
CA GLY A 31 -6.21 -9.51 7.47
C GLY A 31 -7.42 -9.14 6.62
N VAL A 32 -7.19 -8.27 5.65
CA VAL A 32 -8.24 -7.85 4.75
C VAL A 32 -7.72 -7.91 3.31
N SER A 33 -7.60 -9.13 2.81
CA SER A 33 -7.11 -9.34 1.46
C SER A 33 -8.23 -9.91 0.58
N ALA A 34 -9.13 -9.02 0.17
CA ALA A 34 -10.24 -9.42 -0.67
C ALA A 34 -11.02 -8.17 -1.09
N ALA A 35 -10.53 -7.53 -2.14
CA ALA A 35 -11.17 -6.31 -2.62
C ALA A 35 -11.59 -5.45 -1.43
N ALA A 36 -10.59 -4.83 -0.81
CA ALA A 36 -10.84 -3.99 0.34
C ALA A 36 -12.08 -3.11 0.07
N ALA A 37 -12.80 -2.81 1.14
CA ALA A 37 -13.99 -2.00 1.03
C ALA A 37 -15.02 -2.72 0.15
N SER B 1 14.30 5.24 9.07
CA SER B 1 13.51 4.03 9.26
C SER B 1 12.55 3.84 8.07
N ILE B 2 13.14 3.49 6.93
CA ILE B 2 12.36 3.30 5.72
C ILE B 2 12.05 1.81 5.56
N THR B 3 11.39 1.26 6.56
CA THR B 3 11.02 -0.15 6.54
C THR B 3 9.55 -0.31 6.10
N LYS B 4 9.24 -1.50 5.62
CA LYS B 4 7.89 -1.81 5.18
C LYS B 4 6.94 -1.65 6.37
N ASP B 5 7.36 -2.17 7.51
CA ASP B 5 6.53 -2.15 8.69
C ASP B 5 6.17 -0.71 9.04
N GLN B 6 7.15 0.17 8.92
CA GLN B 6 6.96 1.57 9.23
C GLN B 6 5.80 2.14 8.41
N ILE B 7 5.61 1.57 7.24
CA ILE B 7 4.55 2.02 6.35
C ILE B 7 3.22 1.41 6.79
N ILE B 8 3.31 0.20 7.32
CA ILE B 8 2.12 -0.50 7.77
C ILE B 8 1.43 0.32 8.86
N GLU B 9 2.22 0.77 9.83
CA GLU B 9 1.69 1.53 10.94
C GLU B 9 1.12 2.86 10.44
N ALA B 10 1.52 3.22 9.24
CA ALA B 10 1.08 4.47 8.65
C ALA B 10 -0.36 4.31 8.15
N VAL B 11 -0.64 3.11 7.65
CA VAL B 11 -1.97 2.81 7.13
C VAL B 11 -2.92 2.57 8.31
N ALA B 12 -2.33 2.33 9.47
CA ALA B 12 -3.11 2.11 10.68
C ALA B 12 -3.20 3.42 11.46
N ALA B 13 -2.70 4.49 10.84
CA ALA B 13 -2.68 5.79 11.48
C ALA B 13 -3.76 6.68 10.85
N MET B 14 -4.07 6.38 9.60
CA MET B 14 -5.02 7.18 8.86
C MET B 14 -6.40 6.49 8.81
N SER B 15 -7.38 7.24 8.34
CA SER B 15 -8.74 6.72 8.28
C SER B 15 -8.89 5.76 7.10
N VAL B 16 -9.95 4.98 7.15
CA VAL B 16 -10.21 4.00 6.10
C VAL B 16 -10.30 4.73 4.75
N MET B 17 -11.05 5.82 4.74
CA MET B 17 -11.22 6.60 3.54
C MET B 17 -9.87 7.11 3.02
N ASP B 18 -9.08 7.65 3.93
CA ASP B 18 -7.78 8.19 3.59
C ASP B 18 -6.91 7.06 3.02
N VAL B 19 -7.15 5.86 3.51
CA VAL B 19 -6.38 4.70 3.10
C VAL B 19 -6.86 4.23 1.73
N VAL B 20 -8.17 4.39 1.51
CA VAL B 20 -8.77 3.98 0.25
C VAL B 20 -8.11 4.77 -0.89
N GLU B 21 -8.02 6.08 -0.70
CA GLU B 21 -7.41 6.93 -1.70
C GLU B 21 -5.97 6.49 -1.97
N LEU B 22 -5.23 6.30 -0.89
CA LEU B 22 -3.85 5.88 -1.00
C LEU B 22 -3.77 4.60 -1.83
N ILE B 23 -4.34 3.54 -1.26
CA ILE B 23 -4.31 2.23 -1.92
C ILE B 23 -4.76 2.38 -3.37
N SER B 24 -5.76 3.23 -3.56
CA SER B 24 -6.35 3.40 -4.88
C SER B 24 -5.32 3.97 -5.84
N ALA B 25 -4.53 4.91 -5.34
CA ALA B 25 -3.51 5.56 -6.15
C ALA B 25 -2.57 4.49 -6.71
N MET B 26 -1.97 3.74 -5.80
CA MET B 26 -1.07 2.67 -6.20
C MET B 26 -1.75 1.72 -7.18
N GLU B 27 -2.98 1.35 -6.85
CA GLU B 27 -3.73 0.42 -7.68
C GLU B 27 -3.67 0.85 -9.14
N GLU B 28 -3.96 2.13 -9.36
CA GLU B 28 -4.00 2.67 -10.70
C GLU B 28 -2.58 2.85 -11.24
N LYS B 29 -1.75 3.51 -10.44
CA LYS B 29 -0.39 3.80 -10.84
C LYS B 29 0.28 2.51 -11.32
N PHE B 30 0.52 1.62 -10.37
CA PHE B 30 1.20 0.37 -10.68
C PHE B 30 0.27 -0.61 -11.39
N GLY B 31 -0.96 -0.17 -11.57
CA GLY B 31 -1.95 -0.99 -12.26
C GLY B 31 -1.97 -2.41 -11.70
N VAL B 32 -2.16 -2.50 -10.39
CA VAL B 32 -2.23 -3.79 -9.72
C VAL B 32 -3.59 -3.93 -9.05
N SER B 33 -4.63 -3.89 -9.88
CA SER B 33 -5.99 -4.00 -9.38
C SER B 33 -6.58 -5.37 -9.74
N ALA B 34 -6.09 -6.39 -9.05
CA ALA B 34 -6.55 -7.74 -9.30
C ALA B 34 -5.87 -8.70 -8.31
N ALA B 35 -6.57 -8.96 -7.22
CA ALA B 35 -6.03 -9.85 -6.20
C ALA B 35 -7.18 -10.34 -5.31
N ALA B 36 -7.76 -11.46 -5.71
CA ALA B 36 -8.88 -12.04 -4.98
C ALA B 36 -10.07 -11.08 -5.04
N ALA B 37 -11.21 -11.65 -5.37
CA ALA B 37 -12.44 -10.86 -5.46
C ALA B 37 -12.88 -10.46 -4.05
N SER A 1 5.55 17.44 5.09
CA SER A 1 4.82 17.16 3.87
C SER A 1 4.68 15.65 3.68
N ILE A 2 3.85 15.05 4.52
CA ILE A 2 3.62 13.61 4.45
C ILE A 2 2.29 13.35 3.74
N THR A 3 2.22 13.83 2.50
CA THR A 3 1.02 13.66 1.70
C THR A 3 0.91 12.21 1.21
N LYS A 4 -0.29 11.85 0.77
CA LYS A 4 -0.52 10.51 0.25
C LYS A 4 0.33 10.31 -1.01
N ASP A 5 0.44 11.39 -1.78
CA ASP A 5 1.20 11.33 -3.03
C ASP A 5 2.64 10.91 -2.72
N GLN A 6 3.19 11.51 -1.69
CA GLN A 6 4.56 11.23 -1.29
C GLN A 6 4.73 9.72 -1.09
N ILE A 7 3.65 9.06 -0.71
CA ILE A 7 3.69 7.64 -0.43
C ILE A 7 3.66 6.87 -1.74
N ILE A 8 3.00 7.47 -2.73
CA ILE A 8 2.90 6.86 -4.04
C ILE A 8 4.31 6.68 -4.62
N GLU A 9 5.08 7.75 -4.55
CA GLU A 9 6.43 7.74 -5.08
C GLU A 9 7.33 6.87 -4.20
N ALA A 10 6.86 6.61 -2.99
CA ALA A 10 7.62 5.82 -2.04
C ALA A 10 7.57 4.34 -2.43
N VAL A 11 6.46 3.96 -3.05
CA VAL A 11 6.27 2.60 -3.48
C VAL A 11 6.93 2.41 -4.85
N ALA A 12 7.02 3.50 -5.59
CA ALA A 12 7.63 3.48 -6.90
C ALA A 12 9.12 3.80 -6.77
N ALA A 13 9.60 3.76 -5.55
CA ALA A 13 11.01 4.05 -5.28
C ALA A 13 11.72 2.75 -4.88
N MET A 14 10.96 1.85 -4.30
CA MET A 14 11.51 0.59 -3.83
C MET A 14 11.36 -0.50 -4.89
N SER A 15 12.05 -1.61 -4.65
CA SER A 15 12.01 -2.73 -5.58
C SER A 15 10.64 -3.41 -5.53
N VAL A 16 10.35 -4.16 -6.57
CA VAL A 16 9.08 -4.85 -6.66
C VAL A 16 8.92 -5.78 -5.46
N MET A 17 10.01 -6.49 -5.15
CA MET A 17 9.99 -7.43 -4.04
C MET A 17 9.59 -6.74 -2.74
N ASP A 18 10.17 -5.57 -2.52
CA ASP A 18 9.89 -4.82 -1.31
C ASP A 18 8.40 -4.46 -1.25
N VAL A 19 7.82 -4.32 -2.44
CA VAL A 19 6.42 -3.95 -2.54
C VAL A 19 5.54 -5.19 -2.31
N VAL A 20 6.09 -6.33 -2.72
CA VAL A 20 5.39 -7.60 -2.53
C VAL A 20 5.26 -7.88 -1.03
N GLU A 21 6.40 -7.84 -0.36
CA GLU A 21 6.44 -8.08 1.08
C GLU A 21 5.50 -7.12 1.80
N LEU A 22 5.60 -5.85 1.41
CA LEU A 22 4.75 -4.83 2.00
C LEU A 22 3.29 -5.24 1.87
N ILE A 23 2.83 -5.30 0.63
CA ILE A 23 1.44 -5.65 0.36
C ILE A 23 1.06 -6.87 1.18
N SER A 24 1.95 -7.85 1.18
CA SER A 24 1.69 -9.11 1.88
C SER A 24 1.49 -8.83 3.37
N ALA A 25 2.28 -7.90 3.89
CA ALA A 25 2.21 -7.55 5.30
C ALA A 25 0.79 -7.09 5.63
N MET A 26 0.43 -5.94 5.07
CA MET A 26 -0.87 -5.35 5.33
C MET A 26 -1.98 -6.40 5.18
N GLU A 27 -1.84 -7.23 4.17
CA GLU A 27 -2.82 -8.27 3.91
C GLU A 27 -3.09 -9.09 5.17
N GLU A 28 -1.99 -9.50 5.80
CA GLU A 28 -2.09 -10.33 6.99
C GLU A 28 -2.43 -9.46 8.21
N LYS A 29 -1.73 -8.34 8.31
CA LYS A 29 -1.92 -7.43 9.43
C LYS A 29 -3.41 -7.10 9.56
N PHE A 30 -3.91 -6.36 8.58
CA PHE A 30 -5.30 -5.94 8.58
C PHE A 30 -6.22 -7.11 8.20
N GLY A 31 -5.60 -8.25 7.94
CA GLY A 31 -6.35 -9.45 7.60
C GLY A 31 -7.44 -9.14 6.58
N VAL A 32 -7.03 -8.51 5.49
CA VAL A 32 -7.96 -8.15 4.44
C VAL A 32 -7.54 -8.81 3.13
N SER A 33 -7.56 -10.14 3.14
CA SER A 33 -7.19 -10.91 1.95
C SER A 33 -7.98 -12.22 1.91
N ALA A 34 -9.25 -12.09 1.58
CA ALA A 34 -10.11 -13.26 1.48
C ALA A 34 -11.54 -12.81 1.15
N ALA A 35 -11.69 -12.29 -0.07
CA ALA A 35 -12.99 -11.81 -0.51
C ALA A 35 -12.91 -11.49 -2.01
N ALA A 36 -12.87 -12.54 -2.81
CA ALA A 36 -12.81 -12.39 -4.25
C ALA A 36 -13.77 -11.27 -4.68
N ALA A 37 -13.19 -10.20 -5.20
CA ALA A 37 -13.99 -9.07 -5.65
C ALA A 37 -13.11 -8.13 -6.48
N SER B 1 13.60 6.62 8.50
CA SER B 1 13.33 5.23 8.79
C SER B 1 12.02 4.80 8.12
N ILE B 2 12.09 4.63 6.81
CA ILE B 2 10.92 4.26 6.04
C ILE B 2 10.98 2.76 5.72
N THR B 3 11.00 1.96 6.78
CA THR B 3 11.03 0.52 6.63
C THR B 3 9.63 0.00 6.28
N LYS B 4 9.61 -1.21 5.73
CA LYS B 4 8.36 -1.83 5.34
C LYS B 4 7.41 -1.85 6.54
N ASP B 5 7.95 -2.27 7.67
CA ASP B 5 7.15 -2.38 8.88
C ASP B 5 6.60 -1.00 9.26
N GLN B 6 7.51 -0.03 9.27
CA GLN B 6 7.14 1.33 9.66
C GLN B 6 5.91 1.79 8.87
N ILE B 7 5.77 1.24 7.68
CA ILE B 7 4.70 1.64 6.79
C ILE B 7 3.40 0.94 7.20
N ILE B 8 3.56 -0.28 7.69
CA ILE B 8 2.41 -1.06 8.13
C ILE B 8 1.67 -0.28 9.22
N GLU B 9 2.43 0.31 10.12
CA GLU B 9 1.85 1.08 11.21
C GLU B 9 1.37 2.44 10.70
N ALA B 10 1.89 2.82 9.55
CA ALA B 10 1.53 4.10 8.97
C ALA B 10 0.12 4.02 8.36
N VAL B 11 -0.17 2.86 7.81
CA VAL B 11 -1.48 2.63 7.20
C VAL B 11 -2.50 2.35 8.30
N ALA B 12 -2.00 1.91 9.44
CA ALA B 12 -2.85 1.62 10.57
C ALA B 12 -3.01 2.88 11.43
N ALA B 13 -2.36 3.94 10.97
CA ALA B 13 -2.40 5.21 11.71
C ALA B 13 -3.41 6.14 11.04
N MET B 14 -3.68 5.87 9.77
CA MET B 14 -4.60 6.70 9.01
C MET B 14 -5.99 6.05 8.96
N SER B 15 -6.95 6.84 8.48
CA SER B 15 -8.32 6.37 8.38
C SER B 15 -8.46 5.41 7.20
N VAL B 16 -9.53 4.63 7.24
CA VAL B 16 -9.81 3.68 6.17
C VAL B 16 -9.99 4.43 4.86
N MET B 17 -10.78 5.49 4.93
CA MET B 17 -11.05 6.30 3.76
C MET B 17 -9.75 6.82 3.14
N ASP B 18 -8.90 7.36 4.00
CA ASP B 18 -7.63 7.91 3.56
C ASP B 18 -6.81 6.82 2.88
N VAL B 19 -7.00 5.60 3.35
CA VAL B 19 -6.25 4.47 2.84
C VAL B 19 -6.83 4.03 1.49
N VAL B 20 -8.13 4.25 1.35
CA VAL B 20 -8.82 3.91 0.12
C VAL B 20 -8.28 4.77 -1.02
N GLU B 21 -7.99 6.01 -0.69
CA GLU B 21 -7.47 6.95 -1.68
C GLU B 21 -6.08 6.52 -2.14
N LEU B 22 -5.21 6.27 -1.16
CA LEU B 22 -3.86 5.80 -1.45
C LEU B 22 -3.96 4.54 -2.31
N ILE B 23 -4.59 3.51 -1.76
CA ILE B 23 -4.73 2.25 -2.47
C ILE B 23 -5.21 2.51 -3.89
N SER B 24 -6.12 3.46 -4.01
CA SER B 24 -6.72 3.77 -5.30
C SER B 24 -5.69 4.39 -6.23
N ALA B 25 -4.86 5.25 -5.65
CA ALA B 25 -3.82 5.92 -6.42
C ALA B 25 -2.90 4.88 -7.05
N MET B 26 -2.25 4.11 -6.19
CA MET B 26 -1.33 3.08 -6.65
C MET B 26 -2.00 2.16 -7.68
N GLU B 27 -3.24 1.79 -7.37
CA GLU B 27 -3.99 0.91 -8.25
C GLU B 27 -3.94 1.44 -9.70
N GLU B 28 -4.15 2.74 -9.82
CA GLU B 28 -4.18 3.37 -11.13
C GLU B 28 -2.74 3.55 -11.65
N LYS B 29 -1.90 4.10 -10.80
CA LYS B 29 -0.52 4.37 -11.17
C LYS B 29 0.11 3.10 -11.73
N PHE B 30 0.31 2.14 -10.83
CA PHE B 30 0.94 0.88 -11.20
C PHE B 30 -0.02 0.00 -12.00
N GLY B 31 -1.21 0.51 -12.20
CA GLY B 31 -2.22 -0.20 -12.97
C GLY B 31 -2.32 -1.67 -12.52
N VAL B 32 -2.42 -1.84 -11.20
CA VAL B 32 -2.54 -3.17 -10.63
C VAL B 32 -3.92 -3.31 -9.98
N SER B 33 -4.94 -3.12 -10.79
CA SER B 33 -6.31 -3.22 -10.32
C SER B 33 -6.95 -4.53 -10.77
N ALA B 34 -6.41 -5.62 -10.25
CA ALA B 34 -6.92 -6.94 -10.60
C ALA B 34 -6.14 -8.00 -9.82
N ALA B 35 -6.60 -8.26 -8.61
CA ALA B 35 -5.94 -9.23 -7.75
C ALA B 35 -6.72 -9.36 -6.43
N ALA B 36 -7.38 -10.50 -6.27
CA ALA B 36 -8.17 -10.73 -5.07
C ALA B 36 -8.73 -12.16 -5.13
N ALA B 37 -8.15 -13.02 -4.31
CA ALA B 37 -8.59 -14.40 -4.26
C ALA B 37 -7.94 -15.09 -3.05
N SER A 1 5.78 15.84 5.75
CA SER A 1 5.14 15.65 4.46
C SER A 1 4.73 14.19 4.30
N ILE A 2 3.69 13.81 5.04
CA ILE A 2 3.18 12.46 4.98
C ILE A 2 1.86 12.45 4.21
N THR A 3 1.93 12.87 2.95
CA THR A 3 0.75 12.91 2.12
C THR A 3 0.59 11.60 1.34
N LYS A 4 -0.63 11.36 0.88
CA LYS A 4 -0.93 10.16 0.14
C LYS A 4 0.00 10.07 -1.08
N ASP A 5 0.10 11.20 -1.78
CA ASP A 5 0.93 11.25 -2.97
C ASP A 5 2.36 10.86 -2.62
N GLN A 6 2.83 11.38 -1.50
CA GLN A 6 4.19 11.12 -1.05
C GLN A 6 4.43 9.61 -0.92
N ILE A 7 3.34 8.90 -0.61
CA ILE A 7 3.43 7.46 -0.40
C ILE A 7 3.51 6.76 -1.76
N ILE A 8 2.86 7.36 -2.74
CA ILE A 8 2.86 6.81 -4.09
C ILE A 8 4.30 6.68 -4.58
N GLU A 9 5.04 7.77 -4.42
CA GLU A 9 6.43 7.81 -4.87
C GLU A 9 7.31 6.94 -3.98
N ALA A 10 6.73 6.50 -2.87
CA ALA A 10 7.46 5.71 -1.91
C ALA A 10 7.53 4.26 -2.41
N VAL A 11 6.44 3.81 -2.99
CA VAL A 11 6.36 2.46 -3.52
C VAL A 11 7.10 2.39 -4.86
N ALA A 12 7.13 3.53 -5.53
CA ALA A 12 7.81 3.62 -6.82
C ALA A 12 9.30 3.81 -6.59
N ALA A 13 9.68 3.88 -5.32
CA ALA A 13 11.08 4.07 -4.96
C ALA A 13 11.72 2.71 -4.70
N MET A 14 10.90 1.77 -4.26
CA MET A 14 11.39 0.45 -3.94
C MET A 14 11.11 -0.54 -5.07
N SER A 15 11.71 -1.72 -4.96
CA SER A 15 11.55 -2.75 -5.97
C SER A 15 10.22 -3.49 -5.76
N VAL A 16 9.78 -4.18 -6.79
CA VAL A 16 8.52 -4.91 -6.74
C VAL A 16 8.58 -5.93 -5.61
N MET A 17 9.70 -6.64 -5.55
CA MET A 17 9.88 -7.67 -4.54
C MET A 17 9.68 -7.10 -3.14
N ASP A 18 10.35 -5.98 -2.89
CA ASP A 18 10.29 -5.34 -1.57
C ASP A 18 8.85 -4.91 -1.29
N VAL A 19 8.14 -4.58 -2.37
CA VAL A 19 6.78 -4.09 -2.25
C VAL A 19 5.85 -5.27 -1.97
N VAL A 20 6.18 -6.41 -2.56
CA VAL A 20 5.38 -7.60 -2.39
C VAL A 20 5.27 -7.95 -0.90
N GLU A 21 6.42 -7.91 -0.24
CA GLU A 21 6.47 -8.19 1.18
C GLU A 21 5.61 -7.19 1.96
N LEU A 22 5.80 -5.92 1.63
CA LEU A 22 5.04 -4.86 2.27
C LEU A 22 3.54 -5.16 2.14
N ILE A 23 3.08 -5.15 0.89
CA ILE A 23 1.67 -5.39 0.62
C ILE A 23 1.23 -6.67 1.33
N SER A 24 2.13 -7.63 1.37
CA SER A 24 1.81 -8.92 1.96
C SER A 24 1.57 -8.78 3.46
N ALA A 25 2.34 -7.89 4.07
CA ALA A 25 2.20 -7.64 5.49
C ALA A 25 0.80 -7.06 5.76
N MET A 26 0.53 -5.93 5.14
CA MET A 26 -0.76 -5.28 5.31
C MET A 26 -1.90 -6.26 5.08
N GLU A 27 -1.72 -7.10 4.06
CA GLU A 27 -2.74 -8.08 3.71
C GLU A 27 -3.16 -8.88 4.95
N GLU A 28 -2.17 -9.45 5.62
CA GLU A 28 -2.42 -10.27 6.79
C GLU A 28 -2.83 -9.40 7.98
N LYS A 29 -2.04 -8.35 8.18
CA LYS A 29 -2.27 -7.46 9.30
C LYS A 29 -3.73 -6.98 9.29
N PHE A 30 -4.04 -6.16 8.29
CA PHE A 30 -5.38 -5.60 8.18
C PHE A 30 -6.37 -6.66 7.67
N GLY A 31 -5.85 -7.85 7.43
CA GLY A 31 -6.68 -8.94 6.97
C GLY A 31 -7.61 -8.50 5.85
N VAL A 32 -7.02 -7.92 4.81
CA VAL A 32 -7.78 -7.44 3.68
C VAL A 32 -7.42 -8.27 2.44
N SER A 33 -7.44 -9.59 2.62
CA SER A 33 -7.13 -10.49 1.52
C SER A 33 -8.17 -11.60 1.44
N ALA A 34 -8.26 -12.20 0.27
CA ALA A 34 -9.20 -13.29 0.05
C ALA A 34 -8.42 -14.56 -0.27
N ALA A 35 -7.61 -14.99 0.69
CA ALA A 35 -6.80 -16.18 0.53
C ALA A 35 -6.10 -16.50 1.85
N ALA A 36 -6.87 -17.07 2.77
CA ALA A 36 -6.35 -17.42 4.07
C ALA A 36 -4.95 -18.01 3.92
N ALA A 37 -3.95 -17.22 4.28
CA ALA A 37 -2.57 -17.65 4.17
C ALA A 37 -1.67 -16.59 4.79
N SER B 1 14.19 6.42 8.62
CA SER B 1 13.72 5.09 8.99
C SER B 1 12.45 4.76 8.22
N ILE B 2 12.62 4.49 6.94
CA ILE B 2 11.50 4.15 6.08
C ILE B 2 11.46 2.64 5.87
N THR B 3 11.34 1.92 6.98
CA THR B 3 11.28 0.47 6.93
C THR B 3 9.89 0.01 6.50
N LYS B 4 9.84 -1.22 6.01
CA LYS B 4 8.57 -1.80 5.58
C LYS B 4 7.57 -1.74 6.74
N ASP B 5 8.04 -2.17 7.90
CA ASP B 5 7.18 -2.21 9.08
C ASP B 5 6.65 -0.80 9.35
N GLN B 6 7.54 0.17 9.25
CA GLN B 6 7.18 1.55 9.54
C GLN B 6 5.96 1.96 8.71
N ILE B 7 5.83 1.32 7.56
CA ILE B 7 4.73 1.64 6.66
C ILE B 7 3.47 0.93 7.13
N ILE B 8 3.67 -0.23 7.74
CA ILE B 8 2.56 -1.03 8.23
C ILE B 8 1.80 -0.22 9.29
N GLU B 9 2.55 0.32 10.24
CA GLU B 9 1.96 1.07 11.33
C GLU B 9 1.50 2.45 10.84
N ALA B 10 1.99 2.81 9.67
CA ALA B 10 1.67 4.12 9.11
C ALA B 10 0.26 4.09 8.52
N VAL B 11 -0.07 2.97 7.88
CA VAL B 11 -1.37 2.80 7.29
C VAL B 11 -2.42 2.63 8.40
N ALA B 12 -1.96 2.08 9.51
CA ALA B 12 -2.83 1.86 10.65
C ALA B 12 -2.94 3.15 11.47
N ALA B 13 -2.29 4.18 10.96
CA ALA B 13 -2.30 5.47 11.62
C ALA B 13 -3.32 6.39 10.93
N MET B 14 -3.54 6.11 9.64
CA MET B 14 -4.45 6.92 8.86
C MET B 14 -5.87 6.34 8.87
N SER B 15 -6.80 7.13 8.36
CA SER B 15 -8.19 6.70 8.33
C SER B 15 -8.42 5.75 7.16
N VAL B 16 -9.50 4.98 7.27
CA VAL B 16 -9.84 4.02 6.23
C VAL B 16 -9.91 4.74 4.88
N MET B 17 -10.56 5.89 4.89
CA MET B 17 -10.72 6.68 3.67
C MET B 17 -9.36 6.98 3.03
N ASP B 18 -8.44 7.43 3.87
CA ASP B 18 -7.11 7.79 3.39
C ASP B 18 -6.44 6.55 2.79
N VAL B 19 -6.84 5.39 3.30
CA VAL B 19 -6.26 4.14 2.86
C VAL B 19 -6.90 3.72 1.53
N VAL B 20 -8.15 4.12 1.37
CA VAL B 20 -8.87 3.82 0.15
C VAL B 20 -8.30 4.65 -1.00
N GLU B 21 -8.13 5.94 -0.72
CA GLU B 21 -7.56 6.85 -1.71
C GLU B 21 -6.18 6.36 -2.14
N LEU B 22 -5.38 6.02 -1.14
CA LEU B 22 -4.03 5.51 -1.41
C LEU B 22 -4.12 4.30 -2.32
N ILE B 23 -4.70 3.24 -1.79
CA ILE B 23 -4.81 1.99 -2.53
C ILE B 23 -5.32 2.27 -3.94
N SER B 24 -6.21 3.24 -4.02
CA SER B 24 -6.84 3.58 -5.29
C SER B 24 -5.81 4.24 -6.21
N ALA B 25 -4.99 5.09 -5.63
CA ALA B 25 -3.98 5.81 -6.38
C ALA B 25 -3.04 4.80 -7.05
N MET B 26 -2.35 4.05 -6.21
CA MET B 26 -1.38 3.08 -6.70
C MET B 26 -2.00 2.20 -7.79
N GLU B 27 -3.24 1.80 -7.56
CA GLU B 27 -3.94 0.93 -8.49
C GLU B 27 -3.86 1.51 -9.91
N GLU B 28 -4.11 2.81 -10.00
CA GLU B 28 -4.11 3.48 -11.29
C GLU B 28 -2.69 3.82 -11.73
N LYS B 29 -1.95 4.41 -10.80
CA LYS B 29 -0.58 4.81 -11.08
C LYS B 29 0.18 3.62 -11.67
N PHE B 30 0.36 2.59 -10.86
CA PHE B 30 1.10 1.42 -11.26
C PHE B 30 0.27 0.56 -12.23
N GLY B 31 -0.98 0.97 -12.40
CA GLY B 31 -1.88 0.28 -13.32
C GLY B 31 -1.69 -1.24 -13.22
N VAL B 32 -1.64 -1.72 -11.98
CA VAL B 32 -1.46 -3.13 -11.73
C VAL B 32 -2.78 -3.74 -11.28
N SER B 33 -3.80 -3.56 -12.11
CA SER B 33 -5.12 -4.09 -11.82
C SER B 33 -5.91 -4.31 -13.11
N ALA B 34 -6.86 -5.23 -13.04
CA ALA B 34 -7.69 -5.54 -14.20
C ALA B 34 -6.80 -6.02 -15.33
N ALA B 35 -6.35 -7.27 -15.22
CA ALA B 35 -5.49 -7.86 -16.23
C ALA B 35 -5.29 -9.34 -15.91
N ALA B 36 -6.31 -10.13 -16.25
CA ALA B 36 -6.26 -11.56 -16.00
C ALA B 36 -7.53 -12.22 -16.55
N ALA B 37 -7.51 -13.54 -16.59
CA ALA B 37 -8.64 -14.29 -17.10
C ALA B 37 -9.49 -14.77 -15.92
N SER A 1 5.00 17.06 4.76
CA SER A 1 4.30 16.71 3.53
C SER A 1 3.93 15.21 3.55
N ILE A 2 3.00 14.88 4.42
CA ILE A 2 2.56 13.50 4.54
C ILE A 2 1.30 13.30 3.68
N THR A 3 1.45 13.59 2.40
CA THR A 3 0.34 13.44 1.46
C THR A 3 0.32 12.03 0.88
N LYS A 4 -0.85 11.65 0.37
CA LYS A 4 -1.02 10.32 -0.20
C LYS A 4 -0.08 10.16 -1.39
N ASP A 5 -0.04 11.19 -2.22
CA ASP A 5 0.78 11.16 -3.42
C ASP A 5 2.24 10.90 -3.04
N GLN A 6 2.66 11.57 -1.97
CA GLN A 6 4.03 11.46 -1.52
C GLN A 6 4.37 10.01 -1.20
N ILE A 7 3.34 9.26 -0.84
CA ILE A 7 3.52 7.86 -0.47
C ILE A 7 3.65 7.02 -1.75
N ILE A 8 2.99 7.49 -2.80
CA ILE A 8 3.04 6.81 -4.08
C ILE A 8 4.50 6.75 -4.56
N GLU A 9 5.17 7.89 -4.46
CA GLU A 9 6.55 7.98 -4.92
C GLU A 9 7.45 7.13 -4.04
N ALA A 10 6.97 6.83 -2.85
CA ALA A 10 7.73 6.03 -1.90
C ALA A 10 7.66 4.56 -2.31
N VAL A 11 6.51 4.18 -2.85
CA VAL A 11 6.30 2.81 -3.29
C VAL A 11 6.95 2.61 -4.66
N ALA A 12 7.18 3.72 -5.34
CA ALA A 12 7.80 3.68 -6.65
C ALA A 12 9.32 3.79 -6.50
N ALA A 13 9.77 3.75 -5.25
CA ALA A 13 11.18 3.87 -4.96
C ALA A 13 11.74 2.49 -4.62
N MET A 14 10.86 1.62 -4.16
CA MET A 14 11.25 0.27 -3.77
C MET A 14 11.06 -0.72 -4.92
N SER A 15 11.61 -1.91 -4.74
CA SER A 15 11.51 -2.93 -5.76
C SER A 15 10.16 -3.62 -5.68
N VAL A 16 9.82 -4.33 -6.75
CA VAL A 16 8.55 -5.04 -6.81
C VAL A 16 8.47 -6.06 -5.67
N MET A 17 9.57 -6.76 -5.48
CA MET A 17 9.64 -7.75 -4.42
C MET A 17 9.41 -7.12 -3.05
N ASP A 18 10.09 -6.00 -2.82
CA ASP A 18 9.98 -5.29 -1.56
C ASP A 18 8.53 -4.87 -1.34
N VAL A 19 7.85 -4.63 -2.45
CA VAL A 19 6.46 -4.20 -2.39
C VAL A 19 5.57 -5.40 -2.08
N VAL A 20 5.94 -6.55 -2.65
CA VAL A 20 5.20 -7.77 -2.40
C VAL A 20 5.20 -8.08 -0.91
N GLU A 21 6.40 -8.06 -0.33
CA GLU A 21 6.54 -8.32 1.09
C GLU A 21 5.66 -7.36 1.90
N LEU A 22 5.69 -6.11 1.49
CA LEU A 22 4.89 -5.09 2.17
C LEU A 22 3.43 -5.50 2.14
N ILE A 23 2.85 -5.47 0.96
CA ILE A 23 1.44 -5.81 0.79
C ILE A 23 1.13 -7.08 1.59
N SER A 24 2.03 -8.04 1.47
CA SER A 24 1.85 -9.32 2.14
C SER A 24 1.75 -9.11 3.65
N ALA A 25 2.60 -8.23 4.15
CA ALA A 25 2.62 -7.93 5.57
C ALA A 25 1.27 -7.38 6.00
N MET A 26 0.90 -6.25 5.40
CA MET A 26 -0.36 -5.61 5.72
C MET A 26 -1.52 -6.60 5.62
N GLU A 27 -1.46 -7.45 4.60
CA GLU A 27 -2.49 -8.44 4.38
C GLU A 27 -2.78 -9.21 5.67
N GLU A 28 -1.70 -9.64 6.31
CA GLU A 28 -1.82 -10.40 7.54
C GLU A 28 -2.18 -9.48 8.70
N LYS A 29 -1.42 -8.40 8.83
CA LYS A 29 -1.62 -7.47 9.91
C LYS A 29 -3.09 -7.05 9.95
N PHE A 30 -3.49 -6.35 8.90
CA PHE A 30 -4.86 -5.86 8.82
C PHE A 30 -5.84 -7.00 8.53
N GLY A 31 -5.28 -8.18 8.35
CA GLY A 31 -6.09 -9.36 8.10
C GLY A 31 -7.19 -9.06 7.08
N VAL A 32 -6.77 -8.51 5.95
CA VAL A 32 -7.69 -8.17 4.88
C VAL A 32 -7.33 -8.97 3.63
N SER A 33 -7.41 -10.29 3.76
CA SER A 33 -7.12 -11.17 2.64
C SER A 33 -8.40 -11.83 2.15
N ALA A 34 -9.37 -11.01 1.78
CA ALA A 34 -10.65 -11.50 1.31
C ALA A 34 -11.49 -10.32 0.81
N ALA A 35 -11.30 -10.00 -0.46
CA ALA A 35 -12.02 -8.88 -1.05
C ALA A 35 -11.72 -8.85 -2.56
N ALA A 36 -12.33 -9.77 -3.28
CA ALA A 36 -12.16 -9.84 -4.72
C ALA A 36 -12.14 -8.43 -5.30
N ALA A 37 -10.96 -8.03 -5.77
CA ALA A 37 -10.80 -6.70 -6.35
C ALA A 37 -10.26 -6.83 -7.77
N SER B 1 14.29 5.52 8.40
CA SER B 1 13.74 4.23 8.80
C SER B 1 12.43 3.98 8.05
N ILE B 2 12.56 3.71 6.76
CA ILE B 2 11.39 3.45 5.92
C ILE B 2 11.27 1.94 5.70
N THR B 3 11.14 1.21 6.80
CA THR B 3 10.98 -0.23 6.74
C THR B 3 9.54 -0.60 6.38
N LYS B 4 9.39 -1.82 5.88
CA LYS B 4 8.07 -2.30 5.49
C LYS B 4 7.15 -2.26 6.71
N ASP B 5 7.68 -2.71 7.84
CA ASP B 5 6.90 -2.74 9.07
C ASP B 5 6.43 -1.33 9.42
N GLN B 6 7.33 -0.38 9.22
CA GLN B 6 7.05 1.00 9.54
C GLN B 6 5.89 1.53 8.67
N ILE B 7 5.75 0.91 7.52
CA ILE B 7 4.70 1.31 6.58
C ILE B 7 3.36 0.76 7.07
N ILE B 8 3.42 -0.39 7.71
CA ILE B 8 2.21 -1.02 8.24
C ILE B 8 1.56 -0.09 9.26
N GLU B 9 2.37 0.38 10.20
CA GLU B 9 1.89 1.26 11.26
C GLU B 9 1.49 2.61 10.66
N ALA B 10 1.96 2.85 9.44
CA ALA B 10 1.68 4.11 8.78
C ALA B 10 0.25 4.10 8.24
N VAL B 11 -0.13 2.97 7.68
CA VAL B 11 -1.45 2.82 7.09
C VAL B 11 -2.49 2.70 8.21
N ALA B 12 -2.01 2.33 9.39
CA ALA B 12 -2.88 2.20 10.54
C ALA B 12 -2.95 3.54 11.28
N ALA B 13 -2.36 4.55 10.66
CA ALA B 13 -2.32 5.87 11.27
C ALA B 13 -3.38 6.77 10.61
N MET B 14 -3.68 6.45 9.36
CA MET B 14 -4.65 7.22 8.61
C MET B 14 -6.03 6.55 8.64
N SER B 15 -7.02 7.29 8.16
CA SER B 15 -8.38 6.80 8.14
C SER B 15 -8.57 5.81 6.98
N VAL B 16 -9.61 5.00 7.10
CA VAL B 16 -9.90 4.01 6.08
C VAL B 16 -10.04 4.69 4.72
N MET B 17 -10.77 5.80 4.73
CA MET B 17 -10.98 6.56 3.50
C MET B 17 -9.66 6.93 2.86
N ASP B 18 -8.74 7.41 3.69
CA ASP B 18 -7.44 7.85 3.20
C ASP B 18 -6.71 6.65 2.59
N VAL B 19 -7.00 5.48 3.12
CA VAL B 19 -6.35 4.26 2.67
C VAL B 19 -7.00 3.81 1.35
N VAL B 20 -8.27 4.13 1.21
CA VAL B 20 -9.00 3.81 0.00
C VAL B 20 -8.48 4.67 -1.14
N GLU B 21 -8.29 5.94 -0.84
CA GLU B 21 -7.76 6.88 -1.83
C GLU B 21 -6.32 6.49 -2.21
N LEU B 22 -5.54 6.17 -1.19
CA LEU B 22 -4.15 5.77 -1.40
C LEU B 22 -4.12 4.60 -2.38
N ILE B 23 -4.71 3.49 -1.95
CA ILE B 23 -4.73 2.29 -2.76
C ILE B 23 -5.18 2.65 -4.18
N SER B 24 -6.28 3.38 -4.23
CA SER B 24 -6.86 3.76 -5.52
C SER B 24 -5.82 4.50 -6.37
N ALA B 25 -5.05 5.33 -5.69
CA ALA B 25 -4.03 6.12 -6.38
C ALA B 25 -3.03 5.19 -7.05
N MET B 26 -2.29 4.47 -6.22
CA MET B 26 -1.28 3.55 -6.73
C MET B 26 -1.87 2.65 -7.82
N GLU B 27 -3.07 2.17 -7.56
CA GLU B 27 -3.75 1.29 -8.50
C GLU B 27 -3.67 1.85 -9.91
N GLU B 28 -3.95 3.14 -10.02
CA GLU B 28 -3.92 3.81 -11.31
C GLU B 28 -2.49 4.14 -11.71
N LYS B 29 -1.77 4.77 -10.79
CA LYS B 29 -0.41 5.19 -11.05
C LYS B 29 0.37 4.01 -11.65
N PHE B 30 0.53 2.98 -10.84
CA PHE B 30 1.29 1.80 -11.26
C PHE B 30 0.52 0.98 -12.28
N GLY B 31 -0.76 1.30 -12.42
CA GLY B 31 -1.61 0.61 -13.36
C GLY B 31 -1.28 -0.89 -13.41
N VAL B 32 -1.01 -1.44 -12.23
CA VAL B 32 -0.69 -2.85 -12.12
C VAL B 32 -1.52 -3.46 -10.97
N SER B 33 -2.81 -3.54 -11.20
CA SER B 33 -3.70 -4.09 -10.20
C SER B 33 -4.79 -4.95 -10.88
N ALA B 34 -4.48 -6.24 -10.97
CA ALA B 34 -5.41 -7.17 -11.59
C ALA B 34 -4.87 -8.60 -11.44
N ALA B 35 -4.83 -9.05 -10.19
CA ALA B 35 -4.33 -10.38 -9.90
C ALA B 35 -4.55 -10.69 -8.42
N ALA B 36 -5.78 -11.06 -8.09
CA ALA B 36 -6.13 -11.37 -6.72
C ALA B 36 -7.58 -11.84 -6.65
N ALA B 37 -7.95 -12.39 -5.50
CA ALA B 37 -9.30 -12.87 -5.31
C ALA B 37 -9.62 -12.89 -3.81
N SER A 1 7.35 15.19 6.30
CA SER A 1 6.49 15.20 5.13
C SER A 1 6.16 13.77 4.70
N ILE A 2 5.33 13.12 5.50
CA ILE A 2 4.92 11.76 5.22
C ILE A 2 3.50 11.76 4.65
N THR A 3 3.34 12.43 3.52
CA THR A 3 2.05 12.53 2.87
C THR A 3 1.75 11.24 2.10
N LYS A 4 0.46 11.02 1.86
CA LYS A 4 0.03 9.82 1.15
C LYS A 4 0.68 9.80 -0.24
N ASP A 5 0.62 10.94 -0.91
CA ASP A 5 1.19 11.06 -2.25
C ASP A 5 2.66 10.65 -2.21
N GLN A 6 3.34 11.13 -1.18
CA GLN A 6 4.77 10.87 -1.05
C GLN A 6 5.03 9.36 -0.99
N ILE A 7 4.03 8.64 -0.50
CA ILE A 7 4.15 7.20 -0.36
C ILE A 7 4.01 6.54 -1.73
N ILE A 8 3.22 7.19 -2.58
CA ILE A 8 3.02 6.70 -3.93
C ILE A 8 4.36 6.66 -4.66
N GLU A 9 5.08 7.77 -4.60
CA GLU A 9 6.36 7.87 -5.28
C GLU A 9 7.37 6.90 -4.65
N ALA A 10 7.04 6.46 -3.44
CA ALA A 10 7.92 5.56 -2.72
C ALA A 10 7.80 4.15 -3.31
N VAL A 11 6.60 3.82 -3.72
CA VAL A 11 6.34 2.50 -4.28
C VAL A 11 6.87 2.44 -5.71
N ALA A 12 6.99 3.61 -6.32
CA ALA A 12 7.52 3.71 -7.67
C ALA A 12 9.04 3.86 -7.60
N ALA A 13 9.56 3.83 -6.37
CA ALA A 13 10.99 3.95 -6.16
C ALA A 13 11.57 2.60 -5.77
N MET A 14 10.73 1.77 -5.18
CA MET A 14 11.16 0.47 -4.72
C MET A 14 10.84 -0.62 -5.75
N SER A 15 11.40 -1.79 -5.52
CA SER A 15 11.18 -2.91 -6.43
C SER A 15 9.85 -3.60 -6.12
N VAL A 16 9.36 -4.35 -7.09
CA VAL A 16 8.09 -5.05 -6.94
C VAL A 16 8.15 -5.93 -5.69
N MET A 17 9.25 -6.63 -5.55
CA MET A 17 9.45 -7.52 -4.41
C MET A 17 9.22 -6.78 -3.09
N ASP A 18 9.81 -5.60 -3.00
CA ASP A 18 9.70 -4.80 -1.80
C ASP A 18 8.23 -4.46 -1.54
N VAL A 19 7.49 -4.30 -2.63
CA VAL A 19 6.09 -3.93 -2.54
C VAL A 19 5.27 -5.17 -2.18
N VAL A 20 5.77 -6.32 -2.59
CA VAL A 20 5.09 -7.58 -2.31
C VAL A 20 5.13 -7.86 -0.81
N GLU A 21 6.30 -7.60 -0.22
CA GLU A 21 6.47 -7.79 1.21
C GLU A 21 5.50 -6.89 1.99
N LEU A 22 5.51 -5.62 1.62
CA LEU A 22 4.63 -4.66 2.27
C LEU A 22 3.19 -5.17 2.22
N ILE A 23 2.68 -5.29 1.00
CA ILE A 23 1.31 -5.74 0.80
C ILE A 23 1.05 -6.97 1.67
N SER A 24 1.98 -7.91 1.59
CA SER A 24 1.83 -9.16 2.31
C SER A 24 1.70 -8.88 3.81
N ALA A 25 2.45 -7.90 4.27
CA ALA A 25 2.44 -7.54 5.68
C ALA A 25 1.03 -7.13 6.09
N MET A 26 0.56 -6.05 5.48
CA MET A 26 -0.76 -5.52 5.80
C MET A 26 -1.82 -6.62 5.68
N GLU A 27 -1.69 -7.41 4.63
CA GLU A 27 -2.64 -8.49 4.40
C GLU A 27 -2.81 -9.34 5.65
N GLU A 28 -1.67 -9.68 6.26
CA GLU A 28 -1.68 -10.52 7.44
C GLU A 28 -2.06 -9.71 8.68
N LYS A 29 -1.43 -8.56 8.80
CA LYS A 29 -1.66 -7.70 9.95
C LYS A 29 -3.16 -7.41 10.07
N PHE A 30 -3.68 -6.71 9.08
CA PHE A 30 -5.09 -6.35 9.06
C PHE A 30 -5.96 -7.57 8.73
N GLY A 31 -5.29 -8.67 8.44
CA GLY A 31 -5.99 -9.91 8.15
C GLY A 31 -7.14 -9.67 7.16
N VAL A 32 -6.81 -8.96 6.09
CA VAL A 32 -7.78 -8.70 5.05
C VAL A 32 -7.21 -9.13 3.70
N SER A 33 -6.99 -10.43 3.58
CA SER A 33 -6.47 -11.00 2.34
C SER A 33 -7.60 -11.19 1.33
N ALA A 34 -7.90 -10.11 0.61
CA ALA A 34 -8.97 -10.15 -0.37
C ALA A 34 -10.20 -10.83 0.24
N ALA A 35 -10.87 -10.09 1.11
CA ALA A 35 -12.05 -10.62 1.77
C ALA A 35 -12.82 -9.45 2.41
N ALA A 36 -13.71 -8.88 1.62
CA ALA A 36 -14.52 -7.76 2.08
C ALA A 36 -13.60 -6.60 2.46
N ALA A 37 -14.19 -5.42 2.50
CA ALA A 37 -13.44 -4.22 2.84
C ALA A 37 -13.73 -3.83 4.29
N SER B 1 13.59 6.95 8.51
CA SER B 1 13.19 5.57 8.79
C SER B 1 11.92 5.24 8.02
N ILE B 2 12.09 5.06 6.71
CA ILE B 2 10.96 4.74 5.85
C ILE B 2 10.95 3.23 5.58
N THR B 3 10.87 2.46 6.64
CA THR B 3 10.86 1.01 6.52
C THR B 3 9.44 0.50 6.26
N LYS B 4 9.37 -0.68 5.68
CA LYS B 4 8.09 -1.30 5.38
C LYS B 4 7.23 -1.31 6.63
N ASP B 5 7.85 -1.71 7.73
CA ASP B 5 7.14 -1.84 8.99
C ASP B 5 6.49 -0.50 9.35
N GLN B 6 7.28 0.56 9.19
CA GLN B 6 6.81 1.90 9.54
C GLN B 6 5.55 2.25 8.76
N ILE B 7 5.41 1.61 7.61
CA ILE B 7 4.27 1.87 6.74
C ILE B 7 3.05 1.10 7.25
N ILE B 8 3.33 -0.03 7.89
CA ILE B 8 2.27 -0.87 8.43
C ILE B 8 1.51 -0.09 9.51
N GLU B 9 2.28 0.49 10.41
CA GLU B 9 1.68 1.24 11.52
C GLU B 9 1.05 2.53 11.01
N ALA B 10 1.45 2.92 9.81
CA ALA B 10 0.96 4.14 9.20
C ALA B 10 -0.47 3.91 8.70
N VAL B 11 -0.64 2.79 8.01
CA VAL B 11 -1.93 2.44 7.43
C VAL B 11 -2.93 2.17 8.56
N ALA B 12 -2.39 1.81 9.71
CA ALA B 12 -3.22 1.48 10.86
C ALA B 12 -3.43 2.74 11.71
N ALA B 13 -2.76 3.81 11.30
CA ALA B 13 -2.82 5.06 12.04
C ALA B 13 -3.87 5.97 11.39
N MET B 14 -4.09 5.74 10.10
CA MET B 14 -5.03 6.55 9.34
C MET B 14 -6.35 5.81 9.16
N SER B 15 -7.32 6.52 8.60
CA SER B 15 -8.65 5.96 8.39
C SER B 15 -8.68 5.15 7.10
N VAL B 16 -9.66 4.27 7.02
CA VAL B 16 -9.79 3.39 5.86
C VAL B 16 -9.85 4.25 4.59
N MET B 17 -10.64 5.31 4.66
CA MET B 17 -10.82 6.19 3.53
C MET B 17 -9.46 6.66 2.97
N ASP B 18 -8.59 7.07 3.88
CA ASP B 18 -7.28 7.56 3.50
C ASP B 18 -6.50 6.43 2.83
N VAL B 19 -6.80 5.21 3.24
CA VAL B 19 -6.11 4.05 2.71
C VAL B 19 -6.71 3.69 1.34
N VAL B 20 -7.98 4.00 1.19
CA VAL B 20 -8.67 3.74 -0.06
C VAL B 20 -8.12 4.64 -1.16
N GLU B 21 -7.74 5.84 -0.75
CA GLU B 21 -7.17 6.80 -1.69
C GLU B 21 -5.80 6.32 -2.17
N LEU B 22 -4.99 5.89 -1.21
CA LEU B 22 -3.67 5.35 -1.53
C LEU B 22 -3.83 4.24 -2.56
N ILE B 23 -4.61 3.24 -2.19
CA ILE B 23 -4.81 2.08 -3.04
C ILE B 23 -5.26 2.54 -4.43
N SER B 24 -6.12 3.54 -4.44
CA SER B 24 -6.68 4.04 -5.69
C SER B 24 -5.57 4.69 -6.52
N ALA B 25 -4.66 5.36 -5.83
CA ALA B 25 -3.57 6.05 -6.50
C ALA B 25 -2.73 5.03 -7.28
N MET B 26 -2.08 4.16 -6.52
CA MET B 26 -1.22 3.15 -7.12
C MET B 26 -1.95 2.40 -8.23
N GLU B 27 -3.22 2.13 -7.98
CA GLU B 27 -4.03 1.40 -8.94
C GLU B 27 -3.97 2.08 -10.32
N GLU B 28 -4.14 3.40 -10.29
CA GLU B 28 -4.15 4.17 -11.52
C GLU B 28 -2.73 4.42 -12.01
N LYS B 29 -1.87 4.80 -11.08
CA LYS B 29 -0.49 5.10 -11.41
C LYS B 29 0.12 3.92 -12.15
N PHE B 30 0.33 2.83 -11.41
CA PHE B 30 0.96 1.65 -11.97
C PHE B 30 -0.02 0.89 -12.87
N GLY B 31 -1.25 1.37 -12.90
CA GLY B 31 -2.28 0.75 -13.71
C GLY B 31 -2.43 -0.73 -13.36
N VAL B 32 -2.75 -0.98 -12.11
CA VAL B 32 -2.96 -2.35 -11.65
C VAL B 32 -4.30 -2.44 -10.92
N SER B 33 -5.36 -2.27 -11.70
CA SER B 33 -6.71 -2.34 -11.14
C SER B 33 -7.34 -3.69 -11.45
N ALA B 34 -6.81 -4.72 -10.78
CA ALA B 34 -7.32 -6.07 -10.97
C ALA B 34 -6.80 -6.96 -9.84
N ALA B 35 -7.52 -6.94 -8.74
CA ALA B 35 -7.13 -7.74 -7.58
C ALA B 35 -8.30 -7.78 -6.59
N ALA B 36 -9.32 -8.55 -6.94
CA ALA B 36 -10.50 -8.68 -6.10
C ALA B 36 -11.44 -9.72 -6.70
N ALA B 37 -10.99 -10.96 -6.68
CA ALA B 37 -11.76 -12.05 -7.27
C ALA B 37 -11.86 -11.84 -8.78
N SER A 1 5.35 17.53 3.83
CA SER A 1 4.76 16.93 2.65
C SER A 1 4.32 15.50 2.97
N ILE A 2 3.26 15.39 3.75
CA ILE A 2 2.73 14.10 4.13
C ILE A 2 1.43 13.84 3.35
N THR A 3 1.57 13.81 2.03
CA THR A 3 0.43 13.59 1.16
C THR A 3 0.39 12.13 0.70
N LYS A 4 -0.78 11.70 0.26
CA LYS A 4 -0.97 10.35 -0.21
C LYS A 4 -0.07 10.10 -1.42
N ASP A 5 0.04 11.13 -2.26
CA ASP A 5 0.85 11.03 -3.46
C ASP A 5 2.30 10.72 -3.06
N GLN A 6 2.76 11.41 -2.04
CA GLN A 6 4.14 11.24 -1.58
C GLN A 6 4.40 9.77 -1.23
N ILE A 7 3.32 9.09 -0.86
CA ILE A 7 3.43 7.69 -0.48
C ILE A 7 3.54 6.82 -1.74
N ILE A 8 2.87 7.29 -2.79
CA ILE A 8 2.92 6.59 -4.06
C ILE A 8 4.37 6.50 -4.54
N GLU A 9 5.04 7.64 -4.50
CA GLU A 9 6.42 7.71 -4.96
C GLU A 9 7.33 6.88 -4.05
N ALA A 10 6.77 6.50 -2.90
CA ALA A 10 7.52 5.71 -1.94
C ALA A 10 7.58 4.26 -2.43
N VAL A 11 6.44 3.77 -2.89
CA VAL A 11 6.35 2.41 -3.39
C VAL A 11 7.15 2.29 -4.69
N ALA A 12 7.29 3.43 -5.36
CA ALA A 12 8.01 3.46 -6.61
C ALA A 12 9.50 3.66 -6.34
N ALA A 13 9.84 3.64 -5.06
CA ALA A 13 11.22 3.85 -4.64
C ALA A 13 11.85 2.48 -4.35
N MET A 14 11.02 1.55 -3.93
CA MET A 14 11.49 0.22 -3.59
C MET A 14 11.26 -0.76 -4.75
N SER A 15 11.83 -1.94 -4.61
CA SER A 15 11.72 -2.94 -5.66
C SER A 15 10.37 -3.66 -5.57
N VAL A 16 10.05 -4.39 -6.62
CA VAL A 16 8.78 -5.11 -6.67
C VAL A 16 8.73 -6.11 -5.53
N MET A 17 9.82 -6.85 -5.36
CA MET A 17 9.91 -7.83 -4.29
C MET A 17 9.69 -7.17 -2.93
N ASP A 18 10.37 -6.06 -2.72
CA ASP A 18 10.26 -5.34 -1.46
C ASP A 18 8.80 -4.94 -1.23
N VAL A 19 8.13 -4.63 -2.33
CA VAL A 19 6.75 -4.18 -2.26
C VAL A 19 5.84 -5.38 -1.99
N VAL A 20 6.25 -6.52 -2.51
CA VAL A 20 5.49 -7.75 -2.31
C VAL A 20 5.43 -8.08 -0.81
N GLU A 21 6.56 -7.86 -0.15
CA GLU A 21 6.64 -8.13 1.28
C GLU A 21 5.71 -7.19 2.05
N LEU A 22 5.81 -5.91 1.72
CA LEU A 22 4.95 -4.91 2.34
C LEU A 22 3.48 -5.31 2.14
N ILE A 23 3.08 -5.34 0.87
CA ILE A 23 1.71 -5.66 0.54
C ILE A 23 1.28 -6.91 1.30
N SER A 24 2.21 -7.86 1.38
CA SER A 24 1.91 -9.13 2.01
C SER A 24 1.68 -8.92 3.52
N ALA A 25 2.50 -8.05 4.09
CA ALA A 25 2.39 -7.74 5.50
C ALA A 25 1.02 -7.13 5.79
N MET A 26 0.73 -6.05 5.07
CA MET A 26 -0.54 -5.37 5.24
C MET A 26 -1.71 -6.34 5.06
N GLU A 27 -1.61 -7.15 4.02
CA GLU A 27 -2.65 -8.11 3.71
C GLU A 27 -3.07 -8.87 4.97
N GLU A 28 -2.08 -9.36 5.69
CA GLU A 28 -2.32 -10.14 6.89
C GLU A 28 -2.69 -9.22 8.06
N LYS A 29 -1.90 -8.17 8.21
CA LYS A 29 -2.11 -7.24 9.30
C LYS A 29 -3.57 -6.76 9.29
N PHE A 30 -3.91 -6.03 8.23
CA PHE A 30 -5.25 -5.49 8.11
C PHE A 30 -6.24 -6.59 7.71
N GLY A 31 -5.71 -7.80 7.52
CA GLY A 31 -6.53 -8.94 7.20
C GLY A 31 -7.57 -8.58 6.13
N VAL A 32 -7.08 -8.03 5.03
CA VAL A 32 -7.94 -7.64 3.93
C VAL A 32 -7.66 -8.53 2.72
N SER A 33 -7.81 -9.83 2.95
CA SER A 33 -7.59 -10.81 1.89
C SER A 33 -8.74 -11.81 1.84
N ALA A 34 -9.71 -11.50 1.00
CA ALA A 34 -10.86 -12.38 0.84
C ALA A 34 -11.56 -12.06 -0.48
N ALA A 35 -10.84 -12.25 -1.57
CA ALA A 35 -11.38 -12.00 -2.89
C ALA A 35 -10.36 -12.43 -3.95
N ALA A 36 -10.26 -13.75 -4.12
CA ALA A 36 -9.34 -14.30 -5.10
C ALA A 36 -7.91 -13.86 -4.75
N ALA A 37 -6.96 -14.42 -5.50
CA ALA A 37 -5.56 -14.07 -5.29
C ALA A 37 -4.73 -14.66 -6.44
N SER B 1 15.34 4.72 10.32
CA SER B 1 14.71 3.41 10.41
C SER B 1 13.44 3.39 9.55
N ILE B 2 13.65 3.35 8.24
CA ILE B 2 12.54 3.33 7.31
C ILE B 2 12.25 1.88 6.89
N THR B 3 11.97 1.06 7.89
CA THR B 3 11.68 -0.34 7.65
C THR B 3 10.28 -0.51 7.04
N LYS B 4 10.07 -1.66 6.43
CA LYS B 4 8.77 -1.97 5.85
C LYS B 4 7.70 -1.97 6.95
N ASP B 5 8.11 -2.50 8.11
CA ASP B 5 7.19 -2.60 9.23
C ASP B 5 6.66 -1.20 9.58
N GLN B 6 7.57 -0.25 9.56
CA GLN B 6 7.22 1.12 9.92
C GLN B 6 6.11 1.63 8.99
N ILE B 7 6.07 1.06 7.79
CA ILE B 7 5.08 1.47 6.80
C ILE B 7 3.74 0.81 7.13
N ILE B 8 3.82 -0.35 7.74
CA ILE B 8 2.62 -1.09 8.12
C ILE B 8 1.80 -0.23 9.11
N GLU B 9 2.49 0.27 10.11
CA GLU B 9 1.84 1.07 11.13
C GLU B 9 1.50 2.46 10.58
N ALA B 10 2.05 2.76 9.42
CA ALA B 10 1.84 4.05 8.80
C ALA B 10 0.45 4.09 8.17
N VAL B 11 0.09 3.00 7.51
CA VAL B 11 -1.22 2.89 6.89
C VAL B 11 -2.29 2.74 7.96
N ALA B 12 -1.88 2.17 9.09
CA ALA B 12 -2.79 1.97 10.20
C ALA B 12 -2.90 3.26 11.01
N ALA B 13 -2.25 4.29 10.51
CA ALA B 13 -2.25 5.58 11.19
C ALA B 13 -3.35 6.46 10.60
N MET B 14 -3.69 6.17 9.35
CA MET B 14 -4.70 6.94 8.65
C MET B 14 -6.07 6.25 8.72
N SER B 15 -7.09 6.98 8.29
CA SER B 15 -8.45 6.45 8.31
C SER B 15 -8.66 5.53 7.11
N VAL B 16 -9.67 4.68 7.22
CA VAL B 16 -9.97 3.73 6.17
C VAL B 16 -10.13 4.47 4.84
N MET B 17 -10.90 5.56 4.90
CA MET B 17 -11.14 6.37 3.71
C MET B 17 -9.82 6.86 3.11
N ASP B 18 -8.97 7.39 3.98
CA ASP B 18 -7.68 7.91 3.54
C ASP B 18 -6.89 6.80 2.84
N VAL B 19 -7.07 5.59 3.35
CA VAL B 19 -6.33 4.45 2.83
C VAL B 19 -6.95 4.01 1.49
N VAL B 20 -8.27 4.20 1.40
CA VAL B 20 -8.98 3.86 0.18
C VAL B 20 -8.48 4.72 -0.97
N GLU B 21 -8.32 6.01 -0.68
CA GLU B 21 -7.83 6.95 -1.68
C GLU B 21 -6.43 6.55 -2.13
N LEU B 22 -5.58 6.25 -1.16
CA LEU B 22 -4.22 5.83 -1.44
C LEU B 22 -4.25 4.61 -2.37
N ILE B 23 -4.78 3.52 -1.84
CA ILE B 23 -4.84 2.27 -2.60
C ILE B 23 -5.37 2.57 -4.01
N SER B 24 -6.38 3.42 -4.06
CA SER B 24 -7.01 3.75 -5.33
C SER B 24 -6.01 4.47 -6.23
N ALA B 25 -5.20 5.33 -5.60
CA ALA B 25 -4.19 6.07 -6.33
C ALA B 25 -3.20 5.09 -6.97
N MET B 26 -2.49 4.39 -6.11
CA MET B 26 -1.49 3.43 -6.58
C MET B 26 -2.07 2.52 -7.65
N GLU B 27 -3.31 2.10 -7.42
CA GLU B 27 -3.98 1.23 -8.36
C GLU B 27 -3.87 1.78 -9.78
N GLU B 28 -4.08 3.08 -9.90
CA GLU B 28 -4.07 3.72 -11.20
C GLU B 28 -2.62 4.00 -11.63
N LYS B 29 -1.86 4.58 -10.72
CA LYS B 29 -0.49 4.94 -11.00
C LYS B 29 0.26 3.70 -11.51
N PHE B 30 0.38 2.71 -10.64
CA PHE B 30 1.08 1.49 -10.99
C PHE B 30 0.23 0.61 -11.91
N GLY B 31 -0.98 1.09 -12.19
CA GLY B 31 -1.89 0.38 -13.06
C GLY B 31 -1.91 -1.12 -12.72
N VAL B 32 -2.12 -1.38 -11.44
CA VAL B 32 -2.18 -2.76 -10.96
C VAL B 32 -3.63 -3.13 -10.64
N SER B 33 -4.50 -2.85 -11.60
CA SER B 33 -5.92 -3.13 -11.43
C SER B 33 -6.23 -4.54 -11.92
N ALA B 34 -6.83 -5.33 -11.05
CA ALA B 34 -7.18 -6.70 -11.39
C ALA B 34 -8.62 -6.97 -10.92
N ALA B 35 -9.57 -6.36 -11.61
CA ALA B 35 -10.97 -6.53 -11.27
C ALA B 35 -11.83 -6.13 -12.48
N ALA B 36 -12.09 -7.11 -13.33
CA ALA B 36 -12.88 -6.87 -14.52
C ALA B 36 -12.14 -5.91 -15.44
N ALA B 37 -12.17 -6.23 -16.73
CA ALA B 37 -11.49 -5.41 -17.72
C ALA B 37 -12.53 -4.88 -18.72
#